data_6CWJ
#
_entry.id   6CWJ
#
_cell.length_a   79.140
_cell.length_b   88.840
_cell.length_c   190.510
_cell.angle_alpha   90.000
_cell.angle_beta   90.000
_cell.angle_gamma   90.000
#
_symmetry.space_group_name_H-M   'P 21 21 21'
#
loop_
_entity.id
_entity.type
_entity.pdbx_description
1 polymer 'Cyanuric acid amidohydrolase'
2 non-polymer 'MALONATE ION'
3 non-polymer 'CALCIUM ION'
4 non-polymer 'ACETATE ION'
5 non-polymer '3-oxopentanedioic acid'
6 non-polymer 1,3-PROPANDIOL
7 water water
#
_entity_poly.entity_id   1
_entity_poly.type   'polypeptide(L)'
_entity_poly.pdbx_seq_one_letter_code
;HMQKVEVFRIPTASPDDISGLATLIDSGKINPAEIVAILGKTEGNGCVNDFTRGFATQSLAMYLAEKLGISREEVVKKVA
FIMSGGTEGVMTPHITVFVRKDVAAPAAPGKRLAVGVAFTRDFLPEELGRMEQVNEVARAVKEAMKDAQIDDPRDVHFVQ
IKCPLLTAERIEDAKRRGKDVVVNDTYKSMAYSRGASALGVALALGEISADKISNEAICHDWNLYSSVASTSAGVELLND
EIIVVGNSTNSASDLVIGHSVMKDAIDADAVRAALKDAGIRSDDEMDRIVNVLAKAEAASSGTVRGRRNTMLDDSDINHT
RSARAVVNAVIASVVGDPMVYVSGGAEHQGPDGGGPIAVIARV
;
_entity_poly.pdbx_strand_id   A,B,C,D
#
# COMPACT_ATOMS: atom_id res chain seq x y z
N HIS A 1 45.39 21.23 6.98
CA HIS A 1 45.13 22.66 6.83
C HIS A 1 43.79 23.06 7.41
N MET A 2 43.55 24.37 7.48
CA MET A 2 42.36 24.91 8.12
C MET A 2 41.16 24.73 7.19
N GLN A 3 40.21 23.91 7.62
CA GLN A 3 38.97 23.69 6.88
C GLN A 3 37.83 24.43 7.55
N LYS A 4 36.87 24.88 6.75
CA LYS A 4 35.63 25.45 7.25
C LYS A 4 34.47 24.78 6.55
N VAL A 5 33.62 24.11 7.31
CA VAL A 5 32.46 23.40 6.77
C VAL A 5 31.22 24.25 6.99
N GLU A 6 30.46 24.47 5.94
CA GLU A 6 29.18 25.14 5.99
C GLU A 6 28.10 24.15 5.57
N VAL A 7 26.99 24.16 6.28
CA VAL A 7 25.90 23.19 6.08
C VAL A 7 24.61 23.97 5.83
N PHE A 8 23.91 23.61 4.76
CA PHE A 8 22.68 24.30 4.35
C PHE A 8 21.55 23.29 4.25
N ARG A 9 20.52 23.47 5.07
CA ARG A 9 19.31 22.64 5.01
C ARG A 9 18.30 23.36 4.11
N ILE A 10 17.99 22.75 2.97
CA ILE A 10 17.24 23.40 1.90
C ILE A 10 15.92 22.65 1.69
N PRO A 11 14.77 23.29 1.82
CA PRO A 11 13.51 22.61 1.51
C PRO A 11 13.36 22.37 0.01
N THR A 12 12.71 21.26 -0.33
CA THR A 12 12.51 20.89 -1.74
C THR A 12 11.02 20.78 -2.03
N ALA A 13 10.63 21.20 -3.23
CA ALA A 13 9.25 21.10 -3.66
C ALA A 13 8.94 19.78 -4.37
N SER A 14 9.97 19.04 -4.78
CA SER A 14 9.87 17.79 -5.52
C SER A 14 11.25 17.14 -5.54
N PRO A 15 11.37 15.86 -5.95
CA PRO A 15 12.71 15.25 -6.01
C PRO A 15 13.70 16.00 -6.90
N ASP A 16 13.25 16.56 -8.02
CA ASP A 16 14.13 17.22 -8.97
C ASP A 16 14.26 18.72 -8.73
N ASP A 17 13.82 19.21 -7.57
CA ASP A 17 13.80 20.63 -7.30
C ASP A 17 15.20 21.10 -6.95
N ILE A 18 15.78 21.95 -7.81
CA ILE A 18 17.11 22.49 -7.56
C ILE A 18 17.06 24.00 -7.31
N SER A 19 15.85 24.58 -7.18
CA SER A 19 15.73 26.03 -7.08
C SER A 19 16.33 26.56 -5.78
N GLY A 20 16.15 25.83 -4.68
CA GLY A 20 16.72 26.27 -3.42
C GLY A 20 18.24 26.30 -3.44
N LEU A 21 18.86 25.25 -4.00
CA LEU A 21 20.31 25.25 -4.13
C LEU A 21 20.77 26.31 -5.13
N ALA A 22 20.01 26.52 -6.20
CA ALA A 22 20.38 27.52 -7.19
C ALA A 22 20.31 28.93 -6.59
N THR A 23 19.33 29.18 -5.73
CA THR A 23 19.23 30.49 -5.09
C THR A 23 20.44 30.76 -4.21
N LEU A 24 20.87 29.75 -3.44
CA LEU A 24 22.04 29.94 -2.58
C LEU A 24 23.32 30.10 -3.38
N ILE A 25 23.37 29.53 -4.58
CA ILE A 25 24.56 29.72 -5.42
C ILE A 25 24.53 31.10 -6.07
N ASP A 26 23.37 31.49 -6.60
CA ASP A 26 23.25 32.78 -7.28
C ASP A 26 23.41 33.95 -6.32
N SER A 27 23.08 33.76 -5.04
CA SER A 27 23.29 34.80 -4.05
C SER A 27 24.73 34.86 -3.57
N GLY A 28 25.58 33.94 -4.00
CA GLY A 28 26.96 33.92 -3.56
C GLY A 28 27.17 33.27 -2.21
N LYS A 29 26.14 32.70 -1.61
CA LYS A 29 26.32 32.04 -0.32
C LYS A 29 27.02 30.70 -0.46
N ILE A 30 26.95 30.08 -1.63
CA ILE A 30 27.57 28.78 -1.88
C ILE A 30 28.42 28.88 -3.13
N ASN A 31 29.69 28.52 -3.01
CA ASN A 31 30.55 28.29 -4.16
C ASN A 31 30.35 26.84 -4.58
N PRO A 32 29.73 26.58 -5.75
CA PRO A 32 29.42 25.18 -6.11
C PRO A 32 30.64 24.29 -6.21
N ALA A 33 31.81 24.85 -6.48
CA ALA A 33 33.03 24.06 -6.55
C ALA A 33 33.48 23.56 -5.19
N GLU A 34 32.93 24.11 -4.11
CA GLU A 34 33.30 23.70 -2.76
C GLU A 34 32.28 22.76 -2.14
N ILE A 35 31.22 22.41 -2.87
CA ILE A 35 30.28 21.42 -2.40
C ILE A 35 30.96 20.05 -2.41
N VAL A 36 30.94 19.37 -1.28
CA VAL A 36 31.53 18.04 -1.18
C VAL A 36 30.49 16.94 -1.01
N ALA A 37 29.29 17.25 -0.53
CA ALA A 37 28.31 16.22 -0.26
C ALA A 37 26.92 16.84 -0.15
N ILE A 38 25.91 16.07 -0.56
CA ILE A 38 24.51 16.46 -0.44
C ILE A 38 23.76 15.27 0.14
N LEU A 39 23.08 15.49 1.26
CA LEU A 39 22.30 14.45 1.94
C LEU A 39 20.83 14.87 1.86
N GLY A 40 20.02 14.09 1.16
CA GLY A 40 18.66 14.46 0.87
C GLY A 40 17.64 13.49 1.43
N LYS A 41 16.44 14.01 1.69
CA LYS A 41 15.25 13.21 1.93
C LYS A 41 14.33 13.41 0.73
N THR A 42 14.11 12.35 -0.03
CA THR A 42 13.27 12.39 -1.22
C THR A 42 11.96 11.65 -0.97
N GLU A 43 10.89 12.13 -1.61
CA GLU A 43 9.54 11.73 -1.23
C GLU A 43 9.07 10.44 -1.91
N GLY A 44 9.98 9.54 -2.28
CA GLY A 44 9.61 8.20 -2.69
C GLY A 44 9.29 7.31 -1.50
N ASN A 45 9.01 6.03 -1.78
CA ASN A 45 8.62 5.12 -0.72
C ASN A 45 9.80 4.66 0.13
N GLY A 46 11.02 5.04 -0.24
CA GLY A 46 12.21 4.73 0.53
C GLY A 46 12.59 3.27 0.56
N CYS A 47 12.03 2.44 -0.32
CA CYS A 47 12.35 1.02 -0.30
C CYS A 47 13.02 0.62 -1.61
N VAL A 48 12.62 -0.53 -2.18
CA VAL A 48 13.31 -1.01 -3.37
C VAL A 48 12.97 -0.14 -4.57
N ASN A 49 11.68 -0.04 -4.88
CA ASN A 49 11.25 0.68 -6.09
C ASN A 49 10.99 2.16 -5.78
N ASP A 50 12.02 2.80 -5.24
CA ASP A 50 12.04 4.24 -5.03
C ASP A 50 13.00 4.83 -6.04
N PHE A 51 12.45 5.51 -7.04
CA PHE A 51 13.25 6.13 -8.08
C PHE A 51 13.38 7.63 -7.90
N THR A 52 12.79 8.21 -6.84
CA THR A 52 13.02 9.62 -6.55
C THR A 52 14.44 9.89 -6.11
N ARG A 53 15.13 8.88 -5.58
CA ARG A 53 16.52 9.04 -5.19
C ARG A 53 17.38 9.33 -6.41
N GLY A 54 17.30 8.47 -7.43
CA GLY A 54 18.05 8.70 -8.66
C GLY A 54 17.58 9.91 -9.44
N PHE A 55 16.28 10.22 -9.38
CA PHE A 55 15.77 11.44 -10.00
C PHE A 55 16.42 12.66 -9.40
N ALA A 56 16.55 12.69 -8.05
CA ALA A 56 17.16 13.82 -7.39
C ALA A 56 18.66 13.89 -7.67
N THR A 57 19.35 12.75 -7.65
CA THR A 57 20.78 12.75 -7.93
C THR A 57 21.07 13.22 -9.35
N GLN A 58 20.33 12.70 -10.32
CA GLN A 58 20.51 13.11 -11.71
C GLN A 58 20.25 14.61 -11.87
N SER A 59 19.21 15.13 -11.22
CA SER A 59 18.89 16.54 -11.37
C SER A 59 19.97 17.43 -10.74
N LEU A 60 20.48 17.03 -9.57
CA LEU A 60 21.53 17.80 -8.91
C LEU A 60 22.84 17.72 -9.66
N ALA A 61 23.22 16.52 -10.13
CA ALA A 61 24.46 16.39 -10.88
C ALA A 61 24.39 17.15 -12.20
N MET A 62 23.22 17.12 -12.86
CA MET A 62 23.05 17.84 -14.11
C MET A 62 23.17 19.35 -13.89
N TYR A 63 22.57 19.85 -12.81
CA TYR A 63 22.62 21.29 -12.54
C TYR A 63 24.03 21.72 -12.16
N LEU A 64 24.67 20.96 -11.25
CA LEU A 64 26.02 21.32 -10.84
C LEU A 64 27.01 21.17 -11.98
N ALA A 65 26.77 20.23 -12.89
CA ALA A 65 27.67 20.08 -14.04
C ALA A 65 27.63 21.30 -14.93
N GLU A 66 26.44 21.83 -15.21
CA GLU A 66 26.34 22.99 -16.08
C GLU A 66 26.85 24.26 -15.41
N LYS A 67 26.72 24.36 -14.08
CA LYS A 67 27.23 25.53 -13.38
C LYS A 67 28.75 25.52 -13.31
N LEU A 68 29.35 24.34 -13.12
CA LEU A 68 30.79 24.19 -13.00
C LEU A 68 31.48 23.99 -14.35
N GLY A 69 30.72 23.78 -15.42
CA GLY A 69 31.33 23.58 -16.71
C GLY A 69 32.04 22.25 -16.86
N ILE A 70 31.59 21.22 -16.13
CA ILE A 70 32.20 19.90 -16.21
C ILE A 70 31.10 18.90 -16.55
N SER A 71 31.47 17.62 -16.69
CA SER A 71 30.53 16.58 -17.05
C SER A 71 29.81 16.08 -15.80
N ARG A 72 28.67 15.43 -16.04
CA ARG A 72 27.91 14.84 -14.94
C ARG A 72 28.71 13.74 -14.24
N GLU A 73 29.51 12.98 -14.98
CA GLU A 73 30.29 11.91 -14.35
C GLU A 73 31.39 12.47 -13.46
N GLU A 74 32.00 13.60 -13.85
CA GLU A 74 33.02 14.20 -13.01
C GLU A 74 32.41 14.73 -11.72
N VAL A 75 31.15 15.16 -11.76
CA VAL A 75 30.48 15.65 -10.55
C VAL A 75 30.25 14.50 -9.58
N VAL A 76 29.74 13.37 -10.07
CA VAL A 76 29.46 12.26 -9.17
C VAL A 76 30.74 11.61 -8.67
N LYS A 77 31.85 11.79 -9.37
CA LYS A 77 33.13 11.33 -8.85
C LYS A 77 33.67 12.23 -7.75
N LYS A 78 33.18 13.47 -7.67
CA LYS A 78 33.69 14.48 -6.74
C LYS A 78 32.75 14.74 -5.57
N VAL A 79 31.45 14.73 -5.79
CA VAL A 79 30.47 15.08 -4.78
C VAL A 79 29.69 13.85 -4.37
N ALA A 80 29.56 13.62 -3.07
CA ALA A 80 28.75 12.51 -2.59
C ALA A 80 27.27 12.90 -2.68
N PHE A 81 26.48 12.09 -3.38
CA PHE A 81 25.04 12.26 -3.46
C PHE A 81 24.39 11.09 -2.73
N ILE A 82 23.85 11.35 -1.55
CA ILE A 82 23.20 10.33 -0.73
C ILE A 82 21.74 10.75 -0.57
N MET A 83 20.85 10.11 -1.31
CA MET A 83 19.43 10.43 -1.27
C MET A 83 18.72 9.33 -0.50
N SER A 84 18.18 9.67 0.66
CA SER A 84 17.44 8.74 1.50
C SER A 84 15.95 8.96 1.21
N GLY A 85 15.32 7.98 0.57
CA GLY A 85 13.91 8.07 0.26
C GLY A 85 13.05 7.86 1.48
N GLY A 86 11.76 8.07 1.30
CA GLY A 86 10.81 7.87 2.37
C GLY A 86 10.68 9.10 3.25
N THR A 87 9.67 9.91 2.97
CA THR A 87 9.30 11.06 3.79
C THR A 87 7.88 10.83 4.32
N GLU A 88 7.74 9.87 5.22
CA GLU A 88 6.44 9.52 5.78
C GLU A 88 6.06 10.46 6.92
N GLY A 89 4.80 10.38 7.31
CA GLY A 89 4.31 11.21 8.41
C GLY A 89 4.40 12.67 8.04
N VAL A 90 4.92 13.48 8.97
CA VAL A 90 5.08 14.91 8.75
C VAL A 90 6.49 15.26 8.24
N MET A 91 7.32 14.26 7.94
CA MET A 91 8.70 14.54 7.53
C MET A 91 8.73 15.30 6.21
N THR A 92 9.53 16.37 6.19
CA THR A 92 9.55 17.31 5.07
C THR A 92 10.68 16.98 4.11
N PRO A 93 10.39 16.82 2.82
CA PRO A 93 11.47 16.61 1.84
C PRO A 93 12.42 17.80 1.84
N HIS A 94 13.71 17.50 1.76
CA HIS A 94 14.74 18.53 1.80
C HIS A 94 16.07 17.90 1.42
N ILE A 95 17.07 18.76 1.21
CA ILE A 95 18.45 18.30 1.05
C ILE A 95 19.32 19.09 2.01
N THR A 96 20.43 18.48 2.41
CA THR A 96 21.42 19.10 3.30
C THR A 96 22.74 19.15 2.54
N VAL A 97 23.18 20.35 2.21
CA VAL A 97 24.36 20.57 1.37
C VAL A 97 25.55 20.88 2.26
N PHE A 98 26.62 20.09 2.11
CA PHE A 98 27.86 20.28 2.86
C PHE A 98 28.86 20.98 1.96
N VAL A 99 29.35 22.14 2.41
CA VAL A 99 30.35 22.92 1.68
C VAL A 99 31.61 22.99 2.53
N ARG A 100 32.76 22.69 1.92
CA ARG A 100 34.04 22.70 2.62
C ARG A 100 35.03 23.56 1.86
N LYS A 101 35.52 24.60 2.52
CA LYS A 101 36.51 25.51 1.96
C LYS A 101 37.74 25.55 2.86
N ASP A 102 38.83 26.10 2.32
CA ASP A 102 40.09 26.22 3.04
C ASP A 102 40.27 27.71 3.35
N VAL A 103 39.82 28.12 4.54
CA VAL A 103 39.86 29.53 4.93
C VAL A 103 41.13 29.83 5.72
N ALA A 104 41.43 31.12 5.89
CA ALA A 104 42.61 31.53 6.62
C ALA A 104 42.27 32.16 7.96
N ALA A 105 41.55 31.41 8.81
CA ALA A 105 41.16 31.85 10.13
C ALA A 105 41.80 30.97 11.20
N PRO A 106 42.18 31.53 12.35
CA PRO A 106 42.83 30.72 13.38
C PRO A 106 41.88 29.70 13.99
N ALA A 107 42.48 28.61 14.46
CA ALA A 107 41.77 27.50 15.09
C ALA A 107 41.27 27.89 16.47
N ALA A 108 39.97 28.17 16.58
CA ALA A 108 39.39 28.52 17.87
C ALA A 108 39.67 27.41 18.89
N PRO A 109 39.85 27.76 20.18
CA PRO A 109 40.25 26.75 21.17
C PRO A 109 39.19 25.70 21.43
N GLY A 110 38.83 24.95 20.39
CA GLY A 110 37.83 23.91 20.50
C GLY A 110 37.71 23.20 19.18
N LYS A 111 37.06 22.04 19.22
CA LYS A 111 36.83 21.25 18.03
C LYS A 111 35.57 21.74 17.31
N ARG A 112 35.67 21.91 16.00
CA ARG A 112 34.58 22.40 15.18
C ARG A 112 34.25 21.39 14.07
N LEU A 113 33.13 21.62 13.40
CA LEU A 113 32.59 20.66 12.45
C LEU A 113 33.58 20.34 11.35
N ALA A 114 33.71 19.05 11.04
CA ALA A 114 34.57 18.57 9.96
C ALA A 114 33.82 17.49 9.18
N VAL A 115 34.09 17.43 7.88
CA VAL A 115 33.41 16.52 6.98
C VAL A 115 34.43 15.87 6.05
N GLY A 116 34.27 14.57 5.80
CA GLY A 116 35.12 13.84 4.90
C GLY A 116 34.34 12.87 4.04
N VAL A 117 34.74 12.70 2.78
CA VAL A 117 34.00 11.88 1.83
C VAL A 117 34.92 10.81 1.27
N ALA A 118 34.37 9.62 1.06
CA ALA A 118 35.09 8.53 0.42
C ALA A 118 34.08 7.60 -0.22
N PHE A 119 34.47 7.02 -1.36
CA PHE A 119 33.66 6.05 -2.08
C PHE A 119 34.35 4.69 -2.09
N THR A 120 33.55 3.64 -2.16
CA THR A 120 34.06 2.30 -2.35
C THR A 120 33.94 1.90 -3.82
N ARG A 121 34.54 0.76 -4.15
CA ARG A 121 34.36 0.17 -5.47
C ARG A 121 32.94 -0.36 -5.61
N ASP A 122 32.54 -0.60 -6.86
CA ASP A 122 31.26 -1.25 -7.10
C ASP A 122 31.29 -2.69 -6.61
N PHE A 123 30.18 -3.14 -6.06
CA PHE A 123 30.04 -4.50 -5.55
C PHE A 123 29.23 -5.34 -6.54
N LEU A 124 29.62 -6.60 -6.66
CA LEU A 124 28.81 -7.56 -7.39
C LEU A 124 27.58 -7.92 -6.55
N PRO A 125 26.50 -8.37 -7.20
CA PRO A 125 25.28 -8.69 -6.43
C PRO A 125 25.51 -9.67 -5.30
N GLU A 126 26.38 -10.66 -5.50
CA GLU A 126 26.67 -11.67 -4.51
C GLU A 126 27.56 -11.17 -3.37
N GLU A 127 28.00 -9.91 -3.41
CA GLU A 127 28.81 -9.34 -2.36
C GLU A 127 28.02 -8.56 -1.32
N LEU A 128 26.79 -8.17 -1.64
CA LEU A 128 26.00 -7.39 -0.70
C LEU A 128 25.69 -8.21 0.53
N GLY A 129 25.76 -7.56 1.69
CA GLY A 129 25.46 -8.24 2.95
C GLY A 129 26.49 -9.24 3.40
N ARG A 130 27.74 -9.11 2.95
CA ARG A 130 28.77 -10.09 3.28
C ARG A 130 30.06 -9.37 3.64
N MET A 131 31.09 -10.14 3.95
CA MET A 131 32.33 -9.56 4.48
C MET A 131 33.05 -8.70 3.46
N GLU A 132 32.88 -9.00 2.16
CA GLU A 132 33.50 -8.18 1.13
C GLU A 132 33.03 -6.73 1.23
N GLN A 133 31.74 -6.53 1.53
CA GLN A 133 31.20 -5.18 1.68
C GLN A 133 31.63 -4.56 3.00
N VAL A 134 31.71 -5.37 4.07
CA VAL A 134 32.10 -4.87 5.37
C VAL A 134 33.54 -4.34 5.33
N ASN A 135 34.46 -5.13 4.80
CA ASN A 135 35.87 -4.73 4.79
C ASN A 135 36.11 -3.56 3.85
N GLU A 136 35.37 -3.52 2.74
CA GLU A 136 35.54 -2.43 1.79
C GLU A 136 35.02 -1.12 2.36
N VAL A 137 33.88 -1.17 3.06
CA VAL A 137 33.36 0.04 3.71
C VAL A 137 34.29 0.49 4.82
N ALA A 138 34.80 -0.45 5.61
CA ALA A 138 35.74 -0.09 6.69
C ALA A 138 36.92 0.69 6.15
N ARG A 139 37.42 0.29 4.97
CA ARG A 139 38.54 1.02 4.37
C ARG A 139 38.11 2.43 3.99
N ALA A 140 36.91 2.58 3.42
CA ALA A 140 36.47 3.90 2.99
C ALA A 140 36.20 4.83 4.17
N VAL A 141 35.76 4.28 5.30
CA VAL A 141 35.52 5.11 6.48
C VAL A 141 36.82 5.74 6.97
N LYS A 142 37.91 4.97 6.99
CA LYS A 142 39.20 5.55 7.33
C LYS A 142 39.64 6.57 6.27
N GLU A 143 39.35 6.29 5.00
CA GLU A 143 39.70 7.21 3.94
C GLU A 143 38.96 8.54 4.11
N ALA A 144 37.67 8.48 4.44
CA ALA A 144 36.92 9.70 4.66
C ALA A 144 37.31 10.40 5.96
N MET A 145 37.83 9.63 6.93
CA MET A 145 38.27 10.23 8.18
C MET A 145 39.45 11.19 7.95
N LYS A 146 40.44 10.77 7.17
CA LYS A 146 41.56 11.67 6.90
C LYS A 146 41.14 12.81 5.99
N ASP A 147 40.14 12.60 5.13
CA ASP A 147 39.60 13.73 4.38
C ASP A 147 38.96 14.74 5.31
N ALA A 148 38.39 14.29 6.42
CA ALA A 148 37.84 15.18 7.44
C ALA A 148 38.89 15.64 8.44
N GLN A 149 40.11 15.12 8.33
CA GLN A 149 41.20 15.46 9.25
C GLN A 149 40.81 15.13 10.69
N ILE A 150 40.29 13.92 10.88
CA ILE A 150 39.90 13.42 12.20
C ILE A 150 40.75 12.19 12.48
N ASP A 151 41.52 12.25 13.56
CA ASP A 151 42.40 11.16 13.97
C ASP A 151 41.76 10.24 15.00
N ASP A 152 41.09 10.82 15.98
CA ASP A 152 40.51 10.08 17.08
C ASP A 152 39.10 9.63 16.74
N PRO A 153 38.80 8.32 16.77
CA PRO A 153 37.43 7.89 16.51
C PRO A 153 36.43 8.42 17.53
N ARG A 154 36.90 8.91 18.68
CA ARG A 154 36.00 9.52 19.65
C ARG A 154 35.36 10.80 19.13
N ASP A 155 36.00 11.46 18.16
CA ASP A 155 35.52 12.72 17.60
C ASP A 155 34.62 12.54 16.39
N VAL A 156 34.31 11.31 16.00
CA VAL A 156 33.37 11.06 14.91
C VAL A 156 31.98 10.89 15.50
N HIS A 157 31.02 11.67 14.99
CA HIS A 157 29.68 11.67 15.54
C HIS A 157 28.61 11.15 14.58
N PHE A 158 28.92 10.98 13.30
CA PHE A 158 27.91 10.52 12.35
C PHE A 158 28.61 10.07 11.08
N VAL A 159 28.31 8.85 10.65
CA VAL A 159 28.85 8.29 9.41
C VAL A 159 27.66 7.90 8.55
N GLN A 160 27.34 8.75 7.57
CA GLN A 160 26.23 8.50 6.66
C GLN A 160 26.74 7.72 5.44
N ILE A 161 26.01 6.66 5.07
CA ILE A 161 26.43 5.76 3.99
C ILE A 161 25.24 5.52 3.06
N LYS A 162 25.51 5.57 1.76
CA LYS A 162 24.57 5.07 0.76
C LYS A 162 25.15 3.80 0.14
N CYS A 163 24.38 2.73 0.16
CA CYS A 163 24.81 1.41 -0.26
C CYS A 163 23.80 0.82 -1.24
N PRO A 164 24.20 -0.20 -2.00
CA PRO A 164 23.30 -0.76 -3.02
C PRO A 164 22.26 -1.70 -2.42
N LEU A 165 21.44 -2.27 -3.29
CA LEU A 165 20.46 -3.29 -2.93
C LEU A 165 20.38 -4.31 -4.06
N LEU A 166 19.54 -5.32 -3.86
CA LEU A 166 19.31 -6.36 -4.85
C LEU A 166 17.93 -6.17 -5.47
N THR A 167 17.86 -6.32 -6.78
CA THR A 167 16.60 -6.40 -7.50
C THR A 167 16.45 -7.79 -8.09
N ALA A 168 15.25 -8.11 -8.56
CA ALA A 168 15.02 -9.42 -9.17
C ALA A 168 15.93 -9.63 -10.36
N GLU A 169 16.20 -8.56 -11.12
CA GLU A 169 17.03 -8.66 -12.31
C GLU A 169 18.49 -8.91 -11.93
N ARG A 170 18.96 -8.25 -10.87
CA ARG A 170 20.34 -8.45 -10.44
C ARG A 170 20.54 -9.83 -9.81
N ILE A 171 19.52 -10.37 -9.15
CA ILE A 171 19.63 -11.71 -8.59
C ILE A 171 19.72 -12.74 -9.71
N GLU A 172 18.91 -12.57 -10.76
CA GLU A 172 19.04 -13.43 -11.93
C GLU A 172 20.42 -13.33 -12.56
N ASP A 173 21.01 -12.13 -12.55
N ASP A 173 21.02 -12.14 -12.55
CA ASP A 173 22.36 -11.96 -13.08
CA ASP A 173 22.36 -11.98 -13.10
C ASP A 173 23.37 -12.79 -12.29
C ASP A 173 23.38 -12.78 -12.29
N ALA A 174 23.24 -12.81 -10.97
CA ALA A 174 24.15 -13.59 -10.15
C ALA A 174 23.97 -15.09 -10.39
N LYS A 175 22.73 -15.53 -10.58
CA LYS A 175 22.49 -16.95 -10.84
C LYS A 175 23.08 -17.37 -12.18
N ARG A 176 22.95 -16.53 -13.21
CA ARG A 176 23.51 -16.92 -14.51
C ARG A 176 25.03 -16.95 -14.49
N ARG A 177 25.66 -16.33 -13.50
CA ARG A 177 27.10 -16.48 -13.29
C ARG A 177 27.43 -17.53 -12.24
N GLY A 178 26.44 -18.33 -11.82
CA GLY A 178 26.69 -19.38 -10.86
C GLY A 178 26.85 -18.94 -9.43
N LYS A 179 26.42 -17.73 -9.10
CA LYS A 179 26.57 -17.19 -7.76
C LYS A 179 25.24 -17.15 -7.05
N ASP A 180 25.28 -17.18 -5.72
CA ASP A 180 24.10 -17.05 -4.88
C ASP A 180 24.19 -15.79 -4.03
N VAL A 181 23.06 -15.13 -3.84
CA VAL A 181 23.02 -13.87 -3.10
C VAL A 181 22.76 -14.15 -1.62
N VAL A 182 22.97 -13.14 -0.78
CA VAL A 182 22.84 -13.34 0.66
C VAL A 182 21.39 -13.63 1.03
N VAL A 183 20.43 -13.10 0.27
CA VAL A 183 19.01 -13.34 0.51
C VAL A 183 18.27 -13.13 -0.80
N ASN A 184 17.23 -13.93 -1.02
CA ASN A 184 16.45 -13.87 -2.26
C ASN A 184 15.25 -12.95 -2.15
N ASP A 185 15.31 -11.95 -1.29
CA ASP A 185 14.21 -11.01 -1.10
C ASP A 185 14.78 -9.61 -1.29
N THR A 186 14.22 -8.86 -2.24
CA THR A 186 14.77 -7.55 -2.57
C THR A 186 14.67 -6.58 -1.41
N TYR A 187 13.52 -6.54 -0.74
CA TYR A 187 13.40 -5.63 0.39
C TYR A 187 14.34 -6.04 1.51
N LYS A 188 14.43 -7.33 1.79
CA LYS A 188 15.31 -7.78 2.86
C LYS A 188 16.77 -7.60 2.49
N SER A 189 17.10 -7.54 1.19
CA SER A 189 18.48 -7.29 0.80
C SER A 189 18.94 -5.90 1.20
N MET A 190 18.01 -4.94 1.30
CA MET A 190 18.38 -3.61 1.77
C MET A 190 18.89 -3.68 3.22
N ALA A 191 18.28 -4.54 4.03
CA ALA A 191 18.73 -4.70 5.41
C ALA A 191 20.13 -5.29 5.47
N TYR A 192 20.41 -6.30 4.63
CA TYR A 192 21.74 -6.88 4.63
C TYR A 192 22.78 -5.88 4.15
N SER A 193 22.43 -5.06 3.15
CA SER A 193 23.37 -4.04 2.69
C SER A 193 23.55 -2.94 3.72
N ARG A 194 22.47 -2.52 4.38
CA ARG A 194 22.59 -1.52 5.43
C ARG A 194 23.41 -2.04 6.60
N GLY A 195 23.18 -3.30 6.99
CA GLY A 195 23.88 -3.85 8.14
C GLY A 195 25.35 -4.09 7.88
N ALA A 196 25.69 -4.64 6.71
CA ALA A 196 27.09 -4.85 6.38
C ALA A 196 27.84 -3.54 6.34
N SER A 197 27.22 -2.50 5.75
CA SER A 197 27.85 -1.20 5.72
C SER A 197 28.03 -0.64 7.12
N ALA A 198 27.01 -0.82 7.97
CA ALA A 198 27.10 -0.33 9.35
C ALA A 198 28.20 -1.03 10.11
N LEU A 199 28.34 -2.35 9.92
CA LEU A 199 29.41 -3.09 10.59
C LEU A 199 30.78 -2.64 10.10
N GLY A 200 30.88 -2.20 8.84
CA GLY A 200 32.14 -1.63 8.37
C GLY A 200 32.50 -0.36 9.11
N VAL A 201 31.49 0.43 9.49
CA VAL A 201 31.75 1.62 10.29
C VAL A 201 32.25 1.23 11.66
N ALA A 202 31.55 0.31 12.33
CA ALA A 202 31.95 -0.11 13.66
C ALA A 202 33.35 -0.73 13.65
N LEU A 203 33.68 -1.47 12.58
CA LEU A 203 35.02 -2.03 12.48
C LEU A 203 36.06 -0.93 12.29
N ALA A 204 35.79 0.03 11.41
CA ALA A 204 36.78 1.06 11.11
C ALA A 204 37.03 1.95 12.32
N LEU A 205 35.99 2.26 13.08
CA LEU A 205 36.08 3.13 14.24
C LEU A 205 36.49 2.40 15.51
N GLY A 206 36.75 1.10 15.42
CA GLY A 206 37.15 0.33 16.59
C GLY A 206 36.06 0.05 17.58
N GLU A 207 34.80 0.16 17.17
CA GLU A 207 33.68 -0.14 18.06
C GLU A 207 33.49 -1.63 18.27
N ILE A 208 33.78 -2.45 17.25
CA ILE A 208 33.76 -3.90 17.40
C ILE A 208 35.00 -4.48 16.73
N SER A 209 35.49 -5.58 17.27
CA SER A 209 36.69 -6.23 16.74
C SER A 209 36.31 -7.13 15.56
N ALA A 210 37.27 -7.30 14.65
CA ALA A 210 36.99 -8.03 13.41
C ALA A 210 36.71 -9.51 13.66
N ASP A 211 37.31 -10.07 14.71
CA ASP A 211 37.08 -11.49 14.99
C ASP A 211 35.65 -11.78 15.44
N LYS A 212 34.87 -10.74 15.75
CA LYS A 212 33.46 -10.91 16.10
C LYS A 212 32.54 -10.80 14.90
N ILE A 213 33.04 -10.25 13.79
CA ILE A 213 32.25 -10.07 12.59
C ILE A 213 32.43 -11.29 11.70
N SER A 214 31.33 -11.75 11.09
CA SER A 214 31.38 -12.83 10.12
C SER A 214 30.11 -12.75 9.29
N ASN A 215 30.04 -13.56 8.23
CA ASN A 215 28.85 -13.55 7.40
C ASN A 215 27.62 -13.99 8.20
N GLU A 216 27.79 -14.96 9.10
CA GLU A 216 26.67 -15.46 9.87
C GLU A 216 26.19 -14.46 10.91
N ALA A 217 27.05 -13.54 11.35
CA ALA A 217 26.63 -12.55 12.34
C ALA A 217 25.90 -11.37 11.71
N ILE A 218 26.09 -11.11 10.42
CA ILE A 218 25.47 -9.96 9.78
C ILE A 218 23.97 -10.14 9.77
N CYS A 219 23.26 -9.16 10.35
CA CYS A 219 21.80 -9.18 10.47
C CYS A 219 21.31 -10.37 11.28
N HIS A 220 22.12 -10.83 12.23
CA HIS A 220 21.74 -11.92 13.12
C HIS A 220 22.17 -11.54 14.54
N ASP A 221 23.39 -11.05 14.69
CA ASP A 221 23.97 -10.70 15.98
C ASP A 221 23.78 -9.20 16.21
N TRP A 222 22.68 -8.85 16.87
CA TRP A 222 22.37 -7.45 17.12
C TRP A 222 23.17 -6.86 18.27
N ASN A 223 24.09 -7.62 18.86
CA ASN A 223 25.01 -7.05 19.85
C ASN A 223 26.09 -6.23 19.17
N LEU A 224 26.35 -6.48 17.89
CA LEU A 224 27.35 -5.73 17.14
C LEU A 224 26.65 -4.55 16.48
N TYR A 225 26.98 -3.34 16.93
CA TYR A 225 26.41 -2.16 16.30
C TYR A 225 27.34 -0.98 16.53
N SER A 226 27.28 -0.05 15.60
CA SER A 226 27.96 1.23 15.72
C SER A 226 27.02 2.24 16.34
N SER A 227 27.59 3.19 17.08
CA SER A 227 26.81 4.23 17.75
C SER A 227 26.74 5.51 16.94
N VAL A 228 27.30 5.54 15.73
CA VAL A 228 27.31 6.74 14.91
C VAL A 228 26.99 6.40 13.45
N ALA A 229 26.87 5.11 13.13
CA ALA A 229 26.63 4.71 11.75
C ALA A 229 25.19 4.99 11.33
N SER A 230 25.01 5.40 10.07
CA SER A 230 23.69 5.67 9.52
C SER A 230 23.74 5.28 8.05
N THR A 231 23.10 4.18 7.70
CA THR A 231 23.21 3.63 6.36
C THR A 231 21.85 3.61 5.67
N SER A 232 21.89 3.78 4.35
CA SER A 232 20.70 3.90 3.51
C SER A 232 20.97 3.18 2.21
N ALA A 233 20.04 2.32 1.81
CA ALA A 233 20.18 1.52 0.60
C ALA A 233 19.40 2.17 -0.54
N GLY A 234 19.87 1.94 -1.77
CA GLY A 234 19.20 2.52 -2.93
C GLY A 234 19.51 1.76 -4.18
N VAL A 235 18.55 1.77 -5.13
CA VAL A 235 18.75 1.07 -6.39
C VAL A 235 19.62 1.85 -7.35
N GLU A 236 19.82 3.15 -7.11
CA GLU A 236 20.44 4.05 -8.07
C GLU A 236 21.97 4.03 -8.03
N LEU A 237 22.60 3.19 -7.21
CA LEU A 237 24.05 3.16 -7.13
C LEU A 237 24.53 1.74 -6.86
N LEU A 238 25.74 1.43 -7.30
CA LEU A 238 26.30 0.09 -7.18
C LEU A 238 27.46 0.00 -6.18
N ASN A 239 27.82 1.11 -5.52
CA ASN A 239 28.90 1.08 -4.54
C ASN A 239 28.39 1.66 -3.22
N ASP A 240 29.31 1.97 -2.31
CA ASP A 240 29.01 2.64 -1.05
C ASP A 240 29.65 4.03 -1.06
N GLU A 241 28.86 5.04 -0.70
CA GLU A 241 29.36 6.39 -0.52
C GLU A 241 29.38 6.73 0.95
N ILE A 242 30.50 7.26 1.43
CA ILE A 242 30.74 7.49 2.86
C ILE A 242 30.84 8.98 3.10
N ILE A 243 30.12 9.47 4.10
CA ILE A 243 30.27 10.83 4.60
C ILE A 243 30.58 10.73 6.09
N VAL A 244 31.80 11.08 6.48
CA VAL A 244 32.18 11.13 7.89
C VAL A 244 31.99 12.56 8.39
N VAL A 245 31.23 12.72 9.48
CA VAL A 245 30.96 14.01 10.08
C VAL A 245 31.36 13.96 11.55
N GLY A 246 32.20 14.88 11.96
CA GLY A 246 32.66 14.93 13.34
C GLY A 246 33.18 16.31 13.67
N ASN A 247 34.07 16.36 14.65
CA ASN A 247 34.70 17.60 15.06
C ASN A 247 36.21 17.41 15.08
N SER A 248 36.94 18.43 14.62
CA SER A 248 38.39 18.36 14.51
C SER A 248 39.01 19.66 14.98
N THR A 249 40.22 19.56 15.54
CA THR A 249 40.96 20.75 15.93
C THR A 249 41.39 21.59 14.72
N ASN A 250 41.49 20.98 13.54
CA ASN A 250 41.86 21.72 12.33
C ASN A 250 40.63 22.16 11.55
N SER A 251 39.73 22.86 12.22
CA SER A 251 38.48 23.30 11.61
C SER A 251 38.16 24.71 12.09
N ALA A 252 37.73 25.55 11.16
CA ALA A 252 37.30 26.91 11.45
C ALA A 252 35.79 27.05 11.32
N SER A 253 35.06 25.94 11.37
CA SER A 253 33.62 25.99 11.16
C SER A 253 32.93 26.69 12.31
N ASP A 254 31.87 27.43 12.00
CA ASP A 254 31.01 28.01 13.02
C ASP A 254 29.98 27.03 13.51
N LEU A 255 30.18 25.74 13.25
CA LEU A 255 29.24 24.70 13.61
C LEU A 255 29.94 23.59 14.38
N VAL A 256 29.16 22.85 15.16
CA VAL A 256 29.62 21.62 15.81
C VAL A 256 28.57 20.56 15.59
N ILE A 257 28.97 19.30 15.82
CA ILE A 257 28.04 18.18 15.76
C ILE A 257 28.18 17.39 17.05
N GLY A 258 27.03 17.09 17.68
CA GLY A 258 26.97 16.17 18.79
C GLY A 258 26.04 15.03 18.40
N HIS A 259 26.00 14.01 19.26
CA HIS A 259 25.13 12.88 18.96
C HIS A 259 24.80 12.13 20.22
N SER A 260 23.75 11.30 20.12
CA SER A 260 23.41 10.33 21.14
C SER A 260 22.89 9.09 20.41
N VAL A 261 22.30 8.17 21.15
CA VAL A 261 21.73 6.96 20.56
C VAL A 261 20.36 6.75 21.17
N MET A 262 19.34 6.70 20.32
CA MET A 262 17.99 6.39 20.77
C MET A 262 17.90 4.92 21.14
N LYS A 263 17.44 4.65 22.37
N LYS A 263 17.45 4.64 22.38
CA LYS A 263 17.28 3.27 22.79
CA LYS A 263 17.29 3.26 22.80
C LYS A 263 16.08 2.61 22.13
C LYS A 263 16.05 2.61 22.18
N ASP A 264 15.06 3.41 21.78
CA ASP A 264 13.90 2.90 21.05
C ASP A 264 13.29 4.05 20.25
N ALA A 265 12.16 3.78 19.60
CA ALA A 265 11.60 4.73 18.65
C ALA A 265 11.01 5.97 19.32
N ILE A 266 10.67 5.91 20.60
CA ILE A 266 10.06 7.03 21.30
C ILE A 266 11.02 7.63 22.32
N ASP A 267 12.33 7.42 22.16
CA ASP A 267 13.32 7.90 23.13
C ASP A 267 13.57 9.39 22.90
N ALA A 268 12.68 10.21 23.49
CA ALA A 268 12.85 11.66 23.41
C ALA A 268 14.02 12.15 24.24
N ASP A 269 14.38 11.43 25.30
CA ASP A 269 15.53 11.83 26.11
C ASP A 269 16.80 11.79 25.28
N ALA A 270 16.94 10.79 24.42
CA ALA A 270 18.12 10.71 23.56
C ALA A 270 18.16 11.87 22.58
N VAL A 271 16.99 12.32 22.10
CA VAL A 271 16.95 13.50 21.24
C VAL A 271 17.47 14.72 21.99
N ARG A 272 17.01 14.90 23.24
CA ARG A 272 17.49 16.02 24.04
C ARG A 272 18.95 15.84 24.42
N ALA A 273 19.40 14.60 24.62
CA ALA A 273 20.82 14.35 24.89
C ALA A 273 21.68 14.72 23.69
N ALA A 274 21.24 14.36 22.48
CA ALA A 274 21.97 14.73 21.28
C ALA A 274 22.01 16.24 21.09
N LEU A 275 20.93 16.92 21.45
CA LEU A 275 20.90 18.38 21.39
C LEU A 275 21.90 18.98 22.37
N LYS A 276 21.91 18.48 23.61
CA LYS A 276 22.85 18.99 24.60
C LYS A 276 24.29 18.70 24.20
N ASP A 277 24.54 17.52 23.61
CA ASP A 277 25.88 17.21 23.13
C ASP A 277 26.33 18.14 22.01
N ALA A 278 25.38 18.78 21.32
CA ALA A 278 25.68 19.76 20.28
C ALA A 278 25.64 21.20 20.80
N GLY A 279 25.41 21.39 22.10
CA GLY A 279 25.44 22.71 22.70
C GLY A 279 24.10 23.36 22.97
N ILE A 280 22.99 22.69 22.70
CA ILE A 280 21.66 23.23 22.97
C ILE A 280 21.14 22.61 24.26
N ARG A 281 21.04 23.43 25.31
CA ARG A 281 20.63 22.95 26.63
C ARG A 281 19.29 23.53 27.06
N SER A 282 18.60 24.25 26.19
CA SER A 282 17.29 24.80 26.51
C SER A 282 16.47 24.94 25.23
N ASP A 283 15.16 25.10 25.41
CA ASP A 283 14.27 25.22 24.27
C ASP A 283 14.50 26.53 23.51
N ASP A 284 14.94 27.58 24.20
CA ASP A 284 15.16 28.86 23.53
C ASP A 284 16.38 28.85 22.62
N GLU A 285 17.35 27.94 22.85
CA GLU A 285 18.53 27.86 22.01
C GLU A 285 18.35 26.91 20.83
N MET A 286 17.14 26.39 20.63
CA MET A 286 16.87 25.44 19.56
C MET A 286 16.92 26.08 18.18
N ASP A 287 16.92 27.41 18.09
CA ASP A 287 17.07 28.08 16.80
C ASP A 287 18.47 27.89 16.21
N ARG A 288 19.44 27.42 17.00
CA ARG A 288 20.77 27.15 16.50
C ARG A 288 20.89 25.81 15.79
N ILE A 289 19.79 25.05 15.69
CA ILE A 289 19.82 23.76 14.99
C ILE A 289 20.02 23.99 13.50
N VAL A 290 21.01 23.32 12.92
CA VAL A 290 21.12 23.28 11.47
C VAL A 290 20.31 22.13 10.89
N ASN A 291 20.50 20.93 11.41
CA ASN A 291 19.68 19.79 11.04
C ASN A 291 19.87 18.71 12.10
N VAL A 292 18.90 17.80 12.15
CA VAL A 292 18.97 16.61 13.01
C VAL A 292 18.95 15.39 12.11
N LEU A 293 19.85 14.45 12.36
CA LEU A 293 20.01 13.25 11.53
C LEU A 293 19.91 12.04 12.43
N ALA A 294 18.97 11.13 12.13
CA ALA A 294 18.71 10.01 13.02
C ALA A 294 18.32 8.77 12.24
N LYS A 295 18.57 7.61 12.85
CA LYS A 295 18.16 6.33 12.31
C LYS A 295 16.96 5.80 13.08
N ALA A 296 16.09 5.08 12.38
CA ALA A 296 14.87 4.55 12.95
C ALA A 296 14.64 3.14 12.44
N GLU A 297 14.01 2.31 13.26
CA GLU A 297 13.72 0.95 12.82
C GLU A 297 12.65 0.34 13.70
N ALA A 298 12.03 -0.72 13.18
CA ALA A 298 11.14 -1.54 13.97
C ALA A 298 11.97 -2.56 14.75
N ALA A 299 11.73 -2.64 16.05
CA ALA A 299 12.45 -3.60 16.88
C ALA A 299 12.06 -5.03 16.50
N SER A 300 13.05 -5.93 16.49
CA SER A 300 12.78 -7.31 16.11
C SER A 300 11.84 -8.01 17.10
N SER A 301 11.71 -7.48 18.32
CA SER A 301 10.76 -8.03 19.28
C SER A 301 9.32 -7.67 18.96
N GLY A 302 9.09 -6.77 18.00
CA GLY A 302 7.74 -6.35 17.70
C GLY A 302 7.08 -5.52 18.79
N THR A 303 7.87 -4.98 19.70
CA THR A 303 7.34 -4.21 20.81
C THR A 303 8.16 -2.92 20.99
N VAL A 304 7.56 -1.99 21.72
CA VAL A 304 8.24 -0.80 22.20
C VAL A 304 7.90 -0.69 23.68
N ARG A 305 8.91 -0.86 24.54
CA ARG A 305 8.75 -0.80 25.99
C ARG A 305 7.65 -1.74 26.47
N GLY A 306 7.69 -2.97 25.95
CA GLY A 306 6.73 -3.99 26.33
C GLY A 306 5.36 -3.89 25.69
N ARG A 307 5.17 -2.96 24.76
CA ARG A 307 3.89 -2.73 24.09
C ARG A 307 3.98 -3.18 22.66
N ARG A 308 3.13 -4.14 22.28
CA ARG A 308 3.13 -4.69 20.92
C ARG A 308 2.76 -3.63 19.89
N ASN A 309 3.37 -3.72 18.72
CA ASN A 309 2.95 -2.96 17.55
C ASN A 309 2.99 -3.88 16.34
N THR A 310 2.45 -3.39 15.22
CA THR A 310 2.23 -4.21 14.03
C THR A 310 3.19 -3.86 12.89
N MET A 311 4.29 -3.16 13.18
CA MET A 311 5.17 -2.73 12.10
C MET A 311 5.71 -3.93 11.32
N LEU A 312 6.08 -5.00 12.03
CA LEU A 312 6.61 -6.19 11.38
C LEU A 312 5.53 -7.10 10.79
N ASP A 313 4.26 -6.85 11.10
CA ASP A 313 3.17 -7.69 10.61
C ASP A 313 2.37 -7.04 9.49
N ASP A 314 2.48 -5.73 9.29
CA ASP A 314 1.66 -5.03 8.31
C ASP A 314 2.19 -5.30 6.92
N SER A 315 1.45 -6.08 6.13
CA SER A 315 1.83 -6.40 4.77
C SER A 315 1.48 -5.29 3.78
N ASP A 316 0.79 -4.25 4.22
CA ASP A 316 0.46 -3.13 3.35
C ASP A 316 1.50 -2.02 3.42
N ILE A 317 2.15 -1.83 4.57
CA ILE A 317 3.14 -0.78 4.76
C ILE A 317 4.41 -1.40 5.32
N ASN A 318 5.49 -1.33 4.55
CA ASN A 318 6.78 -1.85 5.01
C ASN A 318 7.24 -1.13 6.27
N HIS A 319 7.89 -1.89 7.17
CA HIS A 319 8.21 -1.36 8.50
C HIS A 319 9.21 -0.22 8.47
N THR A 320 10.04 -0.08 7.43
CA THR A 320 10.93 1.07 7.38
C THR A 320 10.16 2.37 7.15
N ARG A 321 9.03 2.30 6.44
CA ARG A 321 8.20 3.50 6.31
C ARG A 321 7.58 3.88 7.64
N SER A 322 7.06 2.90 8.37
CA SER A 322 6.45 3.18 9.67
C SER A 322 7.46 3.76 10.63
N ALA A 323 8.67 3.19 10.67
CA ALA A 323 9.69 3.64 11.60
C ALA A 323 10.10 5.08 11.32
N ARG A 324 10.22 5.45 10.04
CA ARG A 324 10.58 6.82 9.70
C ARG A 324 9.51 7.81 10.15
N ALA A 325 8.24 7.47 9.99
CA ALA A 325 7.17 8.37 10.43
C ALA A 325 7.19 8.55 11.94
N VAL A 326 7.49 7.48 12.68
CA VAL A 326 7.45 7.52 14.13
C VAL A 326 8.56 8.41 14.68
N VAL A 327 9.81 8.11 14.32
CA VAL A 327 10.94 8.80 14.93
C VAL A 327 11.00 10.25 14.47
N ASN A 328 10.68 10.52 13.21
CA ASN A 328 10.60 11.90 12.76
C ASN A 328 9.57 12.67 13.57
N ALA A 329 8.41 12.07 13.83
CA ALA A 329 7.39 12.73 14.63
C ALA A 329 7.91 13.01 16.03
N VAL A 330 8.63 12.06 16.63
CA VAL A 330 9.18 12.24 17.96
C VAL A 330 10.18 13.40 17.96
N ILE A 331 11.09 13.41 16.98
CA ILE A 331 12.07 14.50 16.90
C ILE A 331 11.38 15.82 16.65
N ALA A 332 10.37 15.83 15.77
CA ALA A 332 9.67 17.06 15.47
C ALA A 332 8.99 17.63 16.71
N SER A 333 8.41 16.76 17.55
CA SER A 333 7.75 17.21 18.75
C SER A 333 8.74 17.79 19.76
N VAL A 334 10.02 17.43 19.65
CA VAL A 334 11.04 17.97 20.55
C VAL A 334 11.59 19.29 20.02
N VAL A 335 11.96 19.35 18.74
CA VAL A 335 12.59 20.55 18.19
C VAL A 335 11.62 21.50 17.54
N GLY A 336 10.35 21.13 17.39
CA GLY A 336 9.36 21.98 16.78
C GLY A 336 9.48 22.15 15.28
N ASP A 337 10.15 21.22 14.60
CA ASP A 337 10.39 21.31 13.17
C ASP A 337 10.41 19.90 12.58
N PRO A 338 9.49 19.58 11.66
CA PRO A 338 9.52 18.24 11.04
C PRO A 338 10.52 18.12 9.90
N MET A 339 11.19 19.19 9.49
CA MET A 339 12.15 19.11 8.40
C MET A 339 13.52 18.70 8.94
N VAL A 340 13.59 17.43 9.36
CA VAL A 340 14.81 16.81 9.86
C VAL A 340 15.00 15.48 9.15
N TYR A 341 16.25 15.02 9.14
CA TYR A 341 16.63 13.79 8.43
C TYR A 341 16.39 12.57 9.33
N VAL A 342 15.53 11.67 8.87
CA VAL A 342 15.31 10.39 9.53
C VAL A 342 15.34 9.28 8.48
N SER A 343 16.19 8.29 8.72
CA SER A 343 16.36 7.16 7.82
C SER A 343 15.93 5.89 8.53
N GLY A 344 15.24 5.00 7.80
CA GLY A 344 14.72 3.77 8.39
C GLY A 344 15.65 2.58 8.19
N GLY A 345 15.42 1.54 9.00
CA GLY A 345 16.23 0.33 8.95
C GLY A 345 17.60 0.53 9.58
N ALA A 346 17.71 0.21 10.87
CA ALA A 346 18.93 0.53 11.61
C ALA A 346 19.68 -0.73 12.02
N GLU A 347 19.88 -1.65 11.07
CA GLU A 347 20.61 -2.88 11.35
C GLU A 347 22.05 -2.58 11.74
N HIS A 348 22.44 -2.98 12.95
CA HIS A 348 23.76 -2.72 13.51
C HIS A 348 24.04 -1.22 13.62
N GLN A 349 23.00 -0.42 13.72
CA GLN A 349 23.10 1.03 13.93
C GLN A 349 22.32 1.31 15.20
N GLY A 350 23.02 1.44 16.32
CA GLY A 350 22.37 1.50 17.61
C GLY A 350 21.83 0.14 18.00
N PRO A 351 21.18 0.07 19.15
CA PRO A 351 20.60 -1.20 19.59
C PRO A 351 19.43 -1.62 18.71
N ASP A 352 18.98 -2.85 18.93
CA ASP A 352 17.82 -3.38 18.22
C ASP A 352 16.59 -2.54 18.52
N GLY A 353 16.03 -1.91 17.49
CA GLY A 353 14.90 -1.01 17.66
C GLY A 353 15.27 0.43 17.88
N GLY A 354 16.56 0.74 17.94
CA GLY A 354 16.99 2.12 18.09
C GLY A 354 17.94 2.52 16.98
N GLY A 355 18.61 3.66 17.16
CA GLY A 355 19.52 4.16 16.17
C GLY A 355 20.23 5.40 16.65
N PRO A 356 21.39 5.69 16.06
CA PRO A 356 22.11 6.91 16.42
C PRO A 356 21.34 8.14 15.97
N ILE A 357 21.52 9.23 16.70
CA ILE A 357 20.91 10.51 16.36
C ILE A 357 21.94 11.59 16.60
N ALA A 358 22.18 12.41 15.58
CA ALA A 358 23.14 13.49 15.65
C ALA A 358 22.46 14.82 15.36
N VAL A 359 23.04 15.89 15.90
CA VAL A 359 22.56 17.25 15.70
C VAL A 359 23.74 18.10 15.26
N ILE A 360 23.57 18.81 14.15
CA ILE A 360 24.54 19.80 13.70
C ILE A 360 24.02 21.16 14.13
N ALA A 361 24.82 21.90 14.88
CA ALA A 361 24.37 23.13 15.51
C ALA A 361 25.38 24.25 15.33
N ARG A 362 24.86 25.47 15.29
CA ARG A 362 25.69 26.66 15.29
C ARG A 362 26.26 26.90 16.68
N VAL A 363 27.34 27.67 16.73
CA VAL A 363 27.99 28.02 17.98
C VAL A 363 27.90 29.53 18.19
N HIS B 1 6.71 15.75 -49.20
CA HIS B 1 6.93 14.40 -49.71
C HIS B 1 6.16 13.35 -48.92
N MET B 2 6.34 12.09 -49.31
CA MET B 2 5.64 10.99 -48.66
C MET B 2 6.18 10.79 -47.24
N GLN B 3 5.30 10.37 -46.35
CA GLN B 3 5.68 10.10 -44.96
C GLN B 3 5.78 8.59 -44.73
N LYS B 4 6.70 8.21 -43.86
CA LYS B 4 6.83 6.83 -43.41
C LYS B 4 6.97 6.83 -41.90
N VAL B 5 6.02 6.18 -41.22
CA VAL B 5 6.03 6.12 -39.77
C VAL B 5 6.58 4.76 -39.34
N GLU B 6 7.59 4.78 -38.48
CA GLU B 6 8.14 3.58 -37.87
C GLU B 6 7.94 3.67 -36.36
N VAL B 7 7.53 2.56 -35.76
CA VAL B 7 7.19 2.50 -34.34
C VAL B 7 8.03 1.40 -33.70
N PHE B 8 8.69 1.73 -32.58
CA PHE B 8 9.60 0.82 -31.91
C PHE B 8 9.16 0.65 -30.46
N ARG B 9 8.80 -0.58 -30.07
CA ARG B 9 8.48 -0.90 -28.70
C ARG B 9 9.74 -1.43 -28.03
N ILE B 10 10.25 -0.69 -27.05
CA ILE B 10 11.55 -0.92 -26.47
C ILE B 10 11.39 -1.25 -24.98
N PRO B 11 11.81 -2.42 -24.53
CA PRO B 11 11.78 -2.71 -23.09
C PRO B 11 12.79 -1.85 -22.35
N THR B 12 12.43 -1.49 -21.12
CA THR B 12 13.27 -0.66 -20.26
C THR B 12 13.56 -1.40 -18.96
N ALA B 13 14.77 -1.21 -18.44
CA ALA B 13 15.16 -1.79 -17.17
C ALA B 13 14.81 -0.90 -15.99
N SER B 14 14.50 0.37 -16.23
CA SER B 14 14.23 1.35 -15.20
C SER B 14 13.63 2.59 -15.86
N PRO B 15 13.04 3.51 -15.09
CA PRO B 15 12.48 4.73 -15.72
C PRO B 15 13.49 5.52 -16.51
N ASP B 16 14.75 5.57 -16.06
CA ASP B 16 15.79 6.36 -16.72
C ASP B 16 16.59 5.55 -17.74
N ASP B 17 16.12 4.36 -18.11
CA ASP B 17 16.85 3.49 -19.02
C ASP B 17 16.68 3.96 -20.46
N ILE B 18 17.77 4.43 -21.06
CA ILE B 18 17.76 4.87 -22.45
C ILE B 18 18.59 3.95 -23.33
N SER B 19 19.06 2.82 -22.78
CA SER B 19 20.00 1.95 -23.49
C SER B 19 19.36 1.31 -24.71
N GLY B 20 18.09 0.94 -24.62
CA GLY B 20 17.42 0.35 -25.77
C GLY B 20 17.29 1.32 -26.93
N LEU B 21 16.92 2.57 -26.64
CA LEU B 21 16.86 3.58 -27.68
C LEU B 21 18.25 3.88 -28.24
N ALA B 22 19.26 3.86 -27.37
CA ALA B 22 20.62 4.13 -27.83
C ALA B 22 21.11 3.06 -28.79
N THR B 23 20.72 1.81 -28.57
CA THR B 23 21.13 0.74 -29.47
C THR B 23 20.55 0.93 -30.87
N LEU B 24 19.27 1.30 -30.95
CA LEU B 24 18.63 1.54 -32.24
C LEU B 24 19.18 2.79 -32.92
N ILE B 25 19.64 3.77 -32.13
CA ILE B 25 20.25 4.96 -32.71
C ILE B 25 21.69 4.68 -33.14
N ASP B 26 22.45 3.98 -32.29
CA ASP B 26 23.83 3.64 -32.62
C ASP B 26 23.91 2.68 -33.80
N SER B 27 22.91 1.83 -33.97
CA SER B 27 22.90 0.93 -35.13
C SER B 27 22.45 1.63 -36.40
N GLY B 28 22.00 2.87 -36.32
CA GLY B 28 21.51 3.59 -37.48
C GLY B 28 20.10 3.25 -37.90
N LYS B 29 19.38 2.42 -37.15
CA LYS B 29 18.00 2.10 -37.49
C LYS B 29 17.05 3.24 -37.16
N ILE B 30 17.43 4.15 -36.25
CA ILE B 30 16.61 5.29 -35.87
C ILE B 30 17.46 6.54 -36.03
N ASN B 31 16.96 7.49 -36.83
CA ASN B 31 17.55 8.82 -36.90
C ASN B 31 16.92 9.65 -35.80
N PRO B 32 17.68 10.08 -34.78
CA PRO B 32 17.06 10.77 -33.65
C PRO B 32 16.33 12.07 -34.05
N ALA B 33 16.74 12.72 -35.13
CA ALA B 33 16.04 13.92 -35.59
C ALA B 33 14.66 13.64 -36.16
N GLU B 34 14.33 12.38 -36.41
CA GLU B 34 13.03 11.99 -36.94
C GLU B 34 12.08 11.46 -35.86
N ILE B 35 12.50 11.46 -34.60
CA ILE B 35 11.61 11.07 -33.51
C ILE B 35 10.59 12.18 -33.29
N VAL B 36 9.30 11.84 -33.36
CA VAL B 36 8.24 12.81 -33.14
C VAL B 36 7.49 12.59 -31.83
N ALA B 37 7.53 11.40 -31.25
CA ALA B 37 6.79 11.13 -30.02
C ALA B 37 7.32 9.87 -29.37
N ILE B 38 7.27 9.85 -28.03
CA ILE B 38 7.65 8.68 -27.23
C ILE B 38 6.56 8.46 -26.18
N LEU B 39 5.97 7.26 -26.18
CA LEU B 39 4.92 6.89 -25.24
C LEU B 39 5.43 5.77 -24.35
N GLY B 40 5.54 6.04 -23.06
CA GLY B 40 6.18 5.12 -22.13
C GLY B 40 5.25 4.60 -21.06
N LYS B 41 5.59 3.43 -20.52
CA LYS B 41 5.04 2.89 -19.28
C LYS B 41 6.17 2.87 -18.26
N THR B 42 6.07 3.69 -17.21
CA THR B 42 7.09 3.79 -16.18
C THR B 42 6.57 3.14 -14.90
N GLU B 43 7.49 2.56 -14.12
CA GLU B 43 7.11 1.66 -13.04
C GLU B 43 6.85 2.39 -11.72
N GLY B 44 6.43 3.65 -11.75
CA GLY B 44 5.92 4.30 -10.55
C GLY B 44 4.50 3.84 -10.25
N ASN B 45 3.91 4.44 -9.21
CA ASN B 45 2.58 3.97 -8.82
C ASN B 45 1.48 4.45 -9.76
N GLY B 46 1.81 5.32 -10.71
CA GLY B 46 0.83 5.76 -11.67
C GLY B 46 -0.27 6.64 -11.12
N CYS B 47 -0.07 7.20 -9.94
CA CYS B 47 -1.08 8.07 -9.36
C CYS B 47 -0.52 9.48 -9.16
N VAL B 48 -0.76 10.08 -8.00
CA VAL B 48 -0.35 11.45 -7.77
C VAL B 48 1.16 11.54 -7.61
N ASN B 49 1.70 10.82 -6.62
CA ASN B 49 3.12 10.93 -6.29
C ASN B 49 3.93 9.88 -7.07
N ASP B 50 3.80 9.94 -8.38
CA ASP B 50 4.60 9.13 -9.28
C ASP B 50 5.58 10.05 -9.97
N PHE B 51 6.84 9.98 -9.56
CA PHE B 51 7.88 10.83 -10.12
C PHE B 51 8.74 10.11 -11.16
N THR B 52 8.45 8.84 -11.44
CA THR B 52 9.14 8.14 -12.52
C THR B 52 8.75 8.69 -13.89
N ARG B 53 7.59 9.34 -14.00
CA ARG B 53 7.19 9.95 -15.26
C ARG B 53 8.16 11.07 -15.65
N GLY B 54 8.38 12.02 -14.74
CA GLY B 54 9.34 13.07 -15.02
C GLY B 54 10.77 12.56 -15.12
N PHE B 55 11.11 11.55 -14.31
CA PHE B 55 12.42 10.94 -14.40
C PHE B 55 12.67 10.36 -15.78
N ALA B 56 11.68 9.66 -16.33
CA ALA B 56 11.86 9.09 -17.67
C ALA B 56 11.94 10.19 -18.72
N THR B 57 11.08 11.21 -18.61
CA THR B 57 11.10 12.29 -19.57
C THR B 57 12.41 13.06 -19.50
N GLN B 58 12.87 13.38 -18.28
CA GLN B 58 14.15 14.08 -18.15
C GLN B 58 15.30 13.27 -18.72
N SER B 59 15.31 11.96 -18.47
CA SER B 59 16.40 11.13 -18.97
C SER B 59 16.37 11.02 -20.48
N LEU B 60 15.19 10.86 -21.06
CA LEU B 60 15.09 10.78 -22.52
C LEU B 60 15.39 12.12 -23.19
N ALA B 61 14.86 13.22 -22.65
CA ALA B 61 15.15 14.53 -23.24
C ALA B 61 16.63 14.88 -23.12
N MET B 62 17.24 14.52 -21.99
CA MET B 62 18.67 14.76 -21.83
C MET B 62 19.47 13.96 -22.84
N TYR B 63 19.07 12.72 -23.10
CA TYR B 63 19.81 11.89 -24.03
C TYR B 63 19.67 12.41 -25.46
N LEU B 64 18.44 12.69 -25.90
CA LEU B 64 18.22 13.14 -27.27
C LEU B 64 18.84 14.51 -27.52
N ALA B 65 18.90 15.36 -26.49
CA ALA B 65 19.54 16.66 -26.65
C ALA B 65 21.03 16.52 -26.94
N GLU B 66 21.69 15.61 -26.23
CA GLU B 66 23.12 15.43 -26.46
C GLU B 66 23.40 14.76 -27.80
N LYS B 67 22.49 13.90 -28.25
CA LYS B 67 22.68 13.24 -29.54
C LYS B 67 22.40 14.20 -30.70
N LEU B 68 21.41 15.09 -30.53
CA LEU B 68 21.07 16.05 -31.57
C LEU B 68 21.88 17.33 -31.50
N GLY B 69 22.63 17.54 -30.42
CA GLY B 69 23.40 18.75 -30.26
C GLY B 69 22.57 19.98 -29.98
N ILE B 70 21.41 19.82 -29.35
CA ILE B 70 20.53 20.93 -29.02
C ILE B 70 20.23 20.91 -27.52
N SER B 71 19.44 21.86 -27.04
CA SER B 71 19.13 21.94 -25.61
C SER B 71 17.99 21.00 -25.24
N ARG B 72 17.90 20.69 -23.95
CA ARG B 72 16.82 19.83 -23.47
C ARG B 72 15.46 20.48 -23.66
N GLU B 73 15.40 21.81 -23.49
CA GLU B 73 14.15 22.54 -23.66
C GLU B 73 13.68 22.49 -25.11
N GLU B 74 14.62 22.54 -26.05
CA GLU B 74 14.24 22.44 -27.47
C GLU B 74 13.73 21.04 -27.80
N VAL B 75 14.21 20.02 -27.10
CA VAL B 75 13.75 18.66 -27.36
C VAL B 75 12.30 18.49 -26.90
N VAL B 76 11.98 18.98 -25.70
CA VAL B 76 10.62 18.82 -25.19
C VAL B 76 9.64 19.72 -25.93
N LYS B 77 10.12 20.77 -26.60
CA LYS B 77 9.26 21.57 -27.47
C LYS B 77 8.98 20.88 -28.80
N LYS B 78 9.80 19.91 -29.19
CA LYS B 78 9.75 19.23 -30.47
C LYS B 78 9.18 17.83 -30.40
N VAL B 79 9.48 17.09 -29.35
CA VAL B 79 9.11 15.70 -29.21
C VAL B 79 8.06 15.58 -28.12
N ALA B 80 7.00 14.83 -28.39
CA ALA B 80 6.00 14.54 -27.38
C ALA B 80 6.54 13.46 -26.44
N PHE B 81 6.59 13.76 -25.14
CA PHE B 81 6.97 12.78 -24.13
C PHE B 81 5.75 12.52 -23.26
N ILE B 82 5.14 11.34 -23.42
CA ILE B 82 3.95 10.97 -22.67
C ILE B 82 4.29 9.73 -21.86
N MET B 83 4.52 9.92 -20.56
CA MET B 83 4.91 8.83 -19.67
C MET B 83 3.71 8.50 -18.77
N SER B 84 3.17 7.30 -18.93
CA SER B 84 2.06 6.80 -18.13
C SER B 84 2.62 5.86 -17.06
N GLY B 85 2.51 6.27 -15.80
CA GLY B 85 2.99 5.45 -14.72
C GLY B 85 2.09 4.26 -14.45
N GLY B 86 2.55 3.42 -13.53
CA GLY B 86 1.78 2.25 -13.13
C GLY B 86 1.98 1.05 -14.04
N THR B 87 2.86 0.14 -13.63
CA THR B 87 3.06 -1.14 -14.31
C THR B 87 2.71 -2.24 -13.30
N GLU B 88 1.44 -2.37 -12.97
CA GLU B 88 0.99 -3.34 -12.00
C GLU B 88 0.84 -4.72 -12.65
N GLY B 89 0.66 -5.74 -11.82
CA GLY B 89 0.49 -7.09 -12.34
C GLY B 89 1.75 -7.54 -13.05
N VAL B 90 1.57 -8.09 -14.25
CA VAL B 90 2.70 -8.53 -15.08
C VAL B 90 3.08 -7.50 -16.13
N MET B 91 2.48 -6.31 -16.10
CA MET B 91 2.73 -5.31 -17.15
C MET B 91 4.21 -4.92 -17.17
N THR B 92 4.78 -4.90 -18.37
CA THR B 92 6.21 -4.72 -18.54
C THR B 92 6.54 -3.27 -18.83
N PRO B 93 7.41 -2.62 -18.06
CA PRO B 93 7.81 -1.24 -18.40
C PRO B 93 8.48 -1.21 -19.76
N HIS B 94 8.14 -0.18 -20.54
CA HIS B 94 8.66 -0.03 -21.89
C HIS B 94 8.34 1.38 -22.38
N ILE B 95 8.94 1.73 -23.51
CA ILE B 95 8.62 2.96 -24.21
C ILE B 95 8.33 2.60 -25.66
N THR B 96 7.51 3.42 -26.31
CA THR B 96 7.13 3.25 -27.71
C THR B 96 7.59 4.50 -28.46
N VAL B 97 8.56 4.33 -29.35
CA VAL B 97 9.19 5.47 -30.03
C VAL B 97 8.55 5.61 -31.41
N PHE B 98 7.98 6.79 -31.67
CA PHE B 98 7.36 7.09 -32.97
C PHE B 98 8.34 7.90 -33.81
N VAL B 99 8.69 7.37 -34.97
CA VAL B 99 9.64 7.98 -35.90
C VAL B 99 8.89 8.28 -37.20
N ARG B 100 9.07 9.50 -37.72
CA ARG B 100 8.41 9.91 -38.96
C ARG B 100 9.47 10.42 -39.93
N LYS B 101 9.52 9.81 -41.11
CA LYS B 101 10.51 10.15 -42.12
C LYS B 101 9.81 10.62 -43.39
N ASP B 102 10.57 11.31 -44.24
CA ASP B 102 10.09 11.74 -45.55
C ASP B 102 10.89 10.92 -46.57
N VAL B 103 10.37 9.73 -46.89
CA VAL B 103 11.03 8.83 -47.80
C VAL B 103 10.43 8.98 -49.21
N ALA B 104 11.13 8.41 -50.19
CA ALA B 104 10.68 8.37 -51.57
C ALA B 104 10.33 6.94 -51.92
N ALA B 105 9.38 6.35 -51.18
CA ALA B 105 8.91 4.98 -51.29
C ALA B 105 7.49 4.96 -51.85
N PRO B 106 7.12 3.93 -52.60
CA PRO B 106 5.81 3.94 -53.27
C PRO B 106 4.65 3.95 -52.29
N ALA B 107 3.56 4.55 -52.74
CA ALA B 107 2.33 4.67 -51.95
C ALA B 107 1.71 3.29 -51.85
N ALA B 108 1.87 2.65 -50.71
CA ALA B 108 1.35 1.31 -50.51
C ALA B 108 -0.16 1.28 -50.75
N PRO B 109 -0.68 0.18 -51.30
CA PRO B 109 -2.11 0.12 -51.64
C PRO B 109 -2.99 0.12 -50.40
N GLY B 110 -3.48 1.28 -50.00
CA GLY B 110 -4.29 1.29 -48.80
C GLY B 110 -3.90 2.44 -47.91
N LYS B 111 -4.68 2.68 -46.87
CA LYS B 111 -4.29 3.66 -45.88
C LYS B 111 -3.31 3.00 -44.92
N ARG B 112 -2.21 3.69 -44.61
CA ARG B 112 -1.15 3.16 -43.76
C ARG B 112 -0.92 4.10 -42.60
N LEU B 113 -0.16 3.61 -41.61
CA LEU B 113 -0.04 4.30 -40.33
C LEU B 113 0.42 5.74 -40.50
N ALA B 114 -0.22 6.63 -39.77
CA ALA B 114 0.13 8.04 -39.76
C ALA B 114 0.08 8.54 -38.32
N VAL B 115 0.96 9.48 -38.01
CA VAL B 115 1.06 10.01 -36.66
C VAL B 115 1.19 11.53 -36.75
N GLY B 116 0.53 12.22 -35.84
CA GLY B 116 0.60 13.66 -35.75
C GLY B 116 0.69 14.11 -34.32
N VAL B 117 1.45 15.16 -34.04
CA VAL B 117 1.69 15.64 -32.70
C VAL B 117 1.31 17.12 -32.62
N ALA B 118 0.71 17.52 -31.50
CA ALA B 118 0.37 18.91 -31.27
C ALA B 118 0.32 19.17 -29.77
N PHE B 119 0.69 20.37 -29.36
CA PHE B 119 0.65 20.78 -27.98
C PHE B 119 -0.38 21.89 -27.79
N THR B 120 -0.97 21.95 -26.60
CA THR B 120 -1.82 23.06 -26.23
C THR B 120 -1.01 24.04 -25.41
N ARG B 121 -1.61 25.20 -25.16
CA ARG B 121 -1.04 26.14 -24.23
C ARG B 121 -1.13 25.59 -22.80
N ASP B 122 -0.35 26.18 -21.91
CA ASP B 122 -0.42 25.82 -20.51
C ASP B 122 -1.77 26.25 -19.94
N PHE B 123 -2.32 25.44 -19.04
CA PHE B 123 -3.60 25.74 -18.42
C PHE B 123 -3.40 26.30 -17.03
N LEU B 124 -4.22 27.29 -16.68
CA LEU B 124 -4.30 27.74 -15.32
C LEU B 124 -5.05 26.69 -14.50
N PRO B 125 -4.82 26.64 -13.19
CA PRO B 125 -5.51 25.62 -12.37
C PRO B 125 -7.02 25.62 -12.53
N GLU B 126 -7.65 26.79 -12.65
CA GLU B 126 -9.10 26.85 -12.75
C GLU B 126 -9.62 26.42 -14.11
N GLU B 127 -8.74 26.06 -15.04
CA GLU B 127 -9.17 25.60 -16.36
C GLU B 127 -9.21 24.08 -16.47
N LEU B 128 -8.56 23.37 -15.57
CA LEU B 128 -8.55 21.91 -15.63
C LEU B 128 -9.94 21.36 -15.35
N GLY B 129 -10.32 20.33 -16.10
CA GLY B 129 -11.61 19.71 -15.92
C GLY B 129 -12.78 20.57 -16.35
N ARG B 130 -12.55 21.55 -17.22
CA ARG B 130 -13.61 22.48 -17.63
C ARG B 130 -13.53 22.73 -19.12
N MET B 131 -14.44 23.56 -19.63
CA MET B 131 -14.59 23.74 -21.07
C MET B 131 -13.36 24.38 -21.70
N GLU B 132 -12.60 25.17 -20.93
CA GLU B 132 -11.37 25.73 -21.46
C GLU B 132 -10.41 24.62 -21.89
N GLN B 133 -10.31 23.56 -21.09
CA GLN B 133 -9.43 22.45 -21.45
C GLN B 133 -10.03 21.63 -22.58
N VAL B 134 -11.35 21.46 -22.57
CA VAL B 134 -12.02 20.69 -23.63
C VAL B 134 -11.81 21.37 -24.98
N ASN B 135 -12.11 22.67 -25.06
CA ASN B 135 -12.02 23.40 -26.32
C ASN B 135 -10.57 23.54 -26.77
N GLU B 136 -9.64 23.71 -25.83
CA GLU B 136 -8.23 23.85 -26.19
C GLU B 136 -7.68 22.53 -26.72
N VAL B 137 -8.09 21.41 -26.13
CA VAL B 137 -7.64 20.11 -26.61
C VAL B 137 -8.22 19.83 -27.99
N ALA B 138 -9.50 20.14 -28.20
CA ALA B 138 -10.14 19.86 -29.48
C ALA B 138 -9.38 20.53 -30.63
N ARG B 139 -8.96 21.78 -30.44
CA ARG B 139 -8.19 22.47 -31.47
C ARG B 139 -6.86 21.77 -31.74
N ALA B 140 -6.19 21.32 -30.68
CA ALA B 140 -4.90 20.66 -30.86
C ALA B 140 -5.05 19.29 -31.54
N VAL B 141 -6.17 18.60 -31.28
CA VAL B 141 -6.42 17.34 -31.97
C VAL B 141 -6.60 17.57 -33.46
N LYS B 142 -7.33 18.62 -33.83
CA LYS B 142 -7.47 18.97 -35.23
C LYS B 142 -6.13 19.34 -35.85
N GLU B 143 -5.27 20.02 -35.09
CA GLU B 143 -3.94 20.37 -35.58
C GLU B 143 -3.09 19.12 -35.78
N ALA B 144 -3.13 18.19 -34.84
CA ALA B 144 -2.35 16.97 -35.01
C ALA B 144 -2.94 16.07 -36.09
N MET B 145 -4.26 16.17 -36.31
CA MET B 145 -4.88 15.38 -37.37
C MET B 145 -4.35 15.79 -38.74
N LYS B 146 -4.33 17.09 -39.02
CA LYS B 146 -3.79 17.55 -40.30
C LYS B 146 -2.28 17.42 -40.35
N ASP B 147 -1.62 17.48 -39.19
CA ASP B 147 -0.19 17.20 -39.13
C ASP B 147 0.10 15.76 -39.55
N ALA B 148 -0.81 14.84 -39.28
CA ALA B 148 -0.69 13.44 -39.69
C ALA B 148 -1.20 13.19 -41.09
N GLN B 149 -1.72 14.22 -41.77
CA GLN B 149 -2.27 14.10 -43.12
C GLN B 149 -3.43 13.09 -43.13
N ILE B 150 -4.33 13.25 -42.17
CA ILE B 150 -5.53 12.43 -42.04
C ILE B 150 -6.72 13.36 -42.23
N ASP B 151 -7.56 13.05 -43.22
CA ASP B 151 -8.71 13.87 -43.57
C ASP B 151 -9.99 13.38 -42.91
N ASP B 152 -10.25 12.08 -42.95
CA ASP B 152 -11.47 11.52 -42.40
C ASP B 152 -11.26 11.19 -40.94
N PRO B 153 -12.04 11.75 -40.01
CA PRO B 153 -11.86 11.40 -38.60
C PRO B 153 -12.13 9.94 -38.31
N ARG B 154 -12.80 9.22 -39.21
CA ARG B 154 -12.99 7.79 -39.07
C ARG B 154 -11.66 7.03 -39.15
N ASP B 155 -10.64 7.62 -39.76
CA ASP B 155 -9.33 7.01 -39.89
C ASP B 155 -8.44 7.29 -38.70
N VAL B 156 -8.95 7.97 -37.68
CA VAL B 156 -8.24 8.15 -36.43
C VAL B 156 -8.66 7.01 -35.51
N HIS B 157 -7.66 6.26 -35.03
CA HIS B 157 -7.93 5.08 -34.22
C HIS B 157 -7.41 5.21 -32.80
N PHE B 158 -6.61 6.23 -32.49
CA PHE B 158 -6.07 6.38 -31.15
C PHE B 158 -5.55 7.80 -31.00
N VAL B 159 -5.99 8.48 -29.95
CA VAL B 159 -5.53 9.83 -29.62
C VAL B 159 -4.98 9.75 -28.20
N GLN B 160 -3.66 9.67 -28.07
CA GLN B 160 -3.01 9.60 -26.77
C GLN B 160 -2.71 11.02 -26.30
N ILE B 161 -3.05 11.31 -25.05
CA ILE B 161 -2.92 12.65 -24.49
C ILE B 161 -2.27 12.54 -23.10
N LYS B 162 -1.36 13.48 -22.83
CA LYS B 162 -0.84 13.72 -21.48
C LYS B 162 -1.38 15.06 -21.02
N CYS B 163 -1.99 15.09 -19.85
CA CYS B 163 -2.67 16.27 -19.33
C CYS B 163 -2.18 16.54 -17.91
N PRO B 164 -2.34 17.77 -17.42
CA PRO B 164 -1.85 18.12 -16.09
C PRO B 164 -2.80 17.68 -14.98
N LEU B 165 -2.42 18.02 -13.76
CA LEU B 165 -3.22 17.76 -12.57
C LEU B 165 -3.12 18.96 -11.64
N LEU B 166 -3.78 18.88 -10.50
CA LEU B 166 -3.75 19.96 -9.52
C LEU B 166 -2.92 19.54 -8.31
N THR B 167 -2.05 20.44 -7.87
CA THR B 167 -1.30 20.30 -6.62
C THR B 167 -1.78 21.35 -5.64
N ALA B 168 -1.36 21.19 -4.39
CA ALA B 168 -1.74 22.15 -3.35
C ALA B 168 -1.26 23.56 -3.68
N GLU B 169 -0.08 23.68 -4.31
CA GLU B 169 0.45 25.00 -4.63
C GLU B 169 -0.35 25.66 -5.75
N ARG B 170 -0.76 24.89 -6.75
CA ARG B 170 -1.52 25.45 -7.87
C ARG B 170 -2.93 25.86 -7.44
N ILE B 171 -3.51 25.16 -6.46
CA ILE B 171 -4.82 25.54 -5.95
C ILE B 171 -4.75 26.86 -5.20
N GLU B 172 -3.67 27.08 -4.45
CA GLU B 172 -3.50 28.36 -3.77
C GLU B 172 -3.31 29.49 -4.77
N ASP B 173 -2.61 29.24 -5.88
CA ASP B 173 -2.43 30.27 -6.89
C ASP B 173 -3.77 30.70 -7.48
N ALA B 174 -4.59 29.73 -7.87
CA ALA B 174 -5.93 30.03 -8.36
C ALA B 174 -6.76 30.74 -7.30
N LYS B 175 -6.60 30.36 -6.03
CA LYS B 175 -7.31 31.02 -4.95
C LYS B 175 -6.83 32.46 -4.77
N ARG B 176 -5.52 32.66 -4.80
CA ARG B 176 -4.97 34.01 -4.66
C ARG B 176 -5.46 34.93 -5.77
N ARG B 177 -5.73 34.38 -6.95
CA ARG B 177 -6.22 35.17 -8.09
C ARG B 177 -7.74 35.26 -8.13
N GLY B 178 -8.42 34.82 -7.07
CA GLY B 178 -9.87 34.90 -7.03
C GLY B 178 -10.59 33.82 -7.81
N LYS B 179 -9.91 32.75 -8.17
CA LYS B 179 -10.50 31.66 -8.94
C LYS B 179 -10.70 30.42 -8.06
N ASP B 180 -11.65 29.58 -8.47
CA ASP B 180 -11.92 28.32 -7.82
C ASP B 180 -11.62 27.19 -8.80
N VAL B 181 -11.13 26.07 -8.27
CA VAL B 181 -10.75 24.94 -9.10
C VAL B 181 -11.92 23.97 -9.24
N VAL B 182 -11.83 23.03 -10.18
CA VAL B 182 -12.96 22.14 -10.44
C VAL B 182 -13.16 21.19 -9.27
N VAL B 183 -12.10 20.82 -8.56
CA VAL B 183 -12.21 19.94 -7.40
C VAL B 183 -11.00 20.20 -6.52
N ASN B 184 -11.20 20.12 -5.21
CA ASN B 184 -10.15 20.38 -4.23
C ASN B 184 -9.38 19.13 -3.83
N ASP B 185 -9.28 18.14 -4.72
CA ASP B 185 -8.61 16.88 -4.47
C ASP B 185 -7.62 16.61 -5.59
N THR B 186 -6.34 16.39 -5.22
CA THR B 186 -5.31 16.22 -6.24
C THR B 186 -5.56 14.96 -7.07
N TYR B 187 -5.89 13.84 -6.42
CA TYR B 187 -6.15 12.61 -7.14
C TYR B 187 -7.36 12.71 -8.05
N LYS B 188 -8.47 13.28 -7.55
CA LYS B 188 -9.65 13.40 -8.39
C LYS B 188 -9.45 14.44 -9.49
N SER B 189 -8.54 15.38 -9.31
CA SER B 189 -8.26 16.34 -10.38
C SER B 189 -7.65 15.64 -11.60
N MET B 190 -6.96 14.51 -11.39
CA MET B 190 -6.46 13.75 -12.53
C MET B 190 -7.61 13.20 -13.35
N ALA B 191 -8.69 12.78 -12.68
CA ALA B 191 -9.87 12.28 -13.39
C ALA B 191 -10.55 13.40 -14.17
N TYR B 192 -10.71 14.57 -13.55
CA TYR B 192 -11.32 15.68 -14.28
C TYR B 192 -10.46 16.11 -15.46
N SER B 193 -9.15 16.11 -15.28
CA SER B 193 -8.26 16.49 -16.36
C SER B 193 -8.29 15.46 -17.49
N ARG B 194 -8.33 14.17 -17.13
CA ARG B 194 -8.45 13.12 -18.13
C ARG B 194 -9.77 13.19 -18.86
N GLY B 195 -10.86 13.45 -18.13
CA GLY B 195 -12.17 13.47 -18.76
C GLY B 195 -12.36 14.65 -19.70
N ALA B 196 -11.96 15.84 -19.27
CA ALA B 196 -12.08 17.02 -20.12
C ALA B 196 -11.27 16.86 -21.39
N SER B 197 -10.06 16.31 -21.30
CA SER B 197 -9.24 16.09 -22.48
C SER B 197 -9.88 15.06 -23.40
N ALA B 198 -10.47 14.01 -22.82
CA ALA B 198 -11.12 13.00 -23.65
C ALA B 198 -12.32 13.58 -24.38
N LEU B 199 -13.11 14.40 -23.70
CA LEU B 199 -14.23 15.06 -24.37
C LEU B 199 -13.74 16.00 -25.47
N GLY B 200 -12.55 16.58 -25.29
CA GLY B 200 -11.98 17.38 -26.37
C GLY B 200 -11.70 16.57 -27.61
N VAL B 201 -11.31 15.31 -27.44
CA VAL B 201 -11.09 14.42 -28.58
C VAL B 201 -12.41 14.12 -29.28
N ALA B 202 -13.42 13.72 -28.51
CA ALA B 202 -14.72 13.40 -29.10
C ALA B 202 -15.31 14.61 -29.80
N LEU B 203 -15.11 15.80 -29.23
CA LEU B 203 -15.58 17.02 -29.88
C LEU B 203 -14.83 17.26 -31.18
N ALA B 204 -13.51 17.11 -31.17
CA ALA B 204 -12.72 17.38 -32.37
C ALA B 204 -13.03 16.39 -33.47
N LEU B 205 -13.22 15.13 -33.14
CA LEU B 205 -13.46 14.08 -34.11
C LEU B 205 -14.93 13.93 -34.48
N GLY B 206 -15.81 14.73 -33.91
CA GLY B 206 -17.22 14.59 -34.24
C GLY B 206 -17.87 13.37 -33.66
N GLU B 207 -17.30 12.80 -32.60
CA GLU B 207 -17.93 11.64 -31.97
C GLU B 207 -19.14 12.06 -31.15
N ILE B 208 -19.11 13.26 -30.57
CA ILE B 208 -20.24 13.85 -29.89
C ILE B 208 -20.35 15.30 -30.34
N SER B 209 -21.58 15.81 -30.37
CA SER B 209 -21.83 17.17 -30.79
C SER B 209 -21.58 18.15 -29.66
N ALA B 210 -21.24 19.40 -30.02
CA ALA B 210 -20.80 20.37 -29.03
C ALA B 210 -21.90 20.77 -28.07
N ASP B 211 -23.16 20.74 -28.49
CA ASP B 211 -24.26 21.15 -27.62
C ASP B 211 -24.46 20.21 -26.45
N LYS B 212 -23.83 19.03 -26.45
CA LYS B 212 -23.96 18.10 -25.35
C LYS B 212 -22.88 18.27 -24.29
N ILE B 213 -21.79 18.97 -24.59
CA ILE B 213 -20.67 19.12 -23.68
C ILE B 213 -20.86 20.38 -22.85
N SER B 214 -20.58 20.28 -21.55
CA SER B 214 -20.63 21.42 -20.64
C SER B 214 -19.82 21.07 -19.40
N ASN B 215 -19.62 22.08 -18.54
CA ASN B 215 -18.86 21.87 -17.31
C ASN B 215 -19.56 20.87 -16.39
N GLU B 216 -20.89 20.90 -16.34
CA GLU B 216 -21.62 19.99 -15.46
C GLU B 216 -21.61 18.56 -15.97
N ALA B 217 -21.41 18.35 -17.27
CA ALA B 217 -21.38 16.99 -17.82
C ALA B 217 -20.03 16.32 -17.63
N ILE B 218 -18.96 17.09 -17.42
CA ILE B 218 -17.62 16.52 -17.30
C ILE B 218 -17.54 15.67 -16.04
N CYS B 219 -17.18 14.39 -16.22
CA CYS B 219 -17.11 13.40 -15.14
C CYS B 219 -18.47 13.17 -14.47
N HIS B 220 -19.55 13.31 -15.23
CA HIS B 220 -20.88 13.02 -14.70
C HIS B 220 -21.68 12.25 -15.72
N ASP B 221 -21.69 12.71 -16.97
CA ASP B 221 -22.50 12.10 -18.03
C ASP B 221 -21.63 11.07 -18.73
N TRP B 222 -21.70 9.82 -18.27
CA TRP B 222 -20.88 8.76 -18.84
C TRP B 222 -21.41 8.24 -20.16
N ASN B 223 -22.53 8.76 -20.65
CA ASN B 223 -22.96 8.44 -22.00
C ASN B 223 -22.11 9.19 -23.03
N LEU B 224 -21.44 10.27 -22.63
CA LEU B 224 -20.56 11.01 -23.52
C LEU B 224 -19.16 10.43 -23.41
N TYR B 225 -18.69 9.80 -24.47
CA TYR B 225 -17.34 9.27 -24.43
C TYR B 225 -16.79 9.17 -25.85
N SER B 226 -15.47 9.22 -25.94
CA SER B 226 -14.75 8.99 -27.18
C SER B 226 -14.37 7.52 -27.26
N SER B 227 -14.30 7.02 -28.50
CA SER B 227 -13.98 5.63 -28.75
C SER B 227 -12.51 5.42 -29.13
N VAL B 228 -11.69 6.47 -29.13
CA VAL B 228 -10.29 6.36 -29.52
C VAL B 228 -9.40 7.16 -28.57
N ALA B 229 -10.02 7.94 -27.68
CA ALA B 229 -9.25 8.81 -26.79
C ALA B 229 -8.58 8.01 -25.68
N SER B 230 -7.37 8.44 -25.31
CA SER B 230 -6.60 7.79 -24.25
C SER B 230 -5.80 8.88 -23.54
N THR B 231 -6.22 9.23 -22.33
CA THR B 231 -5.64 10.37 -21.63
C THR B 231 -5.00 9.93 -20.33
N SER B 232 -3.92 10.63 -19.96
CA SER B 232 -3.12 10.28 -18.79
C SER B 232 -2.63 11.55 -18.11
N ALA B 233 -2.80 11.63 -16.80
CA ALA B 233 -2.47 12.83 -16.04
C ALA B 233 -1.08 12.71 -15.43
N GLY B 234 -0.43 13.86 -15.25
CA GLY B 234 0.92 13.89 -14.71
C GLY B 234 1.23 15.23 -14.12
N VAL B 235 2.08 15.23 -13.09
CA VAL B 235 2.47 16.48 -12.45
C VAL B 235 3.56 17.21 -13.24
N GLU B 236 4.23 16.53 -14.16
CA GLU B 236 5.43 17.04 -14.81
C GLU B 236 5.14 17.98 -15.98
N LEU B 237 3.88 18.30 -16.27
CA LEU B 237 3.57 19.18 -17.38
C LEU B 237 2.34 20.02 -17.02
N LEU B 238 2.25 21.20 -17.63
CA LEU B 238 1.19 22.16 -17.36
C LEU B 238 0.24 22.34 -18.53
N ASN B 239 0.47 21.64 -19.65
CA ASN B 239 -0.41 21.72 -20.80
C ASN B 239 -0.85 20.31 -21.21
N ASP B 240 -1.43 20.17 -22.40
CA ASP B 240 -1.81 18.89 -22.94
C ASP B 240 -0.95 18.59 -24.17
N GLU B 241 -0.37 17.39 -24.22
CA GLU B 241 0.36 16.91 -25.38
C GLU B 241 -0.49 15.86 -26.07
N ILE B 242 -0.67 16.00 -27.38
CA ILE B 242 -1.58 15.15 -28.15
C ILE B 242 -0.79 14.38 -29.20
N ILE B 243 -1.04 13.07 -29.27
CA ILE B 243 -0.52 12.19 -30.30
C ILE B 243 -1.72 11.59 -31.01
N VAL B 244 -1.93 11.98 -32.26
CA VAL B 244 -2.97 11.39 -33.09
C VAL B 244 -2.33 10.26 -33.91
N VAL B 245 -2.92 9.06 -33.82
CA VAL B 245 -2.44 7.88 -34.52
C VAL B 245 -3.57 7.34 -35.36
N GLY B 246 -3.33 7.17 -36.66
CA GLY B 246 -4.34 6.67 -37.55
C GLY B 246 -3.73 6.12 -38.82
N ASN B 247 -4.55 6.09 -39.87
CA ASN B 247 -4.13 5.61 -41.18
C ASN B 247 -4.48 6.65 -42.24
N SER B 248 -3.58 6.84 -43.20
CA SER B 248 -3.73 7.85 -44.24
C SER B 248 -3.37 7.27 -45.59
N THR B 249 -4.06 7.76 -46.63
CA THR B 249 -3.73 7.38 -48.00
C THR B 249 -2.37 7.90 -48.43
N ASN B 250 -1.89 8.95 -47.78
CA ASN B 250 -0.59 9.56 -48.10
C ASN B 250 0.48 9.04 -47.17
N SER B 251 0.62 7.71 -47.11
CA SER B 251 1.57 7.09 -46.20
C SER B 251 2.27 5.92 -46.85
N ALA B 252 3.58 5.82 -46.60
CA ALA B 252 4.40 4.72 -47.06
C ALA B 252 4.78 3.79 -45.91
N SER B 253 4.03 3.85 -44.80
CA SER B 253 4.35 3.06 -43.63
C SER B 253 4.13 1.58 -43.90
N ASP B 254 4.97 0.74 -43.28
CA ASP B 254 4.77 -0.70 -43.28
C ASP B 254 3.86 -1.15 -42.13
N LEU B 255 3.12 -0.22 -41.54
CA LEU B 255 2.28 -0.49 -40.39
C LEU B 255 0.88 0.07 -40.61
N VAL B 256 -0.09 -0.50 -39.89
CA VAL B 256 -1.44 0.03 -39.79
C VAL B 256 -1.86 -0.02 -38.33
N ILE B 257 -2.93 0.72 -38.00
CA ILE B 257 -3.50 0.70 -36.67
C ILE B 257 -5.00 0.44 -36.80
N GLY B 258 -5.50 -0.50 -35.99
CA GLY B 258 -6.92 -0.72 -35.82
C GLY B 258 -7.29 -0.51 -34.36
N HIS B 259 -8.59 -0.56 -34.09
CA HIS B 259 -9.03 -0.34 -32.72
C HIS B 259 -10.40 -0.95 -32.49
N SER B 260 -10.71 -1.13 -31.21
CA SER B 260 -12.04 -1.49 -30.74
C SER B 260 -12.26 -0.77 -29.42
N VAL B 261 -13.33 -1.12 -28.72
CA VAL B 261 -13.64 -0.53 -27.42
C VAL B 261 -14.01 -1.67 -26.47
N MET B 262 -13.28 -1.79 -25.38
CA MET B 262 -13.63 -2.76 -24.35
C MET B 262 -14.88 -2.32 -23.63
N LYS B 263 -15.88 -3.19 -23.57
CA LYS B 263 -17.10 -2.81 -22.85
C LYS B 263 -16.92 -2.91 -21.34
N ASP B 264 -16.01 -3.78 -20.88
CA ASP B 264 -15.66 -3.87 -19.46
C ASP B 264 -14.22 -4.33 -19.35
N ALA B 265 -13.75 -4.56 -18.12
CA ALA B 265 -12.34 -4.84 -17.89
C ALA B 265 -11.92 -6.21 -18.41
N ILE B 266 -12.86 -7.13 -18.59
CA ILE B 266 -12.51 -8.49 -19.02
C ILE B 266 -13.00 -8.76 -20.44
N ASP B 267 -13.22 -7.72 -21.24
CA ASP B 267 -13.74 -7.88 -22.59
C ASP B 267 -12.60 -8.33 -23.51
N ALA B 268 -12.36 -9.64 -23.49
CA ALA B 268 -11.34 -10.20 -24.38
C ALA B 268 -11.79 -10.17 -25.83
N ASP B 269 -13.10 -10.21 -26.09
CA ASP B 269 -13.59 -10.12 -27.45
C ASP B 269 -13.20 -8.80 -28.10
N ALA B 270 -13.24 -7.70 -27.33
CA ALA B 270 -12.83 -6.41 -27.87
C ALA B 270 -11.36 -6.39 -28.23
N VAL B 271 -10.54 -7.12 -27.47
CA VAL B 271 -9.12 -7.24 -27.80
C VAL B 271 -8.95 -7.92 -29.15
N ARG B 272 -9.70 -9.00 -29.38
CA ARG B 272 -9.62 -9.69 -30.65
C ARG B 272 -10.19 -8.84 -31.79
N ALA B 273 -11.23 -8.06 -31.50
CA ALA B 273 -11.78 -7.17 -32.51
C ALA B 273 -10.76 -6.12 -32.93
N ALA B 274 -10.01 -5.57 -31.96
CA ALA B 274 -8.97 -4.60 -32.29
C ALA B 274 -7.86 -5.24 -33.11
N LEU B 275 -7.54 -6.49 -32.83
CA LEU B 275 -6.51 -7.18 -33.61
C LEU B 275 -6.94 -7.34 -35.05
N LYS B 276 -8.17 -7.81 -35.26
CA LYS B 276 -8.67 -8.01 -36.62
C LYS B 276 -8.81 -6.71 -37.37
N ASP B 277 -9.24 -5.65 -36.68
CA ASP B 277 -9.31 -4.34 -37.33
C ASP B 277 -7.94 -3.85 -37.78
N ALA B 278 -6.87 -4.35 -37.17
CA ALA B 278 -5.52 -3.99 -37.54
C ALA B 278 -4.91 -4.98 -38.53
N GLY B 279 -5.66 -5.99 -38.96
CA GLY B 279 -5.18 -6.93 -39.96
C GLY B 279 -4.66 -8.23 -39.41
N ILE B 280 -4.72 -8.45 -38.10
CA ILE B 280 -4.25 -9.70 -37.50
C ILE B 280 -5.48 -10.56 -37.27
N ARG B 281 -5.63 -11.62 -38.06
CA ARG B 281 -6.84 -12.41 -38.08
C ARG B 281 -6.65 -13.85 -37.59
N SER B 282 -5.48 -14.18 -37.04
CA SER B 282 -5.24 -15.52 -36.52
C SER B 282 -4.17 -15.46 -35.44
N ASP B 283 -4.09 -16.53 -34.64
CA ASP B 283 -3.12 -16.53 -33.54
C ASP B 283 -1.68 -16.57 -34.06
N ASP B 284 -1.46 -17.16 -35.23
CA ASP B 284 -0.11 -17.23 -35.76
C ASP B 284 0.37 -15.87 -36.25
N GLU B 285 -0.55 -14.96 -36.56
CA GLU B 285 -0.20 -13.63 -37.05
C GLU B 285 -0.03 -12.59 -35.96
N MET B 286 -0.10 -12.98 -34.68
CA MET B 286 0.07 -12.01 -33.61
C MET B 286 1.51 -11.54 -33.47
N ASP B 287 2.47 -12.20 -34.13
CA ASP B 287 3.84 -11.73 -34.12
C ASP B 287 3.99 -10.41 -34.85
N ARG B 288 2.98 -10.00 -35.62
CA ARG B 288 2.99 -8.72 -36.31
C ARG B 288 2.60 -7.56 -35.41
N ILE B 289 2.30 -7.82 -34.13
CA ILE B 289 1.96 -6.75 -33.20
C ILE B 289 3.20 -5.92 -32.91
N VAL B 290 3.10 -4.62 -33.10
CA VAL B 290 4.12 -3.71 -32.59
C VAL B 290 3.84 -3.35 -31.15
N ASN B 291 2.60 -2.92 -30.86
CA ASN B 291 2.17 -2.72 -29.49
C ASN B 291 0.66 -2.68 -29.46
N VAL B 292 0.11 -2.93 -28.28
CA VAL B 292 -1.32 -2.82 -27.99
C VAL B 292 -1.47 -1.71 -26.96
N LEU B 293 -2.42 -0.80 -27.21
CA LEU B 293 -2.63 0.37 -26.36
C LEU B 293 -4.09 0.43 -25.95
N ALA B 294 -4.35 0.48 -24.65
CA ALA B 294 -5.71 0.39 -24.14
C ALA B 294 -5.88 1.21 -22.86
N LYS B 295 -7.13 1.60 -22.59
CA LYS B 295 -7.51 2.27 -21.37
C LYS B 295 -8.25 1.31 -20.44
N ALA B 296 -8.11 1.53 -19.14
CA ALA B 296 -8.72 0.68 -18.13
C ALA B 296 -9.27 1.53 -17.00
N GLU B 297 -10.34 1.06 -16.38
CA GLU B 297 -10.89 1.78 -15.23
C GLU B 297 -11.78 0.85 -14.42
N ALA B 298 -12.00 1.23 -13.17
CA ALA B 298 -12.95 0.55 -12.32
C ALA B 298 -14.34 1.10 -12.58
N ALA B 299 -15.29 0.21 -12.86
CA ALA B 299 -16.64 0.66 -13.15
C ALA B 299 -17.24 1.30 -11.91
N SER B 300 -17.96 2.41 -12.11
CA SER B 300 -18.55 3.12 -10.98
C SER B 300 -19.58 2.26 -10.26
N SER B 301 -20.11 1.22 -10.91
CA SER B 301 -21.07 0.34 -10.25
C SER B 301 -20.42 -0.57 -9.22
N GLY B 302 -19.09 -0.64 -9.16
CA GLY B 302 -18.43 -1.56 -8.25
C GLY B 302 -18.59 -3.01 -8.59
N THR B 303 -19.03 -3.32 -9.81
CA THR B 303 -19.25 -4.69 -10.25
C THR B 303 -18.68 -4.86 -11.66
N VAL B 304 -18.50 -6.12 -12.03
CA VAL B 304 -18.16 -6.51 -13.40
C VAL B 304 -19.10 -7.64 -13.77
N ARG B 305 -20.01 -7.39 -14.71
CA ARG B 305 -20.99 -8.37 -15.15
C ARG B 305 -21.75 -8.94 -13.95
N GLY B 306 -22.20 -8.03 -13.08
CA GLY B 306 -22.99 -8.43 -11.92
C GLY B 306 -22.21 -9.04 -10.77
N ARG B 307 -20.89 -9.04 -10.83
CA ARG B 307 -20.05 -9.62 -9.79
C ARG B 307 -19.33 -8.50 -9.05
N ARG B 308 -19.55 -8.42 -7.75
CA ARG B 308 -18.91 -7.38 -6.93
C ARG B 308 -17.40 -7.56 -6.91
N ASN B 309 -16.68 -6.44 -6.87
CA ASN B 309 -15.25 -6.43 -6.56
C ASN B 309 -14.97 -5.28 -5.61
N THR B 310 -13.73 -5.24 -5.12
CA THR B 310 -13.35 -4.34 -4.04
C THR B 310 -12.52 -3.14 -4.52
N MET B 311 -12.50 -2.86 -5.82
CA MET B 311 -11.62 -1.80 -6.32
C MET B 311 -11.99 -0.43 -5.76
N LEU B 312 -13.28 -0.11 -5.71
CA LEU B 312 -13.68 1.21 -5.21
C LEU B 312 -13.70 1.28 -3.68
N ASP B 313 -13.58 0.13 -3.00
CA ASP B 313 -13.55 0.08 -1.55
C ASP B 313 -12.17 -0.16 -0.99
N ASP B 314 -11.22 -0.58 -1.81
CA ASP B 314 -9.89 -0.92 -1.31
C ASP B 314 -9.13 0.35 -0.98
N SER B 315 -8.94 0.59 0.32
CA SER B 315 -8.18 1.76 0.75
C SER B 315 -6.67 1.55 0.69
N ASP B 316 -6.21 0.32 0.43
CA ASP B 316 -4.78 0.05 0.37
C ASP B 316 -4.21 0.18 -1.03
N ILE B 317 -4.99 -0.16 -2.05
CA ILE B 317 -4.53 -0.13 -3.44
C ILE B 317 -5.51 0.74 -4.22
N ASN B 318 -5.02 1.82 -4.79
CA ASN B 318 -5.85 2.71 -5.59
C ASN B 318 -6.45 1.95 -6.77
N HIS B 319 -7.72 2.28 -7.08
CA HIS B 319 -8.45 1.49 -8.07
C HIS B 319 -7.89 1.64 -9.48
N THR B 320 -7.20 2.73 -9.79
CA THR B 320 -6.58 2.83 -11.11
C THR B 320 -5.41 1.86 -11.25
N ARG B 321 -4.72 1.55 -10.14
CA ARG B 321 -3.68 0.54 -10.18
C ARG B 321 -4.27 -0.84 -10.45
N SER B 322 -5.36 -1.17 -9.78
CA SER B 322 -6.01 -2.47 -9.99
C SER B 322 -6.51 -2.61 -11.43
N ALA B 323 -7.12 -1.55 -11.96
CA ALA B 323 -7.67 -1.61 -13.31
C ALA B 323 -6.59 -1.87 -14.33
N ARG B 324 -5.42 -1.23 -14.17
CA ARG B 324 -4.32 -1.47 -15.10
C ARG B 324 -3.85 -2.92 -15.03
N ALA B 325 -3.74 -3.48 -13.83
CA ALA B 325 -3.27 -4.85 -13.70
C ALA B 325 -4.23 -5.82 -14.37
N VAL B 326 -5.54 -5.57 -14.22
CA VAL B 326 -6.55 -6.47 -14.76
C VAL B 326 -6.52 -6.47 -16.27
N VAL B 327 -6.66 -5.28 -16.88
CA VAL B 327 -6.78 -5.17 -18.33
C VAL B 327 -5.49 -5.57 -19.02
N ASN B 328 -4.34 -5.22 -18.43
CA ASN B 328 -3.07 -5.71 -18.98
C ASN B 328 -3.01 -7.23 -18.95
N ALA B 329 -3.44 -7.83 -17.84
CA ALA B 329 -3.47 -9.29 -17.76
C ALA B 329 -4.39 -9.89 -18.81
N VAL B 330 -5.54 -9.25 -19.06
CA VAL B 330 -6.47 -9.75 -20.07
C VAL B 330 -5.85 -9.69 -21.45
N ILE B 331 -5.26 -8.55 -21.80
CA ILE B 331 -4.63 -8.40 -23.12
C ILE B 331 -3.47 -9.37 -23.27
N ALA B 332 -2.68 -9.55 -22.21
CA ALA B 332 -1.54 -10.46 -22.27
C ALA B 332 -1.98 -11.88 -22.55
N SER B 333 -3.10 -12.30 -21.95
CA SER B 333 -3.61 -13.65 -22.16
C SER B 333 -4.08 -13.85 -23.60
N VAL B 334 -4.40 -12.79 -24.32
CA VAL B 334 -4.84 -12.91 -25.70
C VAL B 334 -3.66 -12.92 -26.67
N VAL B 335 -2.72 -11.99 -26.47
CA VAL B 335 -1.60 -11.83 -27.39
C VAL B 335 -0.33 -12.54 -26.92
N GLY B 336 -0.32 -13.09 -25.71
CA GLY B 336 0.85 -13.79 -25.21
C GLY B 336 2.03 -12.93 -24.83
N ASP B 337 1.81 -11.64 -24.57
CA ASP B 337 2.90 -10.72 -24.27
C ASP B 337 2.41 -9.68 -23.28
N PRO B 338 3.01 -9.60 -22.09
CA PRO B 338 2.58 -8.58 -21.11
C PRO B 338 3.14 -7.20 -21.39
N MET B 339 4.03 -7.04 -22.37
CA MET B 339 4.62 -5.72 -22.64
C MET B 339 3.72 -4.95 -23.60
N VAL B 340 2.57 -4.52 -23.06
CA VAL B 340 1.62 -3.73 -23.81
C VAL B 340 1.23 -2.51 -22.97
N TYR B 341 0.77 -1.46 -23.66
CA TYR B 341 0.46 -0.20 -23.01
C TYR B 341 -0.97 -0.23 -22.49
N VAL B 342 -1.12 -0.11 -21.17
CA VAL B 342 -2.44 -0.01 -20.54
C VAL B 342 -2.42 1.18 -19.58
N SER B 343 -3.39 2.07 -19.75
CA SER B 343 -3.49 3.28 -18.93
C SER B 343 -4.79 3.27 -18.14
N GLY B 344 -4.71 3.72 -16.87
CA GLY B 344 -5.85 3.70 -15.99
C GLY B 344 -6.63 5.01 -15.97
N GLY B 345 -7.85 4.93 -15.46
CA GLY B 345 -8.73 6.10 -15.42
C GLY B 345 -9.28 6.42 -16.79
N ALA B 346 -10.46 5.90 -17.11
CA ALA B 346 -10.98 6.03 -18.46
C ALA B 346 -12.21 6.91 -18.51
N GLU B 347 -12.15 8.08 -17.88
CA GLU B 347 -13.29 8.99 -17.88
C GLU B 347 -13.58 9.47 -19.30
N HIS B 348 -14.80 9.22 -19.77
CA HIS B 348 -15.25 9.57 -21.11
C HIS B 348 -14.40 8.93 -22.20
N GLN B 349 -13.77 7.81 -21.87
CA GLN B 349 -12.98 7.01 -22.81
C GLN B 349 -13.59 5.61 -22.80
N GLY B 350 -14.42 5.32 -23.81
CA GLY B 350 -15.22 4.12 -23.79
C GLY B 350 -16.32 4.26 -22.75
N PRO B 351 -17.13 3.23 -22.59
CA PRO B 351 -18.21 3.31 -21.60
C PRO B 351 -17.66 3.34 -20.19
N ASP B 352 -18.54 3.58 -19.24
CA ASP B 352 -18.19 3.50 -17.83
C ASP B 352 -17.72 2.08 -17.49
N GLY B 353 -16.46 1.97 -17.08
CA GLY B 353 -15.85 0.69 -16.82
C GLY B 353 -15.15 0.07 -18.00
N GLY B 354 -15.21 0.71 -19.17
CA GLY B 354 -14.51 0.23 -20.34
C GLY B 354 -13.54 1.27 -20.87
N GLY B 355 -13.01 1.05 -22.06
CA GLY B 355 -12.05 1.96 -22.64
C GLY B 355 -11.62 1.55 -24.03
N PRO B 356 -11.12 2.51 -24.81
CA PRO B 356 -10.64 2.20 -26.16
C PRO B 356 -9.41 1.31 -26.11
N ILE B 357 -9.27 0.48 -27.12
CA ILE B 357 -8.09 -0.38 -27.28
C ILE B 357 -7.69 -0.38 -28.74
N ALA B 358 -6.44 -0.03 -29.01
CA ALA B 358 -5.91 0.00 -30.36
C ALA B 358 -4.71 -0.92 -30.46
N VAL B 359 -4.49 -1.42 -31.68
CA VAL B 359 -3.38 -2.33 -31.99
C VAL B 359 -2.64 -1.75 -33.18
N ILE B 360 -1.31 -1.63 -33.05
CA ILE B 360 -0.44 -1.26 -34.14
C ILE B 360 0.23 -2.54 -34.64
N ALA B 361 0.08 -2.82 -35.94
CA ALA B 361 0.51 -4.09 -36.50
C ALA B 361 1.27 -3.87 -37.80
N ARG B 362 2.20 -4.78 -38.07
CA ARG B 362 2.91 -4.77 -39.35
C ARG B 362 1.98 -5.31 -40.44
N VAL B 363 2.28 -4.91 -41.68
CA VAL B 363 1.51 -5.40 -42.83
C VAL B 363 2.42 -6.14 -43.80
N HIS C 1 -26.50 7.27 47.33
CA HIS C 1 -25.90 6.46 46.27
C HIS C 1 -25.50 7.32 45.07
N MET C 2 -24.32 7.06 44.50
CA MET C 2 -23.89 7.77 43.31
C MET C 2 -23.39 6.80 42.25
N GLN C 3 -22.77 7.34 41.20
CA GLN C 3 -22.18 6.50 40.17
C GLN C 3 -20.67 6.44 40.40
N LYS C 4 -20.10 5.29 40.07
CA LYS C 4 -18.65 5.11 40.09
C LYS C 4 -18.24 4.49 38.79
N VAL C 5 -17.41 5.21 38.04
CA VAL C 5 -16.91 4.74 36.75
C VAL C 5 -15.51 4.20 36.94
N GLU C 6 -15.29 2.98 36.49
CA GLU C 6 -13.97 2.38 36.48
C GLU C 6 -13.60 2.11 35.04
N VAL C 7 -12.36 2.41 34.68
CA VAL C 7 -11.89 2.32 33.31
C VAL C 7 -10.66 1.43 33.28
N PHE C 8 -10.66 0.46 32.37
CA PHE C 8 -9.59 -0.53 32.26
C PHE C 8 -9.04 -0.50 30.84
N ARG C 9 -7.75 -0.19 30.72
CA ARG C 9 -7.05 -0.23 29.44
C ARG C 9 -6.38 -1.59 29.31
N ILE C 10 -6.84 -2.40 28.35
CA ILE C 10 -6.49 -3.81 28.26
C ILE C 10 -5.73 -4.05 26.95
N PRO C 11 -4.48 -4.48 26.98
CA PRO C 11 -3.80 -4.82 25.73
C PRO C 11 -4.40 -6.05 25.08
N THR C 12 -4.43 -6.04 23.75
CA THR C 12 -4.99 -7.14 22.98
C THR C 12 -3.92 -7.71 22.05
N ALA C 13 -3.97 -9.04 21.86
CA ALA C 13 -3.06 -9.72 20.95
C ALA C 13 -3.59 -9.82 19.53
N SER C 14 -4.88 -9.58 19.32
CA SER C 14 -5.51 -9.70 18.02
C SER C 14 -6.88 -9.03 18.10
N PRO C 15 -7.56 -8.78 16.97
CA PRO C 15 -8.89 -8.16 17.05
C PRO C 15 -9.88 -8.95 17.89
N ASP C 16 -9.81 -10.28 17.85
CA ASP C 16 -10.74 -11.15 18.55
C ASP C 16 -10.26 -11.55 19.93
N ASP C 17 -9.20 -10.94 20.45
CA ASP C 17 -8.62 -11.34 21.72
C ASP C 17 -9.46 -10.77 22.86
N ILE C 18 -10.13 -11.64 23.62
CA ILE C 18 -10.92 -11.24 24.77
C ILE C 18 -10.31 -11.72 26.08
N SER C 19 -9.09 -12.28 26.04
CA SER C 19 -8.52 -12.91 27.22
C SER C 19 -8.25 -11.90 28.33
N GLY C 20 -7.84 -10.68 27.96
CA GLY C 20 -7.60 -9.66 28.97
C GLY C 20 -8.87 -9.28 29.71
N LEU C 21 -9.97 -9.12 28.98
CA LEU C 21 -11.24 -8.82 29.63
C LEU C 21 -11.72 -10.01 30.45
N ALA C 22 -11.48 -11.23 29.97
CA ALA C 22 -11.91 -12.41 30.72
C ALA C 22 -11.15 -12.56 32.03
N THR C 23 -9.86 -12.21 32.05
CA THR C 23 -9.12 -12.29 33.30
C THR C 23 -9.66 -11.31 34.34
N LEU C 24 -10.01 -10.10 33.90
CA LEU C 24 -10.57 -9.12 34.82
C LEU C 24 -11.96 -9.52 35.29
N ILE C 25 -12.70 -10.28 34.47
CA ILE C 25 -14.01 -10.76 34.89
C ILE C 25 -13.89 -11.95 35.83
N ASP C 26 -13.01 -12.90 35.50
CA ASP C 26 -12.86 -14.09 36.34
C ASP C 26 -12.28 -13.76 37.70
N SER C 27 -11.44 -12.72 37.78
CA SER C 27 -10.93 -12.29 39.08
C SER C 27 -11.93 -11.46 39.86
N GLY C 28 -13.07 -11.11 39.27
CA GLY C 28 -14.06 -10.29 39.94
C GLY C 28 -13.79 -8.80 39.92
N LYS C 29 -12.75 -8.34 39.23
CA LYS C 29 -12.46 -6.92 39.15
C LYS C 29 -13.44 -6.18 38.24
N ILE C 30 -14.11 -6.89 37.34
CA ILE C 30 -15.11 -6.32 36.45
C ILE C 30 -16.36 -7.18 36.53
N ASN C 31 -17.49 -6.55 36.86
CA ASN C 31 -18.79 -7.21 36.76
C ASN C 31 -19.28 -7.01 35.33
N PRO C 32 -19.41 -8.07 34.53
CA PRO C 32 -19.74 -7.88 33.11
C PRO C 32 -21.08 -7.19 32.89
N ALA C 33 -22.02 -7.33 33.83
CA ALA C 33 -23.30 -6.66 33.69
C ALA C 33 -23.20 -5.14 33.85
N GLU C 34 -22.07 -4.64 34.36
CA GLU C 34 -21.87 -3.22 34.59
C GLU C 34 -21.05 -2.55 33.49
N ILE C 35 -20.65 -3.28 32.46
CA ILE C 35 -19.96 -2.69 31.32
C ILE C 35 -20.94 -1.84 30.53
N VAL C 36 -20.59 -0.58 30.30
CA VAL C 36 -21.44 0.32 29.54
C VAL C 36 -20.87 0.68 28.18
N ALA C 37 -19.56 0.54 27.98
CA ALA C 37 -18.94 0.95 26.72
C ALA C 37 -17.56 0.33 26.61
N ILE C 38 -17.16 0.02 25.37
CA ILE C 38 -15.81 -0.46 25.06
C ILE C 38 -15.31 0.31 23.84
N LEU C 39 -14.15 0.96 24.00
CA LEU C 39 -13.50 1.73 22.95
C LEU C 39 -12.18 1.06 22.60
N GLY C 40 -12.07 0.58 21.36
CA GLY C 40 -10.94 -0.23 20.96
C GLY C 40 -10.11 0.41 19.87
N LYS C 41 -8.83 0.03 19.83
CA LYS C 41 -7.95 0.26 18.69
C LYS C 41 -7.68 -1.11 18.08
N THR C 42 -8.16 -1.33 16.87
CA THR C 42 -7.99 -2.61 16.18
C THR C 42 -7.01 -2.45 15.02
N GLU C 43 -6.25 -3.52 14.75
CA GLU C 43 -5.06 -3.41 13.91
C GLU C 43 -5.34 -3.55 12.41
N GLY C 44 -6.55 -3.19 11.98
CA GLY C 44 -6.84 -3.05 10.55
C GLY C 44 -6.29 -1.77 9.99
N ASN C 45 -6.62 -1.49 8.72
CA ASN C 45 -6.09 -0.28 8.10
C ASN C 45 -6.81 0.99 8.55
N GLY C 46 -7.89 0.86 9.31
CA GLY C 46 -8.57 2.04 9.81
C GLY C 46 -9.28 2.86 8.76
N CYS C 47 -9.51 2.30 7.57
CA CYS C 47 -10.16 3.05 6.50
C CYS C 47 -11.47 2.37 6.11
N VAL C 48 -11.73 2.27 4.81
CA VAL C 48 -13.02 1.75 4.35
C VAL C 48 -13.10 0.24 4.58
N ASN C 49 -12.17 -0.49 3.99
CA ASN C 49 -12.17 -1.95 4.05
C ASN C 49 -11.36 -2.46 5.24
N ASP C 50 -11.79 -2.01 6.43
CA ASP C 50 -11.23 -2.47 7.70
C ASP C 50 -12.31 -3.32 8.37
N PHE C 51 -12.10 -4.63 8.38
CA PHE C 51 -13.05 -5.56 8.97
C PHE C 51 -12.64 -6.04 10.35
N THR C 52 -11.50 -5.57 10.86
CA THR C 52 -11.12 -5.86 12.23
C THR C 52 -12.03 -5.16 13.24
N ARG C 53 -12.69 -4.07 12.84
CA ARG C 53 -13.63 -3.40 13.72
C ARG C 53 -14.83 -4.29 14.03
N GLY C 54 -15.49 -4.81 13.00
CA GLY C 54 -16.59 -5.73 13.22
C GLY C 54 -16.15 -7.05 13.83
N PHE C 55 -14.95 -7.53 13.47
CA PHE C 55 -14.40 -8.74 14.07
C PHE C 55 -14.23 -8.56 15.58
N ALA C 56 -13.71 -7.40 16.00
CA ALA C 56 -13.52 -7.15 17.42
C ALA C 56 -14.85 -7.02 18.14
N THR C 57 -15.80 -6.31 17.53
CA THR C 57 -17.12 -6.15 18.14
C THR C 57 -17.85 -7.49 18.25
N GLN C 58 -17.82 -8.29 17.19
CA GLN C 58 -18.49 -9.59 17.22
C GLN C 58 -17.91 -10.48 18.30
N SER C 59 -16.58 -10.48 18.45
CA SER C 59 -15.96 -11.34 19.44
C SER C 59 -16.30 -10.89 20.86
N LEU C 60 -16.31 -9.58 21.10
CA LEU C 60 -16.66 -9.10 22.44
C LEU C 60 -18.13 -9.33 22.75
N ALA C 61 -19.02 -9.06 21.78
CA ALA C 61 -20.44 -9.29 22.01
C ALA C 61 -20.71 -10.77 22.22
N MET C 62 -20.04 -11.63 21.45
CA MET C 62 -20.21 -13.07 21.62
C MET C 62 -19.75 -13.51 23.00
N TYR C 63 -18.64 -12.97 23.49
CA TYR C 63 -18.14 -13.35 24.80
C TYR C 63 -19.07 -12.82 25.91
N LEU C 64 -19.44 -11.54 25.82
CA LEU C 64 -20.28 -10.97 26.87
C LEU C 64 -21.68 -11.58 26.88
N ALA C 65 -22.20 -11.99 25.72
CA ALA C 65 -23.52 -12.62 25.69
C ALA C 65 -23.52 -13.94 26.44
N GLU C 66 -22.47 -14.75 26.25
CA GLU C 66 -22.41 -16.04 26.92
C GLU C 66 -22.13 -15.90 28.42
N LYS C 67 -21.41 -14.85 28.81
CA LYS C 67 -21.18 -14.61 30.24
C LYS C 67 -22.43 -14.08 30.93
N LEU C 68 -23.18 -13.23 30.24
CA LEU C 68 -24.40 -12.66 30.81
C LEU C 68 -25.62 -13.54 30.60
N GLY C 69 -25.51 -14.60 29.80
CA GLY C 69 -26.63 -15.47 29.55
C GLY C 69 -27.72 -14.85 28.71
N ILE C 70 -27.37 -13.90 27.86
CA ILE C 70 -28.30 -13.19 27.01
C ILE C 70 -27.85 -13.32 25.56
N SER C 71 -28.61 -12.71 24.65
CA SER C 71 -28.29 -12.77 23.24
C SER C 71 -27.26 -11.71 22.87
N ARG C 72 -26.60 -11.92 21.72
CA ARG C 72 -25.66 -10.94 21.21
C ARG C 72 -26.36 -9.63 20.85
N GLU C 73 -27.60 -9.72 20.37
CA GLU C 73 -28.34 -8.52 20.01
C GLU C 73 -28.68 -7.70 21.25
N GLU C 74 -28.98 -8.36 22.37
CA GLU C 74 -29.22 -7.61 23.59
C GLU C 74 -27.94 -6.97 24.10
N VAL C 75 -26.79 -7.59 23.85
CA VAL C 75 -25.52 -7.01 24.28
C VAL C 75 -25.20 -5.76 23.48
N VAL C 76 -25.31 -5.83 22.16
CA VAL C 76 -24.98 -4.68 21.33
C VAL C 76 -26.04 -3.60 21.41
N LYS C 77 -27.25 -3.94 21.83
CA LYS C 77 -28.26 -2.91 22.02
C LYS C 77 -28.04 -2.09 23.28
N LYS C 78 -27.30 -2.62 24.25
CA LYS C 78 -27.12 -1.96 25.54
C LYS C 78 -25.72 -1.38 25.73
N VAL C 79 -24.69 -2.04 25.22
CA VAL C 79 -23.30 -1.66 25.45
C VAL C 79 -22.75 -1.05 24.16
N ALA C 80 -22.09 0.10 24.29
CA ALA C 80 -21.48 0.77 23.15
C ALA C 80 -20.17 0.10 22.77
N PHE C 81 -20.06 -0.33 21.52
CA PHE C 81 -18.84 -0.90 20.95
C PHE C 81 -18.34 0.07 19.88
N ILE C 82 -17.27 0.79 20.20
CA ILE C 82 -16.68 1.76 19.29
C ILE C 82 -15.27 1.28 18.97
N MET C 83 -15.09 0.73 17.78
CA MET C 83 -13.81 0.18 17.35
C MET C 83 -13.18 1.11 16.32
N SER C 84 -12.04 1.71 16.67
CA SER C 84 -11.28 2.56 15.78
C SER C 84 -10.14 1.74 15.21
N GLY C 85 -10.20 1.47 13.92
CA GLY C 85 -9.14 0.72 13.28
C GLY C 85 -7.90 1.56 13.09
N GLY C 86 -6.85 0.91 12.60
CA GLY C 86 -5.62 1.62 12.31
C GLY C 86 -4.72 1.78 13.52
N THR C 87 -3.75 0.88 13.64
CA THR C 87 -2.72 0.97 14.69
C THR C 87 -1.37 1.12 14.00
N GLU C 88 -1.18 2.26 13.35
CA GLU C 88 0.04 2.51 12.60
C GLU C 88 1.16 2.93 13.53
N GLY C 89 2.37 2.95 13.00
CA GLY C 89 3.52 3.35 13.81
C GLY C 89 3.74 2.36 14.94
N VAL C 90 3.97 2.89 16.13
CA VAL C 90 4.15 2.08 17.33
C VAL C 90 2.86 1.94 18.13
N MET C 91 1.73 2.42 17.60
CA MET C 91 0.49 2.40 18.36
C MET C 91 0.06 0.96 18.65
N THR C 92 -0.27 0.70 19.92
CA THR C 92 -0.50 -0.64 20.43
C THR C 92 -1.99 -0.96 20.41
N PRO C 93 -2.39 -2.06 19.78
CA PRO C 93 -3.80 -2.47 19.83
C PRO C 93 -4.22 -2.69 21.27
N HIS C 94 -5.43 -2.25 21.60
CA HIS C 94 -5.96 -2.37 22.95
C HIS C 94 -7.44 -2.03 22.92
N ILE C 95 -8.10 -2.31 24.05
CA ILE C 95 -9.47 -1.87 24.26
C ILE C 95 -9.52 -1.14 25.60
N THR C 96 -10.46 -0.22 25.70
CA THR C 96 -10.69 0.56 26.92
C THR C 96 -12.12 0.26 27.36
N VAL C 97 -12.26 -0.41 28.50
CA VAL C 97 -13.56 -0.88 28.98
C VAL C 97 -14.06 0.09 30.06
N PHE C 98 -15.25 0.65 29.83
CA PHE C 98 -15.87 1.56 30.77
C PHE C 98 -16.91 0.79 31.58
N VAL C 99 -16.74 0.79 32.90
CA VAL C 99 -17.63 0.10 33.82
C VAL C 99 -18.26 1.15 34.74
N ARG C 100 -19.57 1.05 34.93
CA ARG C 100 -20.30 2.00 35.76
C ARG C 100 -21.05 1.23 36.83
N LYS C 101 -20.78 1.56 38.09
CA LYS C 101 -21.41 0.94 39.24
C LYS C 101 -22.15 2.00 40.04
N ASP C 102 -23.07 1.55 40.89
CA ASP C 102 -23.85 2.43 41.76
C ASP C 102 -23.44 2.17 43.21
N VAL C 103 -22.47 2.93 43.70
CA VAL C 103 -21.98 2.79 45.06
C VAL C 103 -22.66 3.81 45.96
N ALA C 104 -22.53 3.62 47.27
CA ALA C 104 -23.13 4.47 48.29
C ALA C 104 -22.03 5.25 49.00
N ALA C 105 -21.54 6.31 48.35
CA ALA C 105 -20.49 7.14 48.92
C ALA C 105 -21.01 8.55 49.23
N PRO C 106 -20.52 9.18 50.30
CA PRO C 106 -20.99 10.52 50.65
C PRO C 106 -20.58 11.52 49.58
N ALA C 107 -21.36 12.61 49.47
CA ALA C 107 -21.07 13.58 48.42
C ALA C 107 -19.80 14.36 48.72
N ALA C 108 -18.65 13.82 48.27
CA ALA C 108 -17.37 14.48 48.46
C ALA C 108 -17.30 15.77 47.65
N PRO C 109 -16.62 16.79 48.18
CA PRO C 109 -16.52 18.07 47.45
C PRO C 109 -15.65 18.02 46.21
N GLY C 110 -16.25 17.93 45.04
CA GLY C 110 -15.50 17.95 43.79
C GLY C 110 -16.11 17.05 42.74
N LYS C 111 -15.74 17.31 41.49
CA LYS C 111 -16.22 16.58 40.33
C LYS C 111 -15.35 15.37 40.02
N ARG C 112 -15.99 14.23 39.75
CA ARG C 112 -15.30 12.99 39.41
C ARG C 112 -15.85 12.45 38.10
N LEU C 113 -15.15 11.46 37.55
CA LEU C 113 -15.43 10.94 36.22
C LEU C 113 -16.86 10.45 36.08
N ALA C 114 -17.50 10.81 34.96
CA ALA C 114 -18.85 10.37 34.63
C ALA C 114 -18.89 10.01 33.16
N VAL C 115 -19.74 9.03 32.83
CA VAL C 115 -19.86 8.52 31.47
C VAL C 115 -21.33 8.37 31.11
N GLY C 116 -21.67 8.70 29.87
CA GLY C 116 -23.02 8.55 29.37
C GLY C 116 -23.02 8.01 27.95
N VAL C 117 -23.99 7.16 27.62
CA VAL C 117 -24.06 6.48 26.33
C VAL C 117 -25.41 6.75 25.70
N ALA C 118 -25.43 6.96 24.39
CA ALA C 118 -26.68 7.10 23.66
C ALA C 118 -26.45 6.73 22.19
N PHE C 119 -27.47 6.13 21.58
CA PHE C 119 -27.45 5.74 20.18
C PHE C 119 -28.45 6.58 19.38
N THR C 120 -28.14 6.78 18.10
CA THR C 120 -29.05 7.42 17.17
C THR C 120 -29.79 6.38 16.34
N ARG C 121 -30.77 6.86 15.58
CA ARG C 121 -31.43 6.02 14.60
C ARG C 121 -30.48 5.71 13.45
N ASP C 122 -30.83 4.68 12.68
CA ASP C 122 -30.07 4.38 11.47
C ASP C 122 -30.26 5.48 10.44
N PHE C 123 -29.18 5.80 9.72
CA PHE C 123 -29.23 6.83 8.69
C PHE C 123 -29.27 6.18 7.31
N LEU C 124 -30.03 6.80 6.41
CA LEU C 124 -29.97 6.39 5.03
C LEU C 124 -28.63 6.82 4.43
N PRO C 125 -28.15 6.13 3.39
CA PRO C 125 -26.85 6.53 2.81
C PRO C 125 -26.81 7.97 2.38
N GLU C 126 -27.92 8.50 1.85
CA GLU C 126 -28.00 9.88 1.39
C GLU C 126 -28.13 10.88 2.52
N GLU C 127 -28.15 10.43 3.78
CA GLU C 127 -28.20 11.32 4.94
C GLU C 127 -26.84 11.58 5.56
N LEU C 128 -25.83 10.77 5.22
CA LEU C 128 -24.51 10.95 5.80
C LEU C 128 -23.89 12.26 5.34
N GLY C 129 -23.21 12.94 6.26
CA GLY C 129 -22.54 14.17 5.94
C GLY C 129 -23.46 15.35 5.70
N ARG C 130 -24.69 15.31 6.21
CA ARG C 130 -25.68 16.36 5.99
C ARG C 130 -26.37 16.67 7.30
N MET C 131 -27.31 17.62 7.25
CA MET C 131 -27.91 18.13 8.48
C MET C 131 -28.73 17.08 9.21
N GLU C 132 -29.28 16.10 8.50
CA GLU C 132 -30.00 15.03 9.17
C GLU C 132 -29.11 14.32 10.18
N GLN C 133 -27.85 14.09 9.82
CA GLN C 133 -26.92 13.46 10.74
C GLN C 133 -26.49 14.41 11.84
N VAL C 134 -26.32 15.69 11.51
CA VAL C 134 -25.89 16.67 12.51
C VAL C 134 -26.94 16.78 13.62
N ASN C 135 -28.21 16.98 13.24
CA ASN C 135 -29.25 17.21 14.23
C ASN C 135 -29.55 15.96 15.05
N GLU C 136 -29.50 14.79 14.43
CA GLU C 136 -29.76 13.54 15.15
C GLU C 136 -28.64 13.25 16.16
N VAL C 137 -27.40 13.52 15.77
CA VAL C 137 -26.27 13.33 16.68
C VAL C 137 -26.35 14.32 17.84
N ALA C 138 -26.68 15.58 17.56
CA ALA C 138 -26.81 16.57 18.62
C ALA C 138 -27.82 16.14 19.67
N ARG C 139 -28.94 15.58 19.22
CA ARG C 139 -29.97 15.10 20.14
C ARG C 139 -29.43 13.98 21.02
N ALA C 140 -28.66 13.06 20.42
CA ALA C 140 -28.10 11.95 21.19
C ALA C 140 -27.01 12.39 22.16
N VAL C 141 -26.25 13.43 21.80
CA VAL C 141 -25.24 13.94 22.73
C VAL C 141 -25.90 14.51 23.97
N LYS C 142 -27.00 15.27 23.80
CA LYS C 142 -27.74 15.76 24.95
C LYS C 142 -28.32 14.61 25.76
N GLU C 143 -28.75 13.55 25.09
CA GLU C 143 -29.26 12.38 25.79
C GLU C 143 -28.15 11.73 26.61
N ALA C 144 -26.95 11.60 26.05
CA ALA C 144 -25.85 11.00 26.78
C ALA C 144 -25.35 11.90 27.91
N MET C 145 -25.54 13.22 27.81
CA MET C 145 -25.19 14.11 28.90
C MET C 145 -26.05 13.83 30.13
N LYS C 146 -27.36 13.68 29.93
CA LYS C 146 -28.22 13.36 31.06
C LYS C 146 -27.99 11.93 31.54
N ASP C 147 -27.59 11.02 30.64
CA ASP C 147 -27.20 9.69 31.06
C ASP C 147 -25.95 9.72 31.94
N ALA C 148 -25.05 10.67 31.70
CA ALA C 148 -23.88 10.89 32.52
C ALA C 148 -24.14 11.81 33.71
N GLN C 149 -25.33 12.38 33.80
CA GLN C 149 -25.69 13.32 34.88
C GLN C 149 -24.75 14.51 34.91
N ILE C 150 -24.55 15.13 33.75
CA ILE C 150 -23.70 16.30 33.61
C ILE C 150 -24.55 17.47 33.12
N ASP C 151 -24.57 18.55 33.88
CA ASP C 151 -25.38 19.72 33.55
C ASP C 151 -24.61 20.75 32.73
N ASP C 152 -23.39 21.05 33.12
CA ASP C 152 -22.60 22.07 32.46
C ASP C 152 -21.82 21.46 31.30
N PRO C 153 -22.00 21.94 30.07
CA PRO C 153 -21.19 21.41 28.96
C PRO C 153 -19.71 21.66 29.12
N ARG C 154 -19.30 22.59 29.98
CA ARG C 154 -17.89 22.77 30.30
C ARG C 154 -17.31 21.55 31.02
N ASP C 155 -18.16 20.73 31.63
CA ASP C 155 -17.71 19.54 32.33
C ASP C 155 -17.59 18.34 31.41
N VAL C 156 -17.88 18.51 30.12
CA VAL C 156 -17.67 17.45 29.14
C VAL C 156 -16.28 17.65 28.53
N HIS C 157 -15.44 16.62 28.59
CA HIS C 157 -14.07 16.70 28.12
C HIS C 157 -13.78 15.82 26.93
N PHE C 158 -14.70 14.93 26.57
CA PHE C 158 -14.49 14.02 25.44
C PHE C 158 -15.82 13.40 25.05
N VAL C 159 -16.15 13.48 23.76
CA VAL C 159 -17.34 12.86 23.21
C VAL C 159 -16.88 11.95 22.07
N GLN C 160 -16.79 10.65 22.35
CA GLN C 160 -16.38 9.67 21.36
C GLN C 160 -17.58 9.16 20.58
N ILE C 161 -17.47 9.13 19.25
CA ILE C 161 -18.57 8.76 18.38
C ILE C 161 -18.08 7.76 17.33
N LYS C 162 -18.90 6.75 17.05
CA LYS C 162 -18.74 5.87 15.91
C LYS C 162 -19.89 6.11 14.94
N CYS C 163 -19.57 6.38 13.68
CA CYS C 163 -20.54 6.78 12.67
C CYS C 163 -20.38 5.92 11.41
N PRO C 164 -21.38 5.89 10.53
CA PRO C 164 -21.32 5.03 9.34
C PRO C 164 -20.47 5.65 8.24
N LEU C 165 -20.37 4.92 7.13
CA LEU C 165 -19.69 5.41 5.94
C LEU C 165 -20.45 4.92 4.72
N LEU C 166 -19.95 5.30 3.54
CA LEU C 166 -20.49 4.86 2.26
C LEU C 166 -19.52 3.90 1.61
N THR C 167 -20.07 2.82 1.04
CA THR C 167 -19.32 1.88 0.22
C THR C 167 -19.81 2.00 -1.22
N ALA C 168 -19.07 1.37 -2.14
CA ALA C 168 -19.45 1.40 -3.54
C ALA C 168 -20.84 0.82 -3.75
N GLU C 169 -21.18 -0.23 -2.99
CA GLU C 169 -22.47 -0.87 -3.12
C GLU C 169 -23.59 0.01 -2.62
N ARG C 170 -23.37 0.70 -1.49
CA ARG C 170 -24.40 1.58 -0.94
C ARG C 170 -24.60 2.82 -1.82
N ILE C 171 -23.52 3.30 -2.45
CA ILE C 171 -23.66 4.42 -3.38
C ILE C 171 -24.41 3.98 -4.63
N GLU C 172 -24.17 2.74 -5.08
CA GLU C 172 -24.96 2.20 -6.18
C GLU C 172 -26.42 2.05 -5.80
N ASP C 173 -26.68 1.48 -4.62
CA ASP C 173 -28.05 1.31 -4.14
C ASP C 173 -28.78 2.64 -4.03
N ALA C 174 -28.06 3.71 -3.67
CA ALA C 174 -28.69 5.03 -3.59
C ALA C 174 -29.00 5.58 -4.97
N LYS C 175 -28.11 5.34 -5.94
CA LYS C 175 -28.34 5.80 -7.30
C LYS C 175 -29.50 5.07 -7.94
N ARG C 176 -29.65 3.78 -7.65
CA ARG C 176 -30.76 3.00 -8.17
C ARG C 176 -32.10 3.47 -7.59
N ARG C 177 -32.09 3.93 -6.34
CA ARG C 177 -33.30 4.45 -5.70
C ARG C 177 -33.53 5.93 -6.00
N GLY C 178 -32.76 6.52 -6.90
CA GLY C 178 -32.96 7.91 -7.26
C GLY C 178 -32.43 8.92 -6.25
N LYS C 179 -31.55 8.50 -5.36
CA LYS C 179 -31.04 9.37 -4.32
C LYS C 179 -29.60 9.76 -4.63
N ASP C 180 -29.19 10.92 -4.11
CA ASP C 180 -27.82 11.37 -4.27
C ASP C 180 -27.14 11.45 -2.91
N VAL C 181 -25.87 11.03 -2.87
CA VAL C 181 -25.11 11.00 -1.63
C VAL C 181 -24.30 12.28 -1.53
N VAL C 182 -23.75 12.56 -0.35
CA VAL C 182 -23.03 13.80 -0.15
C VAL C 182 -21.73 13.82 -0.97
N VAL C 183 -21.14 12.65 -1.20
CA VAL C 183 -19.91 12.54 -1.99
C VAL C 183 -19.87 11.15 -2.59
N ASN C 184 -19.32 11.05 -3.80
CA ASN C 184 -19.24 9.80 -4.55
C ASN C 184 -17.93 9.06 -4.29
N ASP C 185 -17.32 9.24 -3.13
CA ASP C 185 -16.05 8.63 -2.80
C ASP C 185 -16.15 7.92 -1.46
N THR C 186 -15.83 6.62 -1.44
CA THR C 186 -16.01 5.84 -0.21
C THR C 186 -15.11 6.35 0.90
N TYR C 187 -13.83 6.61 0.59
CA TYR C 187 -12.91 7.12 1.60
C TYR C 187 -13.32 8.51 2.05
N LYS C 188 -13.70 9.37 1.11
CA LYS C 188 -14.12 10.73 1.46
C LYS C 188 -15.43 10.74 2.23
N SER C 189 -16.29 9.74 2.02
CA SER C 189 -17.53 9.70 2.78
C SER C 189 -17.28 9.53 4.28
N MET C 190 -16.15 8.92 4.65
CA MET C 190 -15.80 8.82 6.06
C MET C 190 -15.57 10.21 6.67
N ALA C 191 -14.97 11.12 5.90
CA ALA C 191 -14.73 12.46 6.38
C ALA C 191 -16.03 13.22 6.61
N TYR C 192 -16.97 13.11 5.67
CA TYR C 192 -18.25 13.80 5.82
C TYR C 192 -19.03 13.24 7.00
N SER C 193 -18.99 11.93 7.21
CA SER C 193 -19.69 11.34 8.34
C SER C 193 -19.05 11.76 9.67
N ARG C 194 -17.71 11.79 9.71
CA ARG C 194 -17.02 12.29 10.90
C ARG C 194 -17.28 13.78 11.13
N GLY C 195 -17.28 14.57 10.06
CA GLY C 195 -17.49 15.99 10.21
C GLY C 195 -18.90 16.32 10.63
N ALA C 196 -19.89 15.67 10.01
CA ALA C 196 -21.28 15.90 10.41
C ALA C 196 -21.50 15.50 11.85
N SER C 197 -20.94 14.37 12.27
CA SER C 197 -21.08 13.94 13.66
C SER C 197 -20.39 14.92 14.61
N ALA C 198 -19.22 15.43 14.22
CA ALA C 198 -18.51 16.37 15.09
C ALA C 198 -19.29 17.67 15.25
N LEU C 199 -19.86 18.19 14.16
CA LEU C 199 -20.67 19.40 14.27
C LEU C 199 -21.90 19.16 15.13
N GLY C 200 -22.42 17.94 15.14
CA GLY C 200 -23.52 17.61 16.04
C GLY C 200 -23.13 17.75 17.49
N VAL C 201 -21.88 17.42 17.84
CA VAL C 201 -21.41 17.59 19.20
C VAL C 201 -21.34 19.07 19.56
N ALA C 202 -20.70 19.86 18.70
CA ALA C 202 -20.57 21.30 18.98
C ALA C 202 -21.94 21.96 19.07
N LEU C 203 -22.90 21.52 18.27
CA LEU C 203 -24.25 22.06 18.35
C LEU C 203 -24.91 21.69 19.68
N ALA C 204 -24.74 20.45 20.12
CA ALA C 204 -25.39 20.01 21.35
C ALA C 204 -24.81 20.70 22.58
N LEU C 205 -23.49 20.89 22.60
CA LEU C 205 -22.81 21.48 23.75
C LEU C 205 -22.75 23.01 23.69
N GLY C 206 -23.32 23.63 22.66
CA GLY C 206 -23.27 25.08 22.56
C GLY C 206 -21.91 25.63 22.18
N GLU C 207 -21.04 24.81 21.57
CA GLU C 207 -19.73 25.30 21.15
C GLU C 207 -19.83 26.16 19.91
N ILE C 208 -20.81 25.90 19.05
CA ILE C 208 -21.13 26.75 17.91
C ILE C 208 -22.64 26.88 17.87
N SER C 209 -23.12 28.03 17.39
CA SER C 209 -24.55 28.25 17.30
C SER C 209 -25.12 27.64 16.03
N ALA C 210 -26.41 27.29 16.09
CA ALA C 210 -27.04 26.54 15.00
C ALA C 210 -27.11 27.33 13.70
N ASP C 211 -27.18 28.66 13.77
CA ASP C 211 -27.28 29.45 12.54
C ASP C 211 -26.01 29.40 11.69
N LYS C 212 -24.90 28.87 12.22
CA LYS C 212 -23.68 28.70 11.44
C LYS C 212 -23.58 27.34 10.76
N ILE C 213 -24.37 26.36 11.17
CA ILE C 213 -24.26 25.02 10.62
C ILE C 213 -25.21 24.87 9.44
N SER C 214 -24.71 24.27 8.36
CA SER C 214 -25.51 23.98 7.18
C SER C 214 -24.81 22.89 6.37
N ASN C 215 -25.49 22.40 5.33
CA ASN C 215 -24.91 21.37 4.47
C ASN C 215 -23.66 21.87 3.76
N GLU C 216 -23.66 23.13 3.33
CA GLU C 216 -22.52 23.66 2.60
C GLU C 216 -21.31 23.88 3.49
N ALA C 217 -21.51 24.08 4.79
CA ALA C 217 -20.40 24.29 5.71
C ALA C 217 -19.72 23.01 6.15
N ILE C 218 -20.40 21.86 6.02
CA ILE C 218 -19.84 20.60 6.48
C ILE C 218 -18.64 20.24 5.60
N CYS C 219 -17.49 20.04 6.24
CA CYS C 219 -16.23 19.73 5.57
C CYS C 219 -15.82 20.84 4.60
N HIS C 220 -16.17 22.09 4.93
CA HIS C 220 -15.76 23.23 4.13
C HIS C 220 -15.33 24.39 5.04
N ASP C 221 -16.11 24.66 6.08
CA ASP C 221 -15.86 25.77 6.99
C ASP C 221 -15.09 25.23 8.19
N TRP C 222 -13.76 25.31 8.12
CA TRP C 222 -12.91 24.80 9.19
C TRP C 222 -12.81 25.73 10.40
N ASN C 223 -13.47 26.88 10.37
CA ASN C 223 -13.60 27.68 11.58
C ASN C 223 -14.60 27.08 12.56
N LEU C 224 -15.49 26.22 12.08
CA LEU C 224 -16.47 25.56 12.92
C LEU C 224 -15.89 24.23 13.41
N TYR C 225 -15.67 24.14 14.72
CA TYR C 225 -15.18 22.87 15.25
C TYR C 225 -15.54 22.73 16.71
N SER C 226 -15.64 21.48 17.15
CA SER C 226 -15.80 21.15 18.56
C SER C 226 -14.42 20.91 19.18
N SER C 227 -14.31 21.22 20.47
CA SER C 227 -13.05 21.04 21.18
C SER C 227 -12.99 19.73 21.97
N VAL C 228 -14.03 18.90 21.91
CA VAL C 228 -14.06 17.66 22.69
C VAL C 228 -14.57 16.50 21.85
N ALA C 229 -15.02 16.79 20.63
CA ALA C 229 -15.58 15.74 19.78
C ALA C 229 -14.48 14.85 19.21
N SER C 230 -14.80 13.56 19.08
CA SER C 230 -13.86 12.58 18.54
C SER C 230 -14.70 11.54 17.81
N THR C 231 -14.70 11.60 16.48
CA THR C 231 -15.61 10.77 15.69
C THR C 231 -14.83 9.83 14.79
N SER C 232 -15.39 8.64 14.59
CA SER C 232 -14.74 7.57 13.85
C SER C 232 -15.78 6.83 13.02
N ALA C 233 -15.47 6.62 11.74
CA ALA C 233 -16.40 6.01 10.81
C ALA C 233 -16.11 4.52 10.66
N GLY C 234 -17.14 3.76 10.33
CA GLY C 234 -16.97 2.33 10.16
C GLY C 234 -18.04 1.74 9.28
N VAL C 235 -17.67 0.68 8.55
CA VAL C 235 -18.62 0.02 7.66
C VAL C 235 -19.56 -0.88 8.44
N GLU C 236 -19.22 -1.22 9.68
CA GLU C 236 -19.92 -2.24 10.45
C GLU C 236 -21.15 -1.73 11.18
N LEU C 237 -21.54 -0.46 11.00
CA LEU C 237 -22.73 0.07 11.67
C LEU C 237 -23.40 1.09 10.77
N LEU C 238 -24.71 1.23 10.95
CA LEU C 238 -25.53 2.13 10.14
C LEU C 238 -26.03 3.34 10.91
N ASN C 239 -25.69 3.46 12.19
CA ASN C 239 -26.10 4.61 12.99
C ASN C 239 -24.90 5.25 13.67
N ASP C 240 -25.14 6.11 14.65
CA ASP C 240 -24.10 6.73 15.45
C ASP C 240 -24.18 6.27 16.90
N GLU C 241 -23.04 5.86 17.46
CA GLU C 241 -22.93 5.54 18.88
C GLU C 241 -22.10 6.63 19.57
N ILE C 242 -22.63 7.17 20.65
CA ILE C 242 -22.04 8.33 21.34
C ILE C 242 -21.66 7.92 22.75
N ILE C 243 -20.43 8.27 23.15
CA ILE C 243 -19.96 8.13 24.53
C ILE C 243 -19.52 9.51 25.01
N VAL C 244 -20.27 10.08 25.94
CA VAL C 244 -19.90 11.35 26.55
C VAL C 244 -19.10 11.06 27.82
N VAL C 245 -17.91 11.66 27.92
CA VAL C 245 -17.03 11.47 29.07
C VAL C 245 -16.73 12.83 29.68
N GLY C 246 -16.96 12.95 30.97
CA GLY C 246 -16.72 14.20 31.68
C GLY C 246 -16.59 13.99 33.16
N ASN C 247 -16.86 15.06 33.91
CA ASN C 247 -16.80 15.05 35.37
C ASN C 247 -18.09 15.59 35.94
N SER C 248 -18.56 14.97 37.02
CA SER C 248 -19.80 15.37 37.67
C SER C 248 -19.61 15.37 39.17
N THR C 249 -20.30 16.29 39.85
CA THR C 249 -20.29 16.29 41.31
C THR C 249 -21.02 15.09 41.90
N ASN C 250 -21.93 14.48 41.14
CA ASN C 250 -22.67 13.30 41.57
C ASN C 250 -22.00 12.04 41.06
N SER C 251 -20.71 11.92 41.38
CA SER C 251 -19.88 10.80 40.95
C SER C 251 -18.96 10.42 42.09
N ALA C 252 -18.81 9.11 42.32
CA ALA C 252 -17.88 8.60 43.31
C ALA C 252 -16.64 7.99 42.68
N SER C 253 -16.35 8.37 41.43
CA SER C 253 -15.23 7.76 40.72
C SER C 253 -13.91 8.17 41.35
N ASP C 254 -12.96 7.23 41.36
CA ASP C 254 -11.59 7.52 41.74
C ASP C 254 -10.78 8.04 40.56
N LEU C 255 -11.46 8.50 39.52
CA LEU C 255 -10.82 8.98 38.30
C LEU C 255 -11.38 10.34 37.95
N VAL C 256 -10.58 11.09 37.17
CA VAL C 256 -11.04 12.33 36.56
C VAL C 256 -10.57 12.32 35.11
N ILE C 257 -11.15 13.22 34.32
CA ILE C 257 -10.75 13.40 32.94
C ILE C 257 -10.48 14.88 32.70
N GLY C 258 -9.35 15.17 32.06
CA GLY C 258 -9.07 16.50 31.56
C GLY C 258 -8.86 16.42 30.05
N HIS C 259 -8.75 17.58 29.43
CA HIS C 259 -8.57 17.61 27.99
C HIS C 259 -7.90 18.91 27.58
N SER C 260 -7.35 18.90 26.37
CA SER C 260 -6.84 20.09 25.72
C SER C 260 -7.12 19.93 24.23
N VAL C 261 -6.49 20.78 23.42
CA VAL C 261 -6.63 20.70 21.97
C VAL C 261 -5.25 20.86 21.34
N MET C 262 -4.84 19.88 20.55
CA MET C 262 -3.60 20.00 19.79
C MET C 262 -3.80 20.97 18.62
N LYS C 263 -2.92 21.97 18.53
N LYS C 263 -2.93 21.98 18.54
CA LYS C 263 -3.01 22.93 17.44
CA LYS C 263 -3.02 22.93 17.43
C LYS C 263 -2.52 22.35 16.13
C LYS C 263 -2.55 22.31 16.12
N ASP C 264 -1.59 21.39 16.18
CA ASP C 264 -1.16 20.65 15.00
C ASP C 264 -0.68 19.27 15.44
N ALA C 265 -0.15 18.50 14.48
CA ALA C 265 0.15 17.09 14.72
C ALA C 265 1.34 16.89 15.65
N ILE C 266 2.20 17.89 15.82
CA ILE C 266 3.38 17.76 16.66
C ILE C 266 3.28 18.62 17.91
N ASP C 267 2.06 19.02 18.29
CA ASP C 267 1.82 19.90 19.43
C ASP C 267 1.94 19.10 20.73
N ALA C 268 3.20 18.92 21.17
CA ALA C 268 3.45 18.20 22.41
C ALA C 268 3.00 18.99 23.63
N ASP C 269 2.97 20.32 23.52
CA ASP C 269 2.51 21.15 24.64
C ASP C 269 1.06 20.86 25.00
N ALA C 270 0.21 20.63 23.99
CA ALA C 270 -1.18 20.31 24.26
C ALA C 270 -1.31 18.98 24.99
N VAL C 271 -0.43 18.02 24.70
CA VAL C 271 -0.44 16.75 25.41
C VAL C 271 -0.18 16.98 26.89
N ARG C 272 0.84 17.79 27.21
CA ARG C 272 1.13 18.11 28.60
C ARG C 272 0.03 18.96 29.21
N ALA C 273 -0.59 19.84 28.43
CA ALA C 273 -1.72 20.63 28.94
C ALA C 273 -2.89 19.73 29.30
N ALA C 274 -3.17 18.72 28.46
CA ALA C 274 -4.24 17.78 28.78
C ALA C 274 -3.89 16.94 30.01
N LEU C 275 -2.61 16.60 30.19
CA LEU C 275 -2.21 15.88 31.40
C LEU C 275 -2.43 16.73 32.65
N LYS C 276 -2.01 18.00 32.59
CA LYS C 276 -2.18 18.88 33.74
C LYS C 276 -3.65 19.09 34.06
N ASP C 277 -4.49 19.23 33.03
CA ASP C 277 -5.93 19.38 33.23
C ASP C 277 -6.53 18.15 33.90
N ALA C 278 -5.88 17.00 33.80
CA ALA C 278 -6.32 15.76 34.43
C ALA C 278 -5.70 15.52 35.79
N GLY C 279 -4.90 16.45 36.29
CA GLY C 279 -4.33 16.34 37.63
C GLY C 279 -2.93 15.79 37.67
N ILE C 280 -2.33 15.52 36.51
CA ILE C 280 -0.96 15.01 36.43
C ILE C 280 -0.07 16.21 36.09
N ARG C 281 0.74 16.64 37.05
CA ARG C 281 1.50 17.87 36.91
C ARG C 281 3.00 17.64 36.81
N SER C 282 3.46 16.40 36.78
CA SER C 282 4.88 16.12 36.67
C SER C 282 5.07 14.74 36.07
N ASP C 283 6.31 14.45 35.65
CA ASP C 283 6.62 13.15 35.06
C ASP C 283 6.47 12.02 36.07
N ASP C 284 6.67 12.32 37.37
CA ASP C 284 6.54 11.29 38.38
C ASP C 284 5.09 10.86 38.59
N GLU C 285 4.15 11.72 38.22
CA GLU C 285 2.73 11.42 38.34
C GLU C 285 2.15 10.78 37.09
N MET C 286 3.00 10.45 36.11
CA MET C 286 2.51 9.90 34.85
C MET C 286 1.97 8.49 34.99
N ASP C 287 2.31 7.77 36.06
CA ASP C 287 1.79 6.43 36.25
C ASP C 287 0.30 6.41 36.56
N ARG C 288 -0.30 7.56 36.87
CA ARG C 288 -1.72 7.63 37.14
C ARG C 288 -2.56 7.71 35.87
N ILE C 289 -1.92 7.68 34.69
CA ILE C 289 -2.67 7.69 33.43
C ILE C 289 -3.41 6.37 33.27
N VAL C 290 -4.72 6.46 33.04
CA VAL C 290 -5.48 5.29 32.62
C VAL C 290 -5.43 5.12 31.11
N ASN C 291 -5.70 6.18 30.36
CA ASN C 291 -5.52 6.17 28.91
C ASN C 291 -5.49 7.61 28.42
N VAL C 292 -4.94 7.79 27.22
CA VAL C 292 -4.94 9.08 26.52
C VAL C 292 -5.73 8.89 25.23
N LEU C 293 -6.62 9.84 24.94
CA LEU C 293 -7.50 9.76 23.78
C LEU C 293 -7.35 11.04 22.97
N ALA C 294 -7.03 10.91 21.69
CA ALA C 294 -6.73 12.10 20.89
C ALA C 294 -7.17 11.90 19.45
N LYS C 295 -7.42 13.01 18.77
CA LYS C 295 -7.71 13.04 17.34
C LYS C 295 -6.50 13.59 16.59
N ALA C 296 -6.31 13.09 15.37
CA ALA C 296 -5.18 13.44 14.53
C ALA C 296 -5.67 13.62 13.10
N GLU C 297 -5.02 14.51 12.36
CA GLU C 297 -5.37 14.68 10.96
C GLU C 297 -4.25 15.38 10.22
N ALA C 298 -4.27 15.22 8.90
CA ALA C 298 -3.39 15.95 8.01
C ALA C 298 -4.00 17.31 7.70
N ALA C 299 -3.21 18.36 7.89
CA ALA C 299 -3.70 19.71 7.65
C ALA C 299 -4.01 19.91 6.17
N SER C 300 -5.13 20.63 5.90
CA SER C 300 -5.54 20.87 4.53
C SER C 300 -4.52 21.68 3.77
N SER C 301 -3.66 22.42 4.48
CA SER C 301 -2.59 23.18 3.83
C SER C 301 -1.46 22.29 3.35
N GLY C 302 -1.44 21.01 3.74
CA GLY C 302 -0.35 20.15 3.36
C GLY C 302 0.97 20.47 4.03
N THR C 303 0.95 21.24 5.11
CA THR C 303 2.14 21.63 5.83
C THR C 303 1.92 21.47 7.32
N VAL C 304 3.03 21.47 8.06
CA VAL C 304 3.02 21.55 9.51
C VAL C 304 4.04 22.63 9.87
N ARG C 305 3.55 23.73 10.44
CA ARG C 305 4.39 24.86 10.83
C ARG C 305 5.24 25.35 9.66
N GLY C 306 4.60 25.46 8.50
CA GLY C 306 5.25 25.93 7.29
C GLY C 306 6.13 24.93 6.58
N ARG C 307 6.13 23.67 7.01
CA ARG C 307 6.96 22.62 6.42
C ARG C 307 6.06 21.68 5.65
N ARG C 308 6.32 21.54 4.35
CA ARG C 308 5.52 20.68 3.50
C ARG C 308 5.66 19.22 3.91
N ASN C 309 4.56 18.47 3.76
CA ASN C 309 4.59 17.02 3.85
C ASN C 309 3.73 16.45 2.75
N THR C 310 3.79 15.12 2.59
CA THR C 310 3.18 14.44 1.46
C THR C 310 1.95 13.65 1.85
N MET C 311 1.38 13.89 3.03
CA MET C 311 0.27 13.07 3.49
C MET C 311 -0.90 13.12 2.52
N LEU C 312 -1.21 14.30 1.97
CA LEU C 312 -2.30 14.48 1.03
C LEU C 312 -1.95 14.06 -0.38
N ASP C 313 -0.67 13.82 -0.67
CA ASP C 313 -0.24 13.40 -1.99
C ASP C 313 0.10 11.93 -2.09
N ASP C 314 0.29 11.25 -0.97
CA ASP C 314 0.77 9.87 -0.99
C ASP C 314 -0.38 8.96 -1.40
N SER C 315 -0.32 8.44 -2.63
CA SER C 315 -1.35 7.55 -3.11
C SER C 315 -1.19 6.12 -2.61
N ASP C 316 -0.08 5.80 -1.96
CA ASP C 316 0.15 4.47 -1.41
C ASP C 316 -0.34 4.33 0.02
N ILE C 317 -0.31 5.42 0.79
CA ILE C 317 -0.75 5.41 2.18
C ILE C 317 -1.76 6.54 2.38
N ASN C 318 -2.99 6.19 2.72
CA ASN C 318 -4.01 7.20 3.00
C ASN C 318 -3.57 8.09 4.17
N HIS C 319 -3.92 9.37 4.07
CA HIS C 319 -3.40 10.35 5.03
C HIS C 319 -3.88 10.11 6.45
N THR C 320 -5.01 9.41 6.64
CA THR C 320 -5.46 9.13 8.00
C THR C 320 -4.53 8.15 8.70
N ARG C 321 -3.93 7.21 7.97
CA ARG C 321 -2.97 6.30 8.57
C ARG C 321 -1.71 7.04 9.00
N SER C 322 -1.24 7.97 8.17
CA SER C 322 -0.06 8.74 8.53
C SER C 322 -0.32 9.60 9.76
N ALA C 323 -1.48 10.25 9.83
CA ALA C 323 -1.78 11.11 10.96
C ALA C 323 -1.82 10.33 12.26
N ARG C 324 -2.41 9.13 12.24
CA ARG C 324 -2.43 8.32 13.46
C ARG C 324 -1.02 7.96 13.91
N ALA C 325 -0.16 7.57 12.97
CA ALA C 325 1.20 7.20 13.35
C ALA C 325 1.93 8.39 13.95
N VAL C 326 1.74 9.58 13.38
CA VAL C 326 2.48 10.75 13.83
C VAL C 326 2.07 11.14 15.25
N VAL C 327 0.77 11.35 15.46
CA VAL C 327 0.32 11.89 16.75
C VAL C 327 0.48 10.86 17.87
N ASN C 328 0.24 9.58 17.57
CA ASN C 328 0.49 8.55 18.57
C ASN C 328 1.95 8.57 19.02
N ALA C 329 2.87 8.69 18.06
CA ALA C 329 4.29 8.76 18.40
C ALA C 329 4.60 9.98 19.25
N VAL C 330 3.95 11.11 18.94
CA VAL C 330 4.16 12.33 19.71
C VAL C 330 3.69 12.13 21.15
N ILE C 331 2.48 11.59 21.33
CA ILE C 331 1.95 11.33 22.66
C ILE C 331 2.81 10.30 23.38
N ALA C 332 3.23 9.25 22.66
CA ALA C 332 4.05 8.22 23.28
C ALA C 332 5.37 8.80 23.76
N SER C 333 5.95 9.73 23.01
CA SER C 333 7.21 10.36 23.42
C SER C 333 7.04 11.22 24.67
N VAL C 334 5.83 11.68 24.96
CA VAL C 334 5.58 12.50 26.15
C VAL C 334 5.27 11.63 27.37
N VAL C 335 4.42 10.62 27.21
CA VAL C 335 3.99 9.81 28.35
C VAL C 335 4.79 8.52 28.50
N GLY C 336 5.66 8.20 27.55
CA GLY C 336 6.45 6.98 27.65
C GLY C 336 5.69 5.71 27.40
N ASP C 337 4.55 5.78 26.72
CA ASP C 337 3.72 4.61 26.50
C ASP C 337 3.00 4.74 25.16
N PRO C 338 3.23 3.82 24.22
CA PRO C 338 2.54 3.89 22.93
C PRO C 338 1.13 3.32 22.93
N MET C 339 0.68 2.69 24.02
CA MET C 339 -0.66 2.10 24.08
C MET C 339 -1.67 3.16 24.51
N VAL C 340 -1.93 4.07 23.57
CA VAL C 340 -2.90 5.16 23.74
C VAL C 340 -3.80 5.19 22.52
N TYR C 341 -4.98 5.78 22.70
CA TYR C 341 -5.99 5.85 21.66
C TYR C 341 -5.74 7.06 20.77
N VAL C 342 -5.51 6.83 19.49
CA VAL C 342 -5.38 7.91 18.51
C VAL C 342 -6.25 7.57 17.30
N SER C 343 -7.13 8.50 16.94
CA SER C 343 -8.05 8.34 15.82
C SER C 343 -7.77 9.42 14.78
N GLY C 344 -7.80 9.01 13.51
CA GLY C 344 -7.49 9.92 12.43
C GLY C 344 -8.73 10.56 11.81
N GLY C 345 -8.48 11.64 11.06
CA GLY C 345 -9.56 12.38 10.43
C GLY C 345 -10.31 13.22 11.44
N ALA C 346 -9.90 14.47 11.60
CA ALA C 346 -10.45 15.31 12.66
C ALA C 346 -11.25 16.47 12.09
N GLU C 347 -12.13 16.18 11.13
CA GLU C 347 -12.97 17.21 10.53
C GLU C 347 -13.87 17.82 11.58
N HIS C 348 -13.75 19.13 11.78
CA HIS C 348 -14.49 19.89 12.79
C HIS C 348 -14.21 19.40 14.20
N GLN C 349 -13.05 18.78 14.39
CA GLN C 349 -12.58 18.33 15.70
C GLN C 349 -11.23 19.00 15.93
N GLY C 350 -11.23 20.09 16.70
CA GLY C 350 -10.09 20.96 16.80
C GLY C 350 -9.92 21.75 15.53
N PRO C 351 -8.89 22.58 15.46
CA PRO C 351 -8.63 23.35 14.24
C PRO C 351 -8.21 22.43 13.10
N ASP C 352 -8.13 23.03 11.91
CA ASP C 352 -7.63 22.31 10.74
C ASP C 352 -6.19 21.86 10.99
N GLY C 353 -5.97 20.55 10.97
CA GLY C 353 -4.67 19.99 11.27
C GLY C 353 -4.44 19.65 12.73
N GLY C 354 -5.41 19.94 13.60
CA GLY C 354 -5.29 19.58 14.99
C GLY C 354 -6.45 18.72 15.44
N GLY C 355 -6.59 18.53 16.76
CA GLY C 355 -7.66 17.73 17.30
C GLY C 355 -7.66 17.70 18.81
N PRO C 356 -8.82 17.42 19.39
CA PRO C 356 -8.91 17.33 20.85
C PRO C 356 -8.10 16.16 21.39
N ILE C 357 -7.62 16.33 22.62
CA ILE C 357 -6.90 15.27 23.32
C ILE C 357 -7.33 15.28 24.77
N ALA C 358 -7.78 14.13 25.26
CA ALA C 358 -8.22 14.00 26.64
C ALA C 358 -7.39 12.93 27.35
N VAL C 359 -7.29 13.07 28.66
CA VAL C 359 -6.55 12.16 29.53
C VAL C 359 -7.46 11.71 30.66
N ILE C 360 -7.57 10.39 30.84
CA ILE C 360 -8.26 9.81 31.98
C ILE C 360 -7.19 9.39 32.99
N ALA C 361 -7.28 9.92 34.21
CA ALA C 361 -6.22 9.75 35.19
C ALA C 361 -6.81 9.42 36.55
N ARG C 362 -6.03 8.67 37.34
CA ARG C 362 -6.41 8.38 38.72
C ARG C 362 -6.19 9.62 39.59
N VAL C 363 -6.87 9.64 40.73
CA VAL C 363 -6.74 10.74 41.67
C VAL C 363 -6.12 10.24 42.97
N HIS D 1 -22.60 -45.69 1.98
CA HIS D 1 -21.99 -46.35 0.83
C HIS D 1 -21.86 -45.41 -0.37
N MET D 2 -22.97 -45.11 -1.03
CA MET D 2 -22.92 -44.24 -2.20
C MET D 2 -22.87 -42.78 -1.75
N GLN D 3 -22.09 -41.97 -2.46
CA GLN D 3 -21.94 -40.55 -2.18
C GLN D 3 -22.56 -39.70 -3.27
N LYS D 4 -23.08 -38.54 -2.87
CA LYS D 4 -23.50 -37.50 -3.80
C LYS D 4 -22.94 -36.18 -3.31
N VAL D 5 -22.09 -35.56 -4.12
CA VAL D 5 -21.47 -34.28 -3.76
C VAL D 5 -22.18 -33.16 -4.50
N GLU D 6 -22.64 -32.17 -3.75
CA GLU D 6 -23.21 -30.95 -4.31
C GLU D 6 -22.35 -29.77 -3.91
N VAL D 7 -22.11 -28.87 -4.86
CA VAL D 7 -21.21 -27.74 -4.66
C VAL D 7 -21.98 -26.46 -4.98
N PHE D 8 -21.91 -25.50 -4.07
CA PHE D 8 -22.62 -24.23 -4.21
C PHE D 8 -21.64 -23.08 -4.08
N ARG D 9 -21.52 -22.29 -5.15
CA ARG D 9 -20.71 -21.08 -5.13
C ARG D 9 -21.61 -19.90 -4.77
N ILE D 10 -21.34 -19.29 -3.63
CA ILE D 10 -22.23 -18.29 -3.03
C ILE D 10 -21.49 -16.97 -2.95
N PRO D 11 -21.98 -15.91 -3.61
CA PRO D 11 -21.37 -14.60 -3.44
C PRO D 11 -21.61 -14.05 -2.04
N THR D 12 -20.63 -13.31 -1.54
CA THR D 12 -20.70 -12.71 -0.20
C THR D 12 -20.56 -11.20 -0.31
N ALA D 13 -21.28 -10.49 0.56
CA ALA D 13 -21.21 -9.04 0.63
C ALA D 13 -20.11 -8.53 1.54
N SER D 14 -19.57 -9.40 2.39
CA SER D 14 -18.53 -9.06 3.35
C SER D 14 -17.98 -10.38 3.90
N PRO D 15 -16.83 -10.37 4.60
CA PRO D 15 -16.31 -11.63 5.15
C PRO D 15 -17.30 -12.33 6.06
N ASP D 16 -18.11 -11.60 6.80
CA ASP D 16 -19.04 -12.18 7.75
C ASP D 16 -20.43 -12.41 7.14
N ASP D 17 -20.56 -12.30 5.83
CA ASP D 17 -21.87 -12.43 5.18
C ASP D 17 -22.22 -13.90 5.05
N ILE D 18 -23.26 -14.33 5.78
CA ILE D 18 -23.78 -15.69 5.73
C ILE D 18 -25.16 -15.74 5.10
N SER D 19 -25.65 -14.62 4.55
CA SER D 19 -27.03 -14.56 4.09
C SER D 19 -27.26 -15.50 2.91
N GLY D 20 -26.29 -15.59 1.99
CA GLY D 20 -26.45 -16.48 0.86
C GLY D 20 -26.52 -17.94 1.26
N LEU D 21 -25.65 -18.36 2.19
CA LEU D 21 -25.73 -19.72 2.70
C LEU D 21 -27.01 -19.92 3.50
N ALA D 22 -27.44 -18.89 4.25
CA ALA D 22 -28.66 -19.01 5.03
C ALA D 22 -29.89 -19.14 4.13
N THR D 23 -29.89 -18.43 3.00
CA THR D 23 -31.02 -18.52 2.09
C THR D 23 -31.15 -19.92 1.50
N LEU D 24 -30.02 -20.54 1.14
CA LEU D 24 -30.07 -21.88 0.58
C LEU D 24 -30.49 -22.91 1.62
N ILE D 25 -30.21 -22.67 2.90
CA ILE D 25 -30.63 -23.61 3.94
C ILE D 25 -32.10 -23.41 4.27
N ASP D 26 -32.56 -22.16 4.39
CA ASP D 26 -33.96 -21.91 4.70
C ASP D 26 -34.87 -22.32 3.55
N SER D 27 -34.39 -22.27 2.31
CA SER D 27 -35.16 -22.75 1.18
C SER D 27 -35.12 -24.26 1.06
N GLY D 28 -34.35 -24.95 1.90
CA GLY D 28 -34.24 -26.38 1.86
C GLY D 28 -33.31 -26.95 0.80
N LYS D 29 -32.61 -26.10 0.06
CA LYS D 29 -31.68 -26.60 -0.95
C LYS D 29 -30.39 -27.14 -0.34
N ILE D 30 -30.05 -26.74 0.88
CA ILE D 30 -28.86 -27.23 1.56
C ILE D 30 -29.26 -27.70 2.96
N ASN D 31 -28.93 -28.95 3.29
CA ASN D 31 -29.05 -29.44 4.65
C ASN D 31 -27.76 -29.11 5.40
N PRO D 32 -27.78 -28.23 6.40
CA PRO D 32 -26.51 -27.81 7.03
C PRO D 32 -25.72 -28.93 7.66
N ALA D 33 -26.37 -30.03 8.06
CA ALA D 33 -25.64 -31.14 8.64
C ALA D 33 -24.80 -31.90 7.61
N GLU D 34 -25.02 -31.67 6.32
CA GLU D 34 -24.30 -32.37 5.26
C GLU D 34 -23.13 -31.57 4.70
N ILE D 35 -22.90 -30.36 5.22
CA ILE D 35 -21.74 -29.58 4.78
C ILE D 35 -20.48 -30.23 5.30
N VAL D 36 -19.53 -30.50 4.40
CA VAL D 36 -18.26 -31.12 4.78
C VAL D 36 -17.09 -30.16 4.65
N ALA D 37 -17.21 -29.08 3.86
CA ALA D 37 -16.10 -28.17 3.65
C ALA D 37 -16.62 -26.86 3.07
N ILE D 38 -15.96 -25.76 3.43
CA ILE D 38 -16.29 -24.44 2.90
C ILE D 38 -14.98 -23.78 2.48
N LEU D 39 -14.89 -23.42 1.19
CA LEU D 39 -13.70 -22.80 0.63
C LEU D 39 -14.07 -21.38 0.21
N GLY D 40 -13.47 -20.39 0.86
CA GLY D 40 -13.87 -19.01 0.69
C GLY D 40 -12.77 -18.13 0.14
N LYS D 41 -13.18 -17.06 -0.54
CA LYS D 41 -12.31 -15.95 -0.88
C LYS D 41 -12.78 -14.76 -0.05
N THR D 42 -11.94 -14.32 0.88
CA THR D 42 -12.26 -13.20 1.76
C THR D 42 -11.44 -11.98 1.36
N GLU D 43 -12.04 -10.80 1.54
CA GLU D 43 -11.52 -9.57 0.93
C GLU D 43 -10.47 -8.87 1.78
N GLY D 44 -9.74 -9.60 2.62
CA GLY D 44 -8.57 -9.06 3.27
C GLY D 44 -7.43 -8.98 2.28
N ASN D 45 -6.25 -8.58 2.78
CA ASN D 45 -5.10 -8.42 1.89
C ASN D 45 -4.45 -9.75 1.49
N GLY D 46 -4.90 -10.87 2.06
CA GLY D 46 -4.38 -12.17 1.66
C GLY D 46 -2.94 -12.43 2.06
N CYS D 47 -2.39 -11.64 2.98
CA CYS D 47 -1.01 -11.83 3.41
C CYS D 47 -0.94 -12.11 4.90
N VAL D 48 -0.02 -11.45 5.61
CA VAL D 48 0.19 -11.73 7.03
C VAL D 48 -0.97 -11.21 7.87
N ASN D 49 -1.24 -9.91 7.79
CA ASN D 49 -2.26 -9.27 8.64
C ASN D 49 -3.62 -9.26 7.95
N ASP D 50 -4.10 -10.45 7.61
CA ASP D 50 -5.44 -10.62 7.05
C ASP D 50 -6.32 -11.29 8.11
N PHE D 51 -7.21 -10.50 8.71
CA PHE D 51 -8.10 -11.01 9.73
C PHE D 51 -9.49 -11.29 9.20
N THR D 52 -9.72 -11.08 7.91
CA THR D 52 -10.98 -11.50 7.32
C THR D 52 -11.10 -13.02 7.27
N ARG D 53 -9.98 -13.74 7.30
CA ARG D 53 -10.02 -15.20 7.31
C ARG D 53 -10.65 -15.71 8.60
N GLY D 54 -10.14 -15.29 9.75
CA GLY D 54 -10.75 -15.67 11.02
C GLY D 54 -12.13 -15.05 11.21
N PHE D 55 -12.33 -13.83 10.70
CA PHE D 55 -13.66 -13.21 10.77
C PHE D 55 -14.68 -14.06 10.01
N ALA D 56 -14.33 -14.52 8.82
CA ALA D 56 -15.25 -15.34 8.02
C ALA D 56 -15.46 -16.72 8.64
N THR D 57 -14.38 -17.33 9.14
CA THR D 57 -14.52 -18.63 9.79
C THR D 57 -15.35 -18.52 11.05
N GLN D 58 -15.10 -17.49 11.86
CA GLN D 58 -15.87 -17.32 13.09
C GLN D 58 -17.35 -17.13 12.78
N SER D 59 -17.68 -16.36 11.74
CA SER D 59 -19.08 -16.10 11.41
C SER D 59 -19.77 -17.37 10.91
N LEU D 60 -19.08 -18.15 10.07
CA LEU D 60 -19.68 -19.38 9.58
C LEU D 60 -19.82 -20.43 10.69
N ALA D 61 -18.78 -20.57 11.52
CA ALA D 61 -18.86 -21.51 12.63
C ALA D 61 -19.94 -21.11 13.63
N MET D 62 -20.08 -19.81 13.88
CA MET D 62 -21.12 -19.33 14.78
C MET D 62 -22.51 -19.61 14.22
N TYR D 63 -22.69 -19.38 12.91
CA TYR D 63 -24.00 -19.59 12.31
C TYR D 63 -24.36 -21.06 12.25
N LEU D 64 -23.43 -21.91 11.78
CA LEU D 64 -23.72 -23.34 11.66
C LEU D 64 -23.91 -23.99 13.02
N ALA D 65 -23.24 -23.48 14.06
CA ALA D 65 -23.42 -24.05 15.39
C ALA D 65 -24.86 -23.86 15.87
N GLU D 66 -25.43 -22.68 15.65
CA GLU D 66 -26.79 -22.42 16.10
C GLU D 66 -27.81 -23.17 15.26
N LYS D 67 -27.52 -23.41 13.98
CA LYS D 67 -28.46 -24.17 13.15
C LYS D 67 -28.41 -25.67 13.49
N LEU D 68 -27.22 -26.19 13.80
CA LEU D 68 -27.06 -27.60 14.12
C LEU D 68 -27.27 -27.90 15.59
N GLY D 69 -27.39 -26.89 16.44
CA GLY D 69 -27.57 -27.12 17.87
C GLY D 69 -26.33 -27.64 18.57
N ILE D 70 -25.15 -27.31 18.05
CA ILE D 70 -23.90 -27.77 18.65
C ILE D 70 -23.02 -26.57 18.95
N SER D 71 -21.85 -26.82 19.54
CA SER D 71 -20.95 -25.73 19.91
C SER D 71 -20.10 -25.32 18.71
N ARG D 72 -19.54 -24.12 18.80
CA ARG D 72 -18.63 -23.64 17.75
C ARG D 72 -17.40 -24.51 17.65
N GLU D 73 -16.91 -25.03 18.78
CA GLU D 73 -15.74 -25.88 18.74
C GLU D 73 -16.03 -27.19 18.00
N GLU D 74 -17.23 -27.72 18.15
CA GLU D 74 -17.61 -28.94 17.44
C GLU D 74 -17.76 -28.69 15.94
N VAL D 75 -18.15 -27.47 15.55
CA VAL D 75 -18.33 -27.18 14.12
C VAL D 75 -16.99 -27.16 13.41
N VAL D 76 -15.99 -26.51 14.00
CA VAL D 76 -14.68 -26.43 13.35
C VAL D 76 -13.96 -27.77 13.38
N LYS D 77 -14.34 -28.66 14.29
CA LYS D 77 -13.83 -30.03 14.28
C LYS D 77 -14.49 -30.89 13.22
N LYS D 78 -15.67 -30.50 12.73
CA LYS D 78 -16.46 -31.30 11.81
C LYS D 78 -16.39 -30.81 10.38
N VAL D 79 -16.38 -29.50 10.18
CA VAL D 79 -16.41 -28.87 8.86
C VAL D 79 -15.05 -28.24 8.59
N ALA D 80 -14.50 -28.49 7.41
CA ALA D 80 -13.25 -27.85 7.02
C ALA D 80 -13.54 -26.41 6.59
N PHE D 81 -12.89 -25.45 7.25
CA PHE D 81 -12.99 -24.03 6.92
C PHE D 81 -11.64 -23.57 6.38
N ILE D 82 -11.58 -23.34 5.07
CA ILE D 82 -10.38 -22.90 4.38
C ILE D 82 -10.69 -21.54 3.78
N MET D 83 -10.19 -20.47 4.40
CA MET D 83 -10.44 -19.10 3.95
C MET D 83 -9.17 -18.54 3.33
N SER D 84 -9.23 -18.25 2.03
CA SER D 84 -8.11 -17.66 1.31
C SER D 84 -8.37 -16.17 1.12
N GLY D 85 -7.60 -15.33 1.80
CA GLY D 85 -7.76 -13.91 1.67
C GLY D 85 -7.20 -13.39 0.36
N GLY D 86 -7.43 -12.11 0.13
CA GLY D 86 -6.94 -11.47 -1.08
C GLY D 86 -7.87 -11.65 -2.26
N THR D 87 -8.72 -10.66 -2.50
CA THR D 87 -9.58 -10.59 -3.67
C THR D 87 -9.20 -9.34 -4.46
N GLU D 88 -8.01 -9.37 -5.04
CA GLU D 88 -7.51 -8.22 -5.78
C GLU D 88 -8.10 -8.19 -7.19
N GLY D 89 -7.91 -7.05 -7.85
CA GLY D 89 -8.42 -6.90 -9.21
C GLY D 89 -9.94 -6.97 -9.24
N VAL D 90 -10.47 -7.73 -10.20
CA VAL D 90 -11.90 -7.87 -10.34
C VAL D 90 -12.42 -9.10 -9.61
N MET D 91 -11.57 -9.78 -8.84
CA MET D 91 -11.97 -11.01 -8.17
C MET D 91 -13.07 -10.74 -7.16
N THR D 92 -14.12 -11.57 -7.22
CA THR D 92 -15.34 -11.40 -6.44
C THR D 92 -15.28 -12.24 -5.19
N PRO D 93 -15.44 -11.65 -4.01
CA PRO D 93 -15.50 -12.44 -2.78
C PRO D 93 -16.68 -13.42 -2.84
N HIS D 94 -16.44 -14.63 -2.35
CA HIS D 94 -17.45 -15.68 -2.38
C HIS D 94 -17.00 -16.81 -1.48
N ILE D 95 -17.92 -17.75 -1.25
CA ILE D 95 -17.61 -18.99 -0.57
C ILE D 95 -18.10 -20.14 -1.43
N THR D 96 -17.42 -21.28 -1.31
CA THR D 96 -17.78 -22.50 -2.03
C THR D 96 -18.10 -23.57 -0.99
N VAL D 97 -19.36 -23.95 -0.90
CA VAL D 97 -19.85 -24.86 0.13
C VAL D 97 -19.94 -26.26 -0.48
N PHE D 98 -19.23 -27.21 0.12
CA PHE D 98 -19.22 -28.60 -0.32
C PHE D 98 -20.18 -29.41 0.54
N VAL D 99 -21.17 -30.03 -0.10
CA VAL D 99 -22.16 -30.85 0.58
C VAL D 99 -22.01 -32.28 0.06
N ARG D 100 -21.93 -33.24 0.99
CA ARG D 100 -21.81 -34.65 0.66
C ARG D 100 -22.89 -35.42 1.41
N LYS D 101 -23.76 -36.10 0.68
CA LYS D 101 -24.84 -36.88 1.25
C LYS D 101 -24.75 -38.34 0.81
N ASP D 102 -25.49 -39.18 1.51
CA ASP D 102 -25.56 -40.61 1.25
C ASP D 102 -26.92 -40.90 0.63
N VAL D 103 -26.95 -40.95 -0.70
CA VAL D 103 -28.19 -41.17 -1.43
C VAL D 103 -28.36 -42.65 -1.70
N ALA D 104 -29.55 -43.07 -2.11
CA ALA D 104 -29.82 -44.47 -2.40
C ALA D 104 -30.06 -44.71 -3.88
N ALA D 105 -29.22 -44.09 -4.72
CA ALA D 105 -29.33 -44.25 -6.16
C ALA D 105 -28.05 -44.90 -6.69
N PRO D 106 -28.15 -45.74 -7.71
CA PRO D 106 -26.95 -46.40 -8.24
C PRO D 106 -26.01 -45.40 -8.90
N ALA D 107 -24.74 -45.76 -8.92
CA ALA D 107 -23.67 -44.92 -9.47
C ALA D 107 -23.81 -44.83 -10.98
N ALA D 108 -24.26 -43.66 -11.47
CA ALA D 108 -24.44 -43.39 -12.89
C ALA D 108 -23.16 -43.70 -13.66
N PRO D 109 -23.25 -44.12 -14.92
CA PRO D 109 -22.05 -44.59 -15.62
C PRO D 109 -21.02 -43.49 -15.76
N GLY D 110 -19.77 -43.86 -15.51
CA GLY D 110 -18.67 -42.92 -15.52
C GLY D 110 -18.36 -42.43 -14.12
N LYS D 111 -17.19 -41.81 -13.99
CA LYS D 111 -16.78 -41.27 -12.70
C LYS D 111 -17.39 -39.88 -12.51
N ARG D 112 -17.92 -39.64 -11.31
CA ARG D 112 -18.57 -38.39 -10.96
C ARG D 112 -17.89 -37.80 -9.73
N LEU D 113 -18.23 -36.55 -9.43
CA LEU D 113 -17.53 -35.78 -8.41
C LEU D 113 -17.53 -36.49 -7.07
N ALA D 114 -16.35 -36.53 -6.43
CA ALA D 114 -16.19 -37.11 -5.11
C ALA D 114 -15.29 -36.21 -4.28
N VAL D 115 -15.57 -36.15 -2.98
CA VAL D 115 -14.83 -35.27 -2.08
C VAL D 115 -14.51 -36.02 -0.79
N GLY D 116 -13.31 -35.79 -0.26
CA GLY D 116 -12.90 -36.37 1.00
C GLY D 116 -12.17 -35.34 1.84
N VAL D 117 -12.38 -35.37 3.16
CA VAL D 117 -11.81 -34.39 4.07
C VAL D 117 -11.01 -35.11 5.14
N ALA D 118 -9.87 -34.53 5.50
CA ALA D 118 -9.04 -35.08 6.58
C ALA D 118 -8.20 -33.95 7.17
N PHE D 119 -7.98 -34.05 8.48
CA PHE D 119 -7.14 -33.11 9.21
C PHE D 119 -5.90 -33.84 9.71
N THR D 120 -4.82 -33.10 9.85
CA THR D 120 -3.58 -33.62 10.44
C THR D 120 -3.50 -33.26 11.91
N ARG D 121 -2.49 -33.81 12.58
CA ARG D 121 -2.21 -33.41 13.94
C ARG D 121 -1.67 -31.98 13.98
N ASP D 122 -1.73 -31.38 15.16
CA ASP D 122 -1.14 -30.06 15.34
C ASP D 122 0.38 -30.16 15.22
N PHE D 123 0.99 -29.15 14.61
CA PHE D 123 2.43 -29.12 14.41
C PHE D 123 3.08 -28.20 15.43
N LEU D 124 4.25 -28.61 15.92
CA LEU D 124 5.08 -27.72 16.71
C LEU D 124 5.72 -26.68 15.78
N PRO D 125 6.08 -25.51 16.31
CA PRO D 125 6.68 -24.47 15.44
C PRO D 125 7.90 -24.94 14.66
N GLU D 126 8.75 -25.77 15.25
CA GLU D 126 9.95 -26.24 14.57
C GLU D 126 9.68 -27.32 13.55
N GLU D 127 8.43 -27.76 13.39
CA GLU D 127 8.10 -28.78 12.40
C GLU D 127 7.54 -28.21 11.10
N LEU D 128 7.08 -26.97 11.09
CA LEU D 128 6.52 -26.38 9.88
C LEU D 128 7.60 -26.18 8.82
N GLY D 129 7.23 -26.44 7.56
CA GLY D 129 8.15 -26.28 6.46
C GLY D 129 9.26 -27.30 6.39
N ARG D 130 9.09 -28.46 7.02
CA ARG D 130 10.12 -29.49 7.09
C ARG D 130 9.47 -30.84 6.82
N MET D 131 10.29 -31.89 6.90
CA MET D 131 9.84 -33.23 6.52
C MET D 131 8.73 -33.73 7.42
N GLU D 132 8.67 -33.26 8.67
CA GLU D 132 7.58 -33.65 9.55
C GLU D 132 6.23 -33.23 8.97
N GLN D 133 6.16 -32.04 8.38
CA GLN D 133 4.91 -31.58 7.78
C GLN D 133 4.64 -32.29 6.45
N VAL D 134 5.67 -32.58 5.67
CA VAL D 134 5.49 -33.26 4.40
C VAL D 134 4.90 -34.64 4.61
N ASN D 135 5.51 -35.43 5.50
CA ASN D 135 5.05 -36.79 5.72
C ASN D 135 3.68 -36.83 6.40
N GLU D 136 3.41 -35.86 7.28
CA GLU D 136 2.11 -35.81 7.94
C GLU D 136 1.00 -35.42 6.97
N VAL D 137 1.28 -34.47 6.07
CA VAL D 137 0.30 -34.11 5.05
C VAL D 137 0.11 -35.27 4.08
N ALA D 138 1.21 -35.93 3.69
CA ALA D 138 1.11 -37.08 2.79
C ALA D 138 0.19 -38.15 3.36
N ARG D 139 0.29 -38.41 4.67
CA ARG D 139 -0.58 -39.42 5.28
C ARG D 139 -2.03 -39.01 5.19
N ALA D 140 -2.33 -37.73 5.46
CA ALA D 140 -3.71 -37.26 5.46
C ALA D 140 -4.31 -37.22 4.07
N VAL D 141 -3.50 -36.95 3.04
CA VAL D 141 -4.00 -36.97 1.68
C VAL D 141 -4.41 -38.39 1.29
N LYS D 142 -3.60 -39.37 1.66
CA LYS D 142 -3.96 -40.77 1.43
C LYS D 142 -5.20 -41.16 2.21
N GLU D 143 -5.33 -40.63 3.44
CA GLU D 143 -6.51 -40.89 4.26
C GLU D 143 -7.77 -40.29 3.64
N ALA D 144 -7.66 -39.07 3.13
CA ALA D 144 -8.81 -38.41 2.50
C ALA D 144 -9.20 -39.03 1.17
N MET D 145 -8.27 -39.72 0.51
CA MET D 145 -8.60 -40.40 -0.75
C MET D 145 -9.62 -41.50 -0.53
N LYS D 146 -9.38 -42.37 0.47
CA LYS D 146 -10.36 -43.43 0.71
C LYS D 146 -11.65 -42.88 1.31
N ASP D 147 -11.58 -41.76 2.03
CA ASP D 147 -12.79 -41.08 2.47
C ASP D 147 -13.59 -40.57 1.27
N ALA D 148 -12.90 -40.21 0.19
CA ALA D 148 -13.54 -39.87 -1.08
C ALA D 148 -13.77 -41.09 -1.97
N GLN D 149 -13.30 -42.26 -1.53
CA GLN D 149 -13.44 -43.53 -2.28
C GLN D 149 -12.78 -43.43 -3.65
N ILE D 150 -11.54 -42.94 -3.67
CA ILE D 150 -10.75 -42.82 -4.90
C ILE D 150 -9.50 -43.69 -4.75
N ASP D 151 -9.35 -44.68 -5.63
CA ASP D 151 -8.20 -45.58 -5.60
C ASP D 151 -7.08 -45.13 -6.54
N ASP D 152 -7.42 -44.69 -7.75
CA ASP D 152 -6.44 -44.29 -8.74
C ASP D 152 -6.07 -42.82 -8.56
N PRO D 153 -4.80 -42.50 -8.30
CA PRO D 153 -4.43 -41.08 -8.16
C PRO D 153 -4.64 -40.25 -9.41
N ARG D 154 -4.81 -40.88 -10.57
CA ARG D 154 -5.14 -40.14 -11.79
C ARG D 154 -6.52 -39.51 -11.69
N ASP D 155 -7.39 -40.01 -10.82
CA ASP D 155 -8.73 -39.49 -10.66
C ASP D 155 -8.81 -38.35 -9.67
N VAL D 156 -7.69 -37.91 -9.12
CA VAL D 156 -7.66 -36.74 -8.24
C VAL D 156 -7.33 -35.52 -9.07
N HIS D 157 -8.17 -34.49 -8.99
CA HIS D 157 -8.02 -33.29 -9.79
C HIS D 157 -7.73 -32.03 -9.00
N PHE D 158 -7.89 -32.05 -7.67
CA PHE D 158 -7.66 -30.87 -6.85
C PHE D 158 -7.54 -31.29 -5.40
N VAL D 159 -6.48 -30.83 -4.74
CA VAL D 159 -6.27 -31.06 -3.31
C VAL D 159 -6.10 -29.69 -2.66
N GLN D 160 -7.17 -29.19 -2.04
CA GLN D 160 -7.13 -27.90 -1.35
C GLN D 160 -6.70 -28.10 0.09
N ILE D 161 -5.74 -27.29 0.54
CA ILE D 161 -5.16 -27.42 1.88
C ILE D 161 -5.07 -26.05 2.55
N LYS D 162 -5.40 -26.02 3.83
CA LYS D 162 -5.14 -24.88 4.71
C LYS D 162 -4.06 -25.30 5.70
N CYS D 163 -3.01 -24.50 5.79
CA CYS D 163 -1.82 -24.85 6.57
C CYS D 163 -1.47 -23.71 7.53
N PRO D 164 -0.70 -24.01 8.58
CA PRO D 164 -0.38 -22.98 9.58
C PRO D 164 0.75 -22.08 9.08
N LEU D 165 1.14 -21.15 9.96
CA LEU D 165 2.27 -20.25 9.73
C LEU D 165 3.00 -20.06 11.05
N LEU D 166 4.04 -19.25 11.03
CA LEU D 166 4.79 -18.93 12.23
C LEU D 166 4.49 -17.49 12.64
N THR D 167 4.26 -17.28 13.93
CA THR D 167 4.09 -15.96 14.51
C THR D 167 5.25 -15.66 15.46
N ALA D 168 5.29 -14.41 15.91
CA ALA D 168 6.36 -13.98 16.82
C ALA D 168 6.37 -14.81 18.09
N GLU D 169 5.20 -15.18 18.60
CA GLU D 169 5.13 -15.98 19.82
C GLU D 169 5.56 -17.42 19.58
N ARG D 170 5.18 -18.00 18.43
CA ARG D 170 5.54 -19.37 18.14
C ARG D 170 7.02 -19.52 17.83
N ILE D 171 7.64 -18.50 17.23
CA ILE D 171 9.07 -18.55 16.98
C ILE D 171 9.84 -18.44 18.28
N GLU D 172 9.48 -17.48 19.13
CA GLU D 172 10.16 -17.32 20.42
C GLU D 172 9.99 -18.55 21.29
N ASP D 173 8.83 -19.22 21.20
CA ASP D 173 8.61 -20.44 21.98
C ASP D 173 9.53 -21.57 21.54
N ALA D 174 9.88 -21.62 20.25
CA ALA D 174 10.72 -22.70 19.77
C ALA D 174 12.15 -22.56 20.29
N LYS D 175 12.68 -21.33 20.31
CA LYS D 175 14.02 -21.12 20.84
C LYS D 175 14.04 -21.32 22.35
N ARG D 176 12.91 -21.11 23.03
CA ARG D 176 12.85 -21.35 24.46
C ARG D 176 13.01 -22.83 24.79
N ARG D 177 12.58 -23.71 23.88
CA ARG D 177 12.69 -25.15 24.05
C ARG D 177 13.92 -25.73 23.36
N GLY D 178 14.84 -24.89 22.91
CA GLY D 178 16.06 -25.34 22.26
C GLY D 178 15.91 -25.75 20.81
N LYS D 179 14.83 -25.35 20.16
CA LYS D 179 14.58 -25.66 18.76
C LYS D 179 14.74 -24.40 17.91
N ASP D 180 15.05 -24.61 16.64
CA ASP D 180 15.16 -23.55 15.65
C ASP D 180 14.11 -23.77 14.58
N VAL D 181 13.55 -22.67 14.08
CA VAL D 181 12.50 -22.76 13.06
C VAL D 181 13.13 -22.70 11.69
N VAL D 182 12.36 -23.06 10.65
CA VAL D 182 12.91 -23.11 9.31
C VAL D 182 13.23 -21.71 8.81
N VAL D 183 12.51 -20.69 9.28
CA VAL D 183 12.74 -19.31 8.91
C VAL D 183 12.23 -18.41 10.02
N ASN D 184 12.93 -17.30 10.25
CA ASN D 184 12.58 -16.33 11.28
C ASN D 184 11.68 -15.21 10.74
N ASP D 185 10.91 -15.48 9.69
CA ASP D 185 10.06 -14.49 9.06
C ASP D 185 8.65 -15.05 8.94
N THR D 186 7.67 -14.30 9.46
CA THR D 186 6.29 -14.79 9.47
C THR D 186 5.74 -14.93 8.04
N TYR D 187 5.99 -13.93 7.19
CA TYR D 187 5.52 -14.02 5.82
C TYR D 187 6.19 -15.15 5.05
N LYS D 188 7.50 -15.30 5.21
CA LYS D 188 8.20 -16.37 4.50
C LYS D 188 7.81 -17.75 5.05
N SER D 189 7.42 -17.83 6.34
CA SER D 189 6.98 -19.11 6.89
C SER D 189 5.71 -19.60 6.20
N MET D 190 4.88 -18.67 5.70
CA MET D 190 3.70 -19.06 4.92
C MET D 190 4.10 -19.76 3.63
N ALA D 191 5.18 -19.33 2.99
CA ALA D 191 5.65 -19.99 1.78
C ALA D 191 6.17 -21.39 2.08
N TYR D 192 6.95 -21.54 3.17
CA TYR D 192 7.46 -22.87 3.53
C TYR D 192 6.33 -23.80 3.92
N SER D 193 5.31 -23.28 4.60
CA SER D 193 4.18 -24.12 4.98
C SER D 193 3.38 -24.53 3.76
N ARG D 194 3.19 -23.60 2.81
CA ARG D 194 2.52 -23.95 1.57
C ARG D 194 3.32 -24.96 0.77
N GLY D 195 4.64 -24.79 0.70
CA GLY D 195 5.46 -25.69 -0.07
C GLY D 195 5.56 -27.09 0.53
N ALA D 196 5.73 -27.16 1.84
CA ALA D 196 5.78 -28.47 2.51
C ALA D 196 4.47 -29.21 2.34
N SER D 197 3.34 -28.51 2.46
CA SER D 197 2.04 -29.15 2.29
C SER D 197 1.87 -29.64 0.86
N ALA D 198 2.35 -28.87 -0.12
CA ALA D 198 2.24 -29.29 -1.52
C ALA D 198 3.08 -30.52 -1.80
N LEU D 199 4.29 -30.58 -1.24
CA LEU D 199 5.13 -31.77 -1.43
C LEU D 199 4.52 -32.99 -0.78
N GLY D 200 3.74 -32.82 0.29
CA GLY D 200 3.02 -33.93 0.87
C GLY D 200 1.97 -34.50 -0.07
N VAL D 201 1.33 -33.63 -0.88
CA VAL D 201 0.36 -34.09 -1.85
C VAL D 201 1.04 -34.90 -2.96
N ALA D 202 2.13 -34.36 -3.52
CA ALA D 202 2.83 -35.05 -4.58
C ALA D 202 3.36 -36.41 -4.11
N LEU D 203 3.80 -36.48 -2.85
CA LEU D 203 4.27 -37.74 -2.30
C LEU D 203 3.13 -38.75 -2.19
N ALA D 204 1.96 -38.31 -1.71
CA ALA D 204 0.85 -39.23 -1.50
C ALA D 204 0.29 -39.74 -2.82
N LEU D 205 0.21 -38.88 -3.83
CA LEU D 205 -0.35 -39.24 -5.13
C LEU D 205 0.66 -39.88 -6.06
N GLY D 206 1.90 -40.08 -5.60
CA GLY D 206 2.90 -40.70 -6.44
C GLY D 206 3.42 -39.80 -7.55
N GLU D 207 3.25 -38.49 -7.43
CA GLU D 207 3.77 -37.58 -8.46
C GLU D 207 5.29 -37.42 -8.36
N ILE D 208 5.85 -37.50 -7.15
CA ILE D 208 7.29 -37.50 -6.96
C ILE D 208 7.62 -38.58 -5.92
N SER D 209 8.81 -39.18 -6.07
CA SER D 209 9.24 -40.22 -5.15
C SER D 209 9.82 -39.62 -3.88
N ALA D 210 9.76 -40.40 -2.80
CA ALA D 210 10.17 -39.91 -1.48
C ALA D 210 11.67 -39.64 -1.42
N ASP D 211 12.47 -40.35 -2.22
CA ASP D 211 13.91 -40.17 -2.22
C ASP D 211 14.34 -38.82 -2.79
N LYS D 212 13.42 -38.08 -3.43
CA LYS D 212 13.73 -36.76 -3.92
C LYS D 212 13.40 -35.65 -2.94
N ILE D 213 12.58 -35.93 -1.93
CA ILE D 213 12.14 -34.92 -0.98
C ILE D 213 13.09 -34.90 0.22
N SER D 214 13.45 -33.70 0.66
CA SER D 214 14.27 -33.51 1.84
C SER D 214 14.06 -32.07 2.32
N ASN D 215 14.63 -31.78 3.49
CA ASN D 215 14.51 -30.43 4.04
C ASN D 215 15.16 -29.40 3.13
N GLU D 216 16.29 -29.76 2.49
CA GLU D 216 17.00 -28.82 1.63
C GLU D 216 16.25 -28.54 0.33
N ALA D 217 15.40 -29.47 -0.11
CA ALA D 217 14.66 -29.30 -1.36
C ALA D 217 13.40 -28.45 -1.18
N ILE D 218 12.90 -28.31 0.04
CA ILE D 218 11.66 -27.59 0.27
C ILE D 218 11.87 -26.11 -0.05
N CYS D 219 11.06 -25.58 -0.97
CA CYS D 219 11.15 -24.20 -1.45
C CYS D 219 12.51 -23.91 -2.09
N HIS D 220 13.11 -24.92 -2.74
CA HIS D 220 14.38 -24.73 -3.44
C HIS D 220 14.36 -25.41 -4.80
N ASP D 221 13.90 -26.65 -4.86
CA ASP D 221 13.89 -27.44 -6.09
C ASP D 221 12.52 -27.30 -6.74
N TRP D 222 12.40 -26.34 -7.66
CA TRP D 222 11.12 -26.09 -8.31
C TRP D 222 10.79 -27.09 -9.41
N ASN D 223 11.66 -28.07 -9.65
CA ASN D 223 11.30 -29.19 -10.53
C ASN D 223 10.34 -30.16 -9.86
N LEU D 224 10.31 -30.19 -8.53
CA LEU D 224 9.39 -31.04 -7.78
C LEU D 224 8.12 -30.24 -7.49
N TYR D 225 7.00 -30.66 -8.10
CA TYR D 225 5.74 -29.98 -7.85
C TYR D 225 4.58 -30.94 -8.11
N SER D 226 3.46 -30.66 -7.44
CA SER D 226 2.21 -31.36 -7.66
C SER D 226 1.37 -30.61 -8.68
N SER D 227 0.58 -31.36 -9.44
CA SER D 227 -0.25 -30.79 -10.49
C SER D 227 -1.68 -30.54 -10.05
N VAL D 228 -2.03 -30.84 -8.79
CA VAL D 228 -3.38 -30.68 -8.32
C VAL D 228 -3.40 -30.07 -6.92
N ALA D 229 -2.23 -29.90 -6.32
CA ALA D 229 -2.18 -29.38 -4.96
C ALA D 229 -2.45 -27.88 -4.95
N SER D 230 -3.15 -27.43 -3.91
CA SER D 230 -3.49 -26.02 -3.74
C SER D 230 -3.50 -25.73 -2.25
N THR D 231 -2.48 -25.01 -1.78
CA THR D 231 -2.28 -24.79 -0.35
C THR D 231 -2.35 -23.31 -0.01
N SER D 232 -2.84 -23.02 1.20
CA SER D 232 -3.05 -21.66 1.66
C SER D 232 -2.76 -21.59 3.15
N ALA D 233 -1.99 -20.58 3.57
CA ALA D 233 -1.56 -20.46 4.96
C ALA D 233 -2.47 -19.52 5.74
N GLY D 234 -2.55 -19.78 7.05
CA GLY D 234 -3.40 -19.00 7.93
C GLY D 234 -2.93 -19.09 9.35
N VAL D 235 -3.16 -18.02 10.11
CA VAL D 235 -2.77 -17.97 11.52
C VAL D 235 -3.76 -18.65 12.46
N GLU D 236 -4.98 -18.90 12.00
CA GLU D 236 -6.06 -19.33 12.88
C GLU D 236 -6.06 -20.84 13.15
N LEU D 237 -5.07 -21.58 12.66
CA LEU D 237 -5.05 -23.03 12.87
C LEU D 237 -3.61 -23.50 13.03
N LEU D 238 -3.46 -24.63 13.74
CA LEU D 238 -2.15 -25.22 14.03
C LEU D 238 -1.90 -26.51 13.27
N ASN D 239 -2.85 -26.98 12.46
CA ASN D 239 -2.65 -28.19 11.69
C ASN D 239 -2.91 -27.93 10.20
N ASP D 240 -3.02 -29.00 9.41
CA ASP D 240 -3.34 -28.91 7.99
C ASP D 240 -4.71 -29.51 7.75
N GLU D 241 -5.55 -28.79 7.00
CA GLU D 241 -6.85 -29.27 6.59
C GLU D 241 -6.81 -29.61 5.11
N ILE D 242 -7.20 -30.83 4.77
CA ILE D 242 -7.05 -31.38 3.43
C ILE D 242 -8.45 -31.63 2.85
N ILE D 243 -8.66 -31.17 1.63
CA ILE D 243 -9.86 -31.48 0.87
C ILE D 243 -9.41 -32.10 -0.44
N VAL D 244 -9.64 -33.40 -0.60
CA VAL D 244 -9.33 -34.08 -1.85
C VAL D 244 -10.60 -34.06 -2.70
N VAL D 245 -10.49 -33.54 -3.92
CA VAL D 245 -11.61 -33.44 -4.85
C VAL D 245 -11.25 -34.18 -6.13
N GLY D 246 -12.09 -35.11 -6.52
CA GLY D 246 -11.85 -35.89 -7.72
C GLY D 246 -13.13 -36.51 -8.23
N ASN D 247 -12.96 -37.61 -8.97
CA ASN D 247 -14.06 -38.36 -9.55
C ASN D 247 -13.91 -39.84 -9.22
N SER D 248 -15.03 -40.49 -8.91
CA SER D 248 -15.04 -41.89 -8.51
C SER D 248 -16.17 -42.62 -9.22
N THR D 249 -15.93 -43.90 -9.52
CA THR D 249 -16.97 -44.70 -10.14
C THR D 249 -18.14 -44.94 -9.19
N ASN D 250 -17.89 -44.87 -7.89
CA ASN D 250 -18.93 -45.08 -6.88
C ASN D 250 -19.47 -43.75 -6.38
N SER D 251 -19.96 -42.93 -7.32
CA SER D 251 -20.47 -41.61 -7.00
C SER D 251 -21.73 -41.34 -7.83
N ALA D 252 -22.73 -40.75 -7.19
CA ALA D 252 -23.97 -40.38 -7.85
C ALA D 252 -24.08 -38.87 -8.07
N SER D 253 -22.96 -38.15 -8.03
CA SER D 253 -22.98 -36.71 -8.20
C SER D 253 -23.36 -36.32 -9.62
N ASP D 254 -24.09 -35.22 -9.76
CA ASP D 254 -24.37 -34.61 -11.04
C ASP D 254 -23.27 -33.67 -11.51
N LEU D 255 -22.07 -33.79 -10.91
CA LEU D 255 -20.96 -32.92 -11.24
C LEU D 255 -19.72 -33.77 -11.54
N VAL D 256 -18.79 -33.18 -12.28
CA VAL D 256 -17.46 -33.75 -12.49
C VAL D 256 -16.46 -32.63 -12.31
N ILE D 257 -15.20 -33.02 -12.12
CA ILE D 257 -14.10 -32.08 -12.02
C ILE D 257 -12.99 -32.49 -12.97
N GLY D 258 -12.50 -31.53 -13.75
CA GLY D 258 -11.29 -31.70 -14.53
C GLY D 258 -10.27 -30.65 -14.11
N HIS D 259 -9.06 -30.78 -14.63
CA HIS D 259 -8.01 -29.84 -14.24
C HIS D 259 -6.93 -29.79 -15.32
N SER D 260 -6.13 -28.74 -15.25
CA SER D 260 -4.91 -28.59 -16.03
C SER D 260 -3.89 -27.87 -15.16
N VAL D 261 -2.80 -27.40 -15.76
CA VAL D 261 -1.75 -26.67 -15.06
C VAL D 261 -1.38 -25.44 -15.89
N MET D 262 -1.51 -24.26 -15.28
CA MET D 262 -1.04 -23.04 -15.93
C MET D 262 0.48 -23.01 -15.93
N LYS D 263 1.08 -22.93 -17.11
N LYS D 263 1.08 -22.93 -17.11
CA LYS D 263 2.53 -22.85 -17.19
CA LYS D 263 2.53 -22.85 -17.19
C LYS D 263 3.06 -21.49 -16.73
C LYS D 263 3.06 -21.50 -16.72
N ASP D 264 2.23 -20.46 -16.75
CA ASP D 264 2.59 -19.14 -16.24
C ASP D 264 1.30 -18.40 -15.89
N ALA D 265 1.43 -17.13 -15.52
CA ALA D 265 0.28 -16.38 -15.02
C ALA D 265 -0.72 -16.01 -16.10
N ILE D 266 -0.32 -16.00 -17.37
CA ILE D 266 -1.21 -15.61 -18.45
C ILE D 266 -1.56 -16.81 -19.35
N ASP D 267 -1.43 -18.03 -18.83
CA ASP D 267 -1.66 -19.23 -19.62
C ASP D 267 -3.16 -19.45 -19.76
N ALA D 268 -3.76 -18.76 -20.74
CA ALA D 268 -5.18 -18.95 -21.00
C ALA D 268 -5.45 -20.31 -21.63
N ASP D 269 -4.46 -20.88 -22.31
CA ASP D 269 -4.65 -22.21 -22.90
C ASP D 269 -4.91 -23.25 -21.81
N ALA D 270 -4.22 -23.14 -20.68
CA ALA D 270 -4.46 -24.07 -19.58
C ALA D 270 -5.86 -23.93 -19.01
N VAL D 271 -6.40 -22.71 -18.99
CA VAL D 271 -7.78 -22.51 -18.54
C VAL D 271 -8.74 -23.26 -19.46
N ARG D 272 -8.54 -23.13 -20.77
CA ARG D 272 -9.39 -23.84 -21.71
C ARG D 272 -9.17 -25.34 -21.64
N ALA D 273 -7.95 -25.78 -21.35
CA ALA D 273 -7.68 -27.21 -21.19
C ALA D 273 -8.42 -27.78 -19.99
N ALA D 274 -8.43 -27.03 -18.88
CA ALA D 274 -9.16 -27.48 -17.70
C ALA D 274 -10.67 -27.50 -17.95
N LEU D 275 -11.18 -26.57 -18.75
CA LEU D 275 -12.60 -26.56 -19.06
C LEU D 275 -12.99 -27.80 -19.86
N LYS D 276 -12.23 -28.14 -20.90
CA LYS D 276 -12.53 -29.35 -21.66
C LYS D 276 -12.34 -30.59 -20.81
N ASP D 277 -11.33 -30.60 -19.93
CA ASP D 277 -11.16 -31.74 -19.04
C ASP D 277 -12.35 -31.91 -18.11
N ALA D 278 -13.13 -30.86 -17.88
CA ALA D 278 -14.32 -30.94 -17.05
C ALA D 278 -15.60 -31.15 -17.87
N GLY D 279 -15.48 -31.28 -19.19
CA GLY D 279 -16.63 -31.56 -20.04
C GLY D 279 -17.21 -30.37 -20.77
N ILE D 280 -16.62 -29.19 -20.62
CA ILE D 280 -17.09 -27.99 -21.30
C ILE D 280 -16.18 -27.75 -22.50
N ARG D 281 -16.72 -27.95 -23.70
CA ARG D 281 -15.94 -27.90 -24.93
C ARG D 281 -16.33 -26.74 -25.84
N SER D 282 -17.15 -25.81 -25.38
CA SER D 282 -17.51 -24.66 -26.20
C SER D 282 -17.85 -23.47 -25.30
N ASP D 283 -17.85 -22.28 -25.90
CA ASP D 283 -18.13 -21.06 -25.15
C ASP D 283 -19.59 -21.00 -24.70
N ASP D 284 -20.48 -21.65 -25.44
CA ASP D 284 -21.90 -21.66 -25.09
C ASP D 284 -22.19 -22.50 -23.84
N GLU D 285 -21.32 -23.43 -23.51
CA GLU D 285 -21.48 -24.32 -22.36
C GLU D 285 -20.86 -23.77 -21.07
N MET D 286 -20.41 -22.51 -21.07
CA MET D 286 -19.74 -21.98 -19.89
C MET D 286 -20.69 -21.83 -18.71
N ASP D 287 -21.99 -21.86 -18.95
CA ASP D 287 -22.96 -21.77 -17.86
C ASP D 287 -22.96 -23.01 -16.98
N ARG D 288 -22.33 -24.11 -17.40
CA ARG D 288 -22.26 -25.30 -16.56
C ARG D 288 -21.15 -25.24 -15.52
N ILE D 289 -20.38 -24.14 -15.48
CA ILE D 289 -19.33 -24.00 -14.48
C ILE D 289 -19.96 -23.80 -13.11
N VAL D 290 -19.54 -24.61 -12.15
CA VAL D 290 -19.86 -24.36 -10.75
C VAL D 290 -18.85 -23.42 -10.12
N ASN D 291 -17.56 -23.73 -10.29
CA ASN D 291 -16.49 -22.83 -9.86
C ASN D 291 -15.21 -23.23 -10.57
N VAL D 292 -14.29 -22.29 -10.63
CA VAL D 292 -12.94 -22.50 -11.15
C VAL D 292 -11.98 -22.26 -10.00
N LEU D 293 -11.02 -23.16 -9.81
CA LEU D 293 -10.09 -23.08 -8.70
C LEU D 293 -8.67 -23.15 -9.26
N ALA D 294 -7.85 -22.16 -8.92
CA ALA D 294 -6.52 -22.05 -9.51
C ALA D 294 -5.53 -21.47 -8.51
N LYS D 295 -4.26 -21.78 -8.73
CA LYS D 295 -3.15 -21.22 -7.96
C LYS D 295 -2.38 -20.21 -8.82
N ALA D 296 -1.84 -19.19 -8.16
CA ALA D 296 -1.13 -18.11 -8.82
C ALA D 296 0.12 -17.76 -8.04
N GLU D 297 1.16 -17.32 -8.74
CA GLU D 297 2.37 -16.89 -8.07
C GLU D 297 3.22 -16.05 -9.02
N ALA D 298 4.11 -15.26 -8.42
CA ALA D 298 5.10 -14.52 -9.19
C ALA D 298 6.28 -15.43 -9.50
N ALA D 299 6.69 -15.48 -10.76
CA ALA D 299 7.81 -16.31 -11.13
C ALA D 299 9.09 -15.79 -10.48
N SER D 300 9.91 -16.71 -9.98
CA SER D 300 11.15 -16.32 -9.33
C SER D 300 12.13 -15.64 -10.28
N SER D 301 11.96 -15.83 -11.59
CA SER D 301 12.83 -15.15 -12.55
C SER D 301 12.53 -13.67 -12.68
N GLY D 302 11.41 -13.21 -12.10
CA GLY D 302 11.01 -11.84 -12.27
C GLY D 302 10.55 -11.48 -13.66
N THR D 303 10.27 -12.49 -14.50
CA THR D 303 9.83 -12.26 -15.87
C THR D 303 8.64 -13.18 -16.15
N VAL D 304 7.87 -12.83 -17.18
CA VAL D 304 6.82 -13.69 -17.70
C VAL D 304 6.99 -13.71 -19.21
N ARG D 305 7.32 -14.88 -19.75
CA ARG D 305 7.55 -15.07 -21.19
C ARG D 305 8.55 -14.07 -21.74
N GLY D 306 9.66 -13.93 -21.01
CA GLY D 306 10.74 -13.05 -21.40
C GLY D 306 10.51 -11.57 -21.14
N ARG D 307 9.40 -11.21 -20.51
CA ARG D 307 9.05 -9.82 -20.25
C ARG D 307 9.16 -9.53 -18.77
N ARG D 308 9.99 -8.55 -18.41
CA ARG D 308 10.17 -8.18 -17.02
C ARG D 308 8.88 -7.63 -16.42
N ASN D 309 8.65 -7.93 -15.15
CA ASN D 309 7.63 -7.21 -14.39
C ASN D 309 8.20 -6.91 -13.02
N THR D 310 7.47 -6.10 -12.26
CA THR D 310 7.97 -5.51 -11.03
C THR D 310 7.41 -6.18 -9.78
N MET D 311 6.84 -7.37 -9.92
CA MET D 311 6.17 -7.99 -8.77
C MET D 311 7.15 -8.23 -7.63
N LEU D 312 8.35 -8.72 -7.93
CA LEU D 312 9.34 -8.98 -6.91
C LEU D 312 10.07 -7.73 -6.44
N ASP D 313 9.92 -6.60 -7.13
CA ASP D 313 10.56 -5.35 -6.73
C ASP D 313 9.61 -4.33 -6.13
N ASP D 314 8.29 -4.52 -6.28
CA ASP D 314 7.32 -3.55 -5.82
C ASP D 314 7.20 -3.64 -4.30
N SER D 315 7.72 -2.63 -3.60
CA SER D 315 7.62 -2.60 -2.14
C SER D 315 6.28 -2.06 -1.65
N ASP D 316 5.42 -1.58 -2.54
CA ASP D 316 4.13 -1.07 -2.14
C ASP D 316 3.05 -2.14 -2.17
N ILE D 317 3.14 -3.11 -3.08
CA ILE D 317 2.13 -4.15 -3.23
C ILE D 317 2.82 -5.50 -3.16
N ASN D 318 2.46 -6.32 -2.16
CA ASN D 318 3.04 -7.64 -2.02
C ASN D 318 2.80 -8.46 -3.28
N HIS D 319 3.82 -9.22 -3.70
CA HIS D 319 3.75 -9.89 -4.99
C HIS D 319 2.65 -10.94 -5.04
N THR D 320 2.26 -11.50 -3.91
CA THR D 320 1.17 -12.46 -3.92
C THR D 320 -0.15 -11.79 -4.27
N ARG D 321 -0.33 -10.52 -3.89
CA ARG D 321 -1.54 -9.80 -4.27
C ARG D 321 -1.60 -9.59 -5.77
N SER D 322 -0.48 -9.20 -6.38
CA SER D 322 -0.44 -9.00 -7.83
C SER D 322 -0.71 -10.29 -8.59
N ALA D 323 -0.13 -11.40 -8.13
CA ALA D 323 -0.31 -12.67 -8.84
C ALA D 323 -1.77 -13.09 -8.83
N ARG D 324 -2.46 -12.92 -7.69
CA ARG D 324 -3.87 -13.29 -7.63
C ARG D 324 -4.71 -12.47 -8.60
N ALA D 325 -4.43 -11.15 -8.68
CA ALA D 325 -5.22 -10.30 -9.57
C ALA D 325 -5.02 -10.69 -11.02
N VAL D 326 -3.79 -11.07 -11.39
CA VAL D 326 -3.50 -11.39 -12.79
C VAL D 326 -4.23 -12.67 -13.22
N VAL D 327 -4.04 -13.76 -12.48
CA VAL D 327 -4.60 -15.03 -12.90
C VAL D 327 -6.13 -14.99 -12.83
N ASN D 328 -6.68 -14.33 -11.81
CA ASN D 328 -8.13 -14.16 -11.75
C ASN D 328 -8.65 -13.43 -12.98
N ALA D 329 -7.94 -12.37 -13.40
CA ALA D 329 -8.34 -11.65 -14.60
C ALA D 329 -8.26 -12.55 -15.84
N VAL D 330 -7.20 -13.35 -15.93
CA VAL D 330 -7.03 -14.24 -17.08
C VAL D 330 -8.19 -15.23 -17.14
N ILE D 331 -8.51 -15.87 -16.01
CA ILE D 331 -9.62 -16.81 -15.97
C ILE D 331 -10.93 -16.12 -16.30
N ALA D 332 -11.14 -14.91 -15.75
CA ALA D 332 -12.38 -14.19 -15.99
C ALA D 332 -12.56 -13.85 -17.46
N SER D 333 -11.47 -13.49 -18.15
CA SER D 333 -11.59 -13.17 -19.56
C SER D 333 -11.98 -14.39 -20.39
N VAL D 334 -11.72 -15.60 -19.89
CA VAL D 334 -12.06 -16.82 -20.60
C VAL D 334 -13.48 -17.28 -20.28
N VAL D 335 -13.86 -17.29 -19.00
CA VAL D 335 -15.16 -17.80 -18.60
C VAL D 335 -16.22 -16.70 -18.45
N GLY D 336 -15.83 -15.44 -18.57
CA GLY D 336 -16.79 -14.35 -18.46
C GLY D 336 -17.29 -14.10 -17.06
N ASP D 337 -16.57 -14.55 -16.04
CA ASP D 337 -17.02 -14.44 -14.66
C ASP D 337 -15.81 -14.25 -13.74
N PRO D 338 -15.72 -13.12 -13.03
CA PRO D 338 -14.61 -12.91 -12.11
C PRO D 338 -14.78 -13.57 -10.75
N MET D 339 -15.92 -14.20 -10.48
CA MET D 339 -16.17 -14.87 -9.20
C MET D 339 -15.63 -16.30 -9.27
N VAL D 340 -14.31 -16.40 -9.24
CA VAL D 340 -13.63 -17.69 -9.23
C VAL D 340 -12.57 -17.66 -8.14
N TYR D 341 -12.20 -18.85 -7.68
CA TYR D 341 -11.24 -18.99 -6.59
C TYR D 341 -9.82 -18.95 -7.13
N VAL D 342 -9.04 -17.96 -6.70
CA VAL D 342 -7.62 -17.88 -7.06
C VAL D 342 -6.83 -17.65 -5.78
N SER D 343 -5.87 -18.53 -5.52
CA SER D 343 -5.05 -18.46 -4.33
C SER D 343 -3.60 -18.22 -4.72
N GLY D 344 -2.91 -17.38 -3.96
CA GLY D 344 -1.55 -17.01 -4.27
C GLY D 344 -0.51 -17.84 -3.56
N GLY D 345 0.72 -17.75 -4.07
CA GLY D 345 1.80 -18.52 -3.50
C GLY D 345 1.69 -19.99 -3.84
N ALA D 346 2.33 -20.40 -4.93
CA ALA D 346 2.18 -21.75 -5.44
C ALA D 346 3.48 -22.54 -5.34
N GLU D 347 4.10 -22.56 -4.17
CA GLU D 347 5.34 -23.29 -3.97
C GLU D 347 5.10 -24.79 -4.17
N HIS D 348 5.81 -25.37 -5.13
CA HIS D 348 5.67 -26.79 -5.50
C HIS D 348 4.25 -27.13 -5.94
N GLN D 349 3.53 -26.14 -6.44
CA GLN D 349 2.19 -26.31 -7.00
C GLN D 349 2.27 -25.80 -8.42
N GLY D 350 2.41 -26.71 -9.37
CA GLY D 350 2.72 -26.34 -10.73
C GLY D 350 4.16 -25.89 -10.82
N PRO D 351 4.60 -25.48 -12.01
CA PRO D 351 5.97 -24.99 -12.16
C PRO D 351 6.17 -23.65 -11.47
N ASP D 352 7.43 -23.21 -11.44
CA ASP D 352 7.77 -21.90 -10.90
C ASP D 352 7.09 -20.81 -11.74
N GLY D 353 6.21 -20.04 -11.10
CA GLY D 353 5.46 -19.03 -11.83
C GLY D 353 4.14 -19.52 -12.39
N GLY D 354 3.82 -20.80 -12.24
CA GLY D 354 2.55 -21.33 -12.67
C GLY D 354 1.78 -21.98 -11.54
N GLY D 355 0.72 -22.71 -11.85
CA GLY D 355 -0.08 -23.35 -10.83
C GLY D 355 -1.21 -24.19 -11.39
N PRO D 356 -1.67 -25.16 -10.59
CA PRO D 356 -2.79 -26.00 -11.02
C PRO D 356 -4.08 -25.20 -11.14
N ILE D 357 -4.95 -25.64 -12.04
CA ILE D 357 -6.27 -25.03 -12.22
C ILE D 357 -7.27 -26.16 -12.46
N ALA D 358 -8.32 -26.19 -11.65
CA ALA D 358 -9.36 -27.20 -11.78
C ALA D 358 -10.70 -26.52 -12.02
N VAL D 359 -11.60 -27.25 -12.68
CA VAL D 359 -12.94 -26.75 -12.97
C VAL D 359 -13.96 -27.79 -12.53
N ILE D 360 -14.92 -27.36 -11.72
CA ILE D 360 -16.06 -28.18 -11.32
C ILE D 360 -17.24 -27.77 -12.20
N ALA D 361 -17.81 -28.74 -12.92
CA ALA D 361 -18.83 -28.45 -13.92
C ALA D 361 -20.00 -29.42 -13.78
N ARG D 362 -21.17 -28.94 -14.19
CA ARG D 362 -22.35 -29.78 -14.26
C ARG D 362 -22.27 -30.71 -15.46
N VAL D 363 -23.03 -31.80 -15.42
CA VAL D 363 -23.07 -32.76 -16.51
C VAL D 363 -24.47 -32.83 -17.11
#